data_9M73
#
_entry.id   9M73
#
_cell.length_a   102.848
_cell.length_b   92.602
_cell.length_c   111.767
_cell.angle_alpha   90.000
_cell.angle_beta   100.323
_cell.angle_gamma   90.000
#
_symmetry.space_group_name_H-M   'P 1 21 1'
#
loop_
_entity.id
_entity.type
_entity.pdbx_description
1 polymer 'Maltodextrin-binding protein,Protein BRASSINAZOLE-RESISTANT 1'
2 polymer 'E-box(CATATG)-containing DNA'
3 branched alpha-D-glucopyranose-(1-4)-alpha-D-glucopyranose
4 non-polymer 1,2-ETHANEDIOL
5 water water
#
loop_
_entity_poly.entity_id
_entity_poly.type
_entity_poly.pdbx_seq_one_letter_code
_entity_poly.pdbx_strand_id
1 'polypeptide(L)'
;MKIEEGKLVIWINGDKGYNGLAEVGKKFEKDTGIKVTVEHPDKLEEKFPQVAATGDGPDIIFWAHDRFGGYAQSGLLAEI
TPAAAFQDKLYPFTWDAVRYNGKLIAYPIAVEALSLIYNKDLLPNPPKTWEEIPALDKELKAKGKSALMFNLQEPYFTWP
LIAADGGYAFKYAAGKYDIKDVGVDNAGAKAGLTFLVDLIKNKHMNADTDYSIAEAAFNKGETAMTINGPWAWSNIDTSA
VNYGVTVLPTFKGQPSKPFVGVLSAGINAASPNKELAKEFLENYLLTDEGLEAVNKDKPLGAVALKSYEEELAKDPRIAA
TMENAQKGEIMPNIPQMSAFWYAVRTAVINAASGRQTVDAALAAAQTNAARRKPSWRERENNRRRERRRRAVAAKIYTGL
RAQGDYNLPKHCDNNEVLKALCVEAGWVVEEDGTTYRKGCKPLPGEIAGTSSR
;
C,D,A,B
2 'polydeoxyribonucleotide' (DT)(DT)(DC)(DA)(DC)(DA)(DT)(DA)(DT)(DG)(DT)(DG)(DA)(DA)(DA) G,H,E,F
#
loop_
_chem_comp.id
_chem_comp.type
_chem_comp.name
_chem_comp.formula
DA DNA linking 2'-DEOXYADENOSINE-5'-MONOPHOSPHATE 'C10 H14 N5 O6 P'
DC DNA linking 2'-DEOXYCYTIDINE-5'-MONOPHOSPHATE 'C9 H14 N3 O7 P'
DG DNA linking 2'-DEOXYGUANOSINE-5'-MONOPHOSPHATE 'C10 H14 N5 O7 P'
DT DNA linking THYMIDINE-5'-MONOPHOSPHATE 'C10 H15 N2 O8 P'
EDO non-polymer 1,2-ETHANEDIOL 'C2 H6 O2'
GLC D-saccharide, alpha linking alpha-D-glucopyranose 'C6 H12 O6'
#
# COMPACT_ATOMS: atom_id res chain seq x y z
N LYS A 2 -40.93 -21.94 2.11
CA LYS A 2 -41.31 -22.68 3.32
C LYS A 2 -41.44 -24.18 3.06
N ILE A 3 -41.26 -24.98 4.12
CA ILE A 3 -41.40 -26.41 4.00
C ILE A 3 -42.87 -26.76 3.79
N GLU A 4 -43.12 -27.75 2.94
CA GLU A 4 -44.47 -28.20 2.63
C GLU A 4 -44.58 -29.70 2.82
N GLU A 5 -45.71 -30.13 3.37
CA GLU A 5 -45.92 -31.57 3.61
C GLU A 5 -46.03 -32.31 2.29
N GLY A 6 -45.25 -33.38 2.15
CA GLY A 6 -45.27 -34.20 0.96
C GLY A 6 -44.10 -34.00 0.02
N LYS A 7 -43.19 -33.06 0.29
CA LYS A 7 -42.03 -32.83 -0.55
C LYS A 7 -40.82 -32.54 0.33
N LEU A 8 -39.64 -32.69 -0.26
CA LEU A 8 -38.38 -32.42 0.42
C LEU A 8 -37.59 -31.40 -0.39
N VAL A 9 -37.21 -30.31 0.26
CA VAL A 9 -36.30 -29.32 -0.34
C VAL A 9 -34.99 -29.40 0.42
N ILE A 10 -33.89 -29.48 -0.33
CA ILE A 10 -32.55 -29.65 0.22
C ILE A 10 -31.71 -28.45 -0.17
N TRP A 11 -30.83 -28.04 0.75
CA TRP A 11 -29.86 -26.98 0.49
C TRP A 11 -28.46 -27.55 0.65
N ILE A 12 -27.65 -27.42 -0.39
CA ILE A 12 -26.27 -27.87 -0.35
C ILE A 12 -25.42 -26.83 -1.05
N ASN A 13 -24.15 -26.76 -0.66
CA ASN A 13 -23.28 -25.75 -1.20
C ASN A 13 -23.02 -25.99 -2.69
N GLY A 14 -22.69 -24.91 -3.39
CA GLY A 14 -22.53 -24.93 -4.84
C GLY A 14 -21.31 -25.68 -5.35
N ASP A 15 -20.36 -26.03 -4.47
CA ASP A 15 -19.19 -26.77 -4.89
C ASP A 15 -19.34 -28.27 -4.68
N LYS A 16 -20.44 -28.70 -4.06
CA LYS A 16 -20.73 -30.11 -3.86
C LYS A 16 -21.54 -30.66 -5.04
N GLY A 17 -21.69 -31.98 -5.07
CA GLY A 17 -22.35 -32.64 -6.18
C GLY A 17 -23.86 -32.65 -6.09
N TYR A 18 -24.46 -31.45 -6.08
CA TYR A 18 -25.91 -31.34 -5.95
C TYR A 18 -26.64 -32.08 -7.07
N ASN A 19 -26.03 -32.21 -8.24
CA ASN A 19 -26.67 -32.98 -9.30
C ASN A 19 -26.70 -34.46 -8.94
N GLY A 20 -25.65 -34.97 -8.31
CA GLY A 20 -25.68 -36.34 -7.81
C GLY A 20 -26.67 -36.52 -6.68
N LEU A 21 -26.72 -35.57 -5.74
CA LEU A 21 -27.74 -35.62 -4.70
C LEU A 21 -29.13 -35.64 -5.30
N ALA A 22 -29.34 -34.88 -6.39
CA ALA A 22 -30.65 -34.87 -7.03
C ALA A 22 -31.01 -36.25 -7.56
N GLU A 23 -30.06 -36.95 -8.18
CA GLU A 23 -30.33 -38.31 -8.63
C GLU A 23 -30.78 -39.19 -7.47
N VAL A 24 -30.18 -39.02 -6.29
CA VAL A 24 -30.65 -39.76 -5.13
C VAL A 24 -32.10 -39.38 -4.80
N GLY A 25 -32.40 -38.08 -4.83
CA GLY A 25 -33.77 -37.65 -4.65
C GLY A 25 -34.72 -38.34 -5.60
N LYS A 26 -34.29 -38.54 -6.86
CA LYS A 26 -35.16 -39.12 -7.87
C LYS A 26 -35.49 -40.57 -7.54
N LYS A 27 -34.55 -41.31 -6.95
CA LYS A 27 -34.87 -42.68 -6.54
C LYS A 27 -35.86 -42.68 -5.38
N PHE A 28 -35.63 -41.78 -4.40
CA PHE A 28 -36.57 -41.65 -3.30
C PHE A 28 -37.98 -41.36 -3.80
N GLU A 29 -38.09 -40.38 -4.72
CA GLU A 29 -39.37 -40.05 -5.33
C GLU A 29 -39.99 -41.25 -6.05
N LYS A 30 -39.18 -42.21 -6.50
CA LYS A 30 -39.65 -43.38 -7.24
C LYS A 30 -40.09 -44.53 -6.32
N ASP A 31 -39.43 -44.70 -5.17
CA ASP A 31 -39.80 -45.76 -4.25
C ASP A 31 -40.96 -45.35 -3.36
N THR A 32 -41.01 -44.08 -2.96
CA THR A 32 -41.99 -43.59 -2.00
C THR A 32 -42.98 -42.60 -2.56
N GLY A 33 -42.69 -41.96 -3.69
CA GLY A 33 -43.60 -40.99 -4.28
C GLY A 33 -43.47 -39.57 -3.76
N ILE A 34 -42.37 -39.25 -3.08
CA ILE A 34 -42.14 -37.92 -2.53
C ILE A 34 -41.17 -37.18 -3.44
N LYS A 35 -41.56 -35.99 -3.88
CA LYS A 35 -40.68 -35.18 -4.71
C LYS A 35 -39.53 -34.61 -3.88
N VAL A 36 -38.35 -34.53 -4.47
CA VAL A 36 -37.17 -34.00 -3.80
C VAL A 36 -36.51 -32.96 -4.71
N THR A 37 -36.37 -31.75 -4.19
CA THR A 37 -35.74 -30.65 -4.91
C THR A 37 -34.45 -30.28 -4.20
N VAL A 38 -33.34 -30.21 -4.94
CA VAL A 38 -32.03 -29.87 -4.40
C VAL A 38 -31.65 -28.50 -4.94
N GLU A 39 -31.28 -27.59 -4.04
CA GLU A 39 -30.92 -26.23 -4.41
C GLU A 39 -29.57 -25.90 -3.79
N HIS A 40 -28.84 -24.97 -4.42
CA HIS A 40 -27.53 -24.55 -3.94
C HIS A 40 -27.46 -23.03 -3.95
N PRO A 41 -28.19 -22.37 -3.05
CA PRO A 41 -28.15 -20.90 -3.00
C PRO A 41 -26.89 -20.39 -2.34
N ASP A 42 -26.46 -19.21 -2.79
CA ASP A 42 -25.27 -18.59 -2.21
C ASP A 42 -25.50 -18.26 -0.74
N LYS A 43 -24.40 -18.23 0.03
CA LYS A 43 -24.43 -17.84 1.43
C LYS A 43 -25.49 -18.64 2.19
N LEU A 44 -25.62 -19.93 1.84
CA LEU A 44 -26.65 -20.75 2.45
C LEU A 44 -26.40 -20.96 3.95
N GLU A 45 -25.13 -21.00 4.36
CA GLU A 45 -24.85 -21.15 5.78
C GLU A 45 -25.27 -19.91 6.58
N GLU A 46 -25.37 -18.76 5.92
CA GLU A 46 -25.88 -17.56 6.57
C GLU A 46 -27.39 -17.37 6.37
N LYS A 47 -27.94 -17.86 5.26
CA LYS A 47 -29.36 -17.70 5.03
C LYS A 47 -30.19 -18.62 5.91
N PHE A 48 -29.70 -19.84 6.17
CA PHE A 48 -30.49 -20.78 6.95
C PHE A 48 -30.86 -20.23 8.32
N PRO A 49 -29.93 -19.77 9.17
CA PRO A 49 -30.33 -19.29 10.50
C PRO A 49 -31.24 -18.08 10.48
N GLN A 50 -31.28 -17.33 9.37
CA GLN A 50 -32.20 -16.20 9.29
C GLN A 50 -33.62 -16.67 8.99
N VAL A 51 -33.77 -17.59 8.04
CA VAL A 51 -35.11 -18.02 7.66
C VAL A 51 -35.65 -19.05 8.65
N ALA A 52 -34.80 -19.97 9.11
CA ALA A 52 -35.28 -21.07 9.93
C ALA A 52 -35.80 -20.61 11.29
N ALA A 53 -35.40 -19.43 11.76
CA ALA A 53 -35.92 -18.92 13.02
C ALA A 53 -37.41 -18.64 12.96
N THR A 54 -37.96 -18.41 11.76
CA THR A 54 -39.39 -18.20 11.60
C THR A 54 -40.09 -19.43 11.03
N GLY A 55 -39.40 -20.57 10.99
CA GLY A 55 -40.00 -21.77 10.45
C GLY A 55 -39.86 -21.92 8.95
N ASP A 56 -39.12 -21.03 8.30
CA ASP A 56 -38.90 -21.11 6.87
C ASP A 56 -37.62 -21.91 6.62
N GLY A 57 -37.09 -21.85 5.40
CA GLY A 57 -35.88 -22.54 5.07
C GLY A 57 -36.16 -23.89 4.44
N PRO A 58 -35.14 -24.69 4.22
CA PRO A 58 -35.34 -26.00 3.59
C PRO A 58 -35.64 -27.09 4.61
N ASP A 59 -35.99 -28.27 4.09
CA ASP A 59 -36.17 -29.43 4.96
C ASP A 59 -34.85 -29.92 5.51
N ILE A 60 -33.83 -29.98 4.66
CA ILE A 60 -32.51 -30.50 5.00
C ILE A 60 -31.48 -29.48 4.54
N ILE A 61 -30.51 -29.19 5.41
CA ILE A 61 -29.41 -28.29 5.08
C ILE A 61 -28.09 -29.05 5.22
N PHE A 62 -27.26 -28.97 4.19
CA PHE A 62 -25.94 -29.59 4.15
C PHE A 62 -24.88 -28.52 4.38
N TRP A 63 -23.97 -28.79 5.31
CA TRP A 63 -22.82 -27.91 5.52
C TRP A 63 -21.81 -28.65 6.37
N ALA A 64 -20.59 -28.15 6.39
CA ALA A 64 -19.62 -28.70 7.33
C ALA A 64 -20.20 -28.55 8.74
N HIS A 65 -19.74 -29.42 9.65
CA HIS A 65 -20.31 -29.53 10.98
C HIS A 65 -20.05 -28.31 11.85
N ASP A 66 -19.06 -27.50 11.55
CA ASP A 66 -18.73 -26.36 12.37
C ASP A 66 -19.87 -25.40 12.62
N ARG A 67 -20.77 -25.29 11.68
CA ARG A 67 -21.92 -24.40 11.76
C ARG A 67 -23.16 -24.89 12.47
N PHE A 68 -23.27 -26.17 12.72
CA PHE A 68 -24.44 -26.73 13.32
C PHE A 68 -24.66 -26.44 14.79
N GLY A 69 -23.61 -26.36 15.57
CA GLY A 69 -23.76 -26.00 16.97
C GLY A 69 -24.53 -24.73 17.16
N GLY A 70 -24.18 -23.68 16.40
CA GLY A 70 -24.93 -22.46 16.46
C GLY A 70 -26.37 -22.63 16.01
N TYR A 71 -26.59 -23.43 14.96
CA TYR A 71 -27.95 -23.73 14.51
C TYR A 71 -28.74 -24.41 15.63
N ALA A 72 -28.09 -25.29 16.40
CA ALA A 72 -28.79 -26.02 17.45
C ALA A 72 -29.08 -25.13 18.65
N GLN A 73 -28.10 -24.32 19.06
CA GLN A 73 -28.33 -23.38 20.15
C GLN A 73 -29.50 -22.44 19.84
N SER A 74 -29.69 -22.12 18.57
CA SER A 74 -30.83 -21.33 18.13
C SER A 74 -32.09 -22.16 17.94
N GLY A 75 -32.05 -23.45 18.30
CA GLY A 75 -33.23 -24.30 18.17
C GLY A 75 -33.73 -24.44 16.75
N LEU A 76 -32.83 -24.44 15.78
CA LEU A 76 -33.19 -24.49 14.37
C LEU A 76 -33.18 -25.91 13.79
N LEU A 77 -32.72 -26.90 14.55
CA LEU A 77 -32.53 -28.25 14.05
C LEU A 77 -33.34 -29.24 14.86
N ALA A 78 -33.78 -30.31 14.20
CA ALA A 78 -34.34 -31.44 14.90
C ALA A 78 -33.23 -32.31 15.46
N GLU A 79 -33.52 -32.98 16.58
CA GLU A 79 -32.58 -33.94 17.12
C GLU A 79 -32.61 -35.22 16.29
N ILE A 80 -31.42 -35.71 15.93
CA ILE A 80 -31.29 -36.92 15.12
C ILE A 80 -31.42 -38.14 16.02
N THR A 81 -32.34 -39.04 15.66
CA THR A 81 -32.65 -40.20 16.49
C THR A 81 -32.39 -41.50 15.75
N PRO A 82 -31.18 -41.72 15.24
CA PRO A 82 -30.90 -42.98 14.53
C PRO A 82 -30.78 -44.12 15.53
N ALA A 83 -31.41 -45.23 15.23
CA ALA A 83 -31.27 -46.41 16.08
C ALA A 83 -29.79 -46.73 16.25
N ALA A 84 -29.46 -47.40 17.36
CA ALA A 84 -28.08 -47.79 17.60
C ALA A 84 -27.52 -48.59 16.43
N ALA A 85 -28.37 -49.44 15.83
CA ALA A 85 -27.93 -50.23 14.69
C ALA A 85 -27.38 -49.36 13.57
N PHE A 86 -28.01 -48.21 13.32
CA PHE A 86 -27.55 -47.33 12.25
C PHE A 86 -26.31 -46.55 12.64
N GLN A 87 -26.26 -46.02 13.86
CA GLN A 87 -25.08 -45.28 14.30
C GLN A 87 -23.81 -46.08 14.09
N ASP A 88 -23.88 -47.39 14.28
CA ASP A 88 -22.70 -48.25 14.17
C ASP A 88 -22.15 -48.31 12.75
N LYS A 89 -22.98 -48.03 11.74
CA LYS A 89 -22.52 -48.05 10.35
C LYS A 89 -21.62 -46.87 10.00
N LEU A 90 -21.51 -45.88 10.88
CA LEU A 90 -20.70 -44.68 10.65
C LEU A 90 -19.60 -44.59 11.69
N TYR A 91 -18.46 -44.03 11.29
CA TYR A 91 -17.32 -43.97 12.18
C TYR A 91 -17.67 -43.14 13.42
N PRO A 92 -17.38 -43.64 14.62
CA PRO A 92 -17.71 -42.87 15.83
C PRO A 92 -17.30 -41.40 15.77
N PHE A 93 -16.08 -41.10 15.32
CA PHE A 93 -15.62 -39.71 15.37
C PHE A 93 -16.48 -38.79 14.52
N THR A 94 -17.09 -39.31 13.44
CA THR A 94 -17.96 -38.46 12.63
C THR A 94 -19.27 -38.17 13.35
N TRP A 95 -19.74 -39.09 14.19
CA TRP A 95 -20.88 -38.79 15.07
C TRP A 95 -20.51 -37.72 16.09
N ASP A 96 -19.29 -37.80 16.64
CA ASP A 96 -18.83 -36.78 17.58
C ASP A 96 -18.91 -35.39 16.98
N ALA A 97 -18.57 -35.26 15.70
CA ALA A 97 -18.57 -33.94 15.08
C ALA A 97 -19.95 -33.31 15.04
N VAL A 98 -21.01 -34.10 15.07
CA VAL A 98 -22.37 -33.57 15.06
C VAL A 98 -23.05 -33.74 16.40
N ARG A 99 -22.28 -33.91 17.48
CA ARG A 99 -22.83 -33.95 18.82
C ARG A 99 -22.74 -32.55 19.44
N TYR A 100 -23.82 -32.13 20.08
CA TYR A 100 -23.89 -30.81 20.69
C TYR A 100 -24.77 -30.91 21.94
N ASN A 101 -24.27 -30.43 23.07
CA ASN A 101 -24.94 -30.57 24.36
C ASN A 101 -25.50 -31.99 24.51
N GLY A 102 -24.66 -32.97 24.19
CA GLY A 102 -24.99 -34.36 24.37
C GLY A 102 -25.90 -34.97 23.32
N LYS A 103 -26.48 -34.17 22.43
CA LYS A 103 -27.42 -34.67 21.44
C LYS A 103 -26.80 -34.62 20.04
N LEU A 104 -27.31 -35.49 19.17
CA LEU A 104 -26.93 -35.52 17.77
C LEU A 104 -27.83 -34.57 16.99
N ILE A 105 -27.23 -33.69 16.20
CA ILE A 105 -27.97 -32.63 15.54
C ILE A 105 -27.87 -32.69 14.02
N ALA A 106 -27.25 -33.74 13.48
CA ALA A 106 -27.15 -33.87 12.04
C ALA A 106 -26.59 -35.26 11.73
N TYR A 107 -26.71 -35.66 10.48
CA TYR A 107 -26.09 -36.89 10.01
C TYR A 107 -24.75 -36.55 9.40
N PRO A 108 -23.65 -37.14 9.88
CA PRO A 108 -22.37 -36.96 9.19
C PRO A 108 -22.40 -37.65 7.84
N ILE A 109 -21.82 -36.98 6.83
CA ILE A 109 -21.76 -37.50 5.47
C ILE A 109 -20.33 -37.88 5.07
N ALA A 110 -19.41 -36.93 5.14
CA ALA A 110 -18.06 -37.14 4.63
C ALA A 110 -17.08 -36.22 5.33
N VAL A 111 -15.82 -36.67 5.40
CA VAL A 111 -14.74 -35.94 6.06
C VAL A 111 -13.96 -35.15 5.02
N GLU A 112 -13.78 -33.86 5.26
CA GLU A 112 -13.12 -32.95 4.32
C GLU A 112 -11.84 -32.40 4.93
N ALA A 113 -10.76 -32.43 4.15
CA ALA A 113 -9.50 -31.84 4.56
C ALA A 113 -8.79 -31.32 3.33
N LEU A 114 -8.18 -30.14 3.44
CA LEU A 114 -7.47 -29.54 2.32
C LEU A 114 -6.18 -30.29 2.06
N SER A 115 -5.79 -30.35 0.79
CA SER A 115 -4.56 -31.00 0.36
C SER A 115 -3.82 -30.09 -0.60
N LEU A 116 -2.57 -30.45 -0.88
CA LEU A 116 -1.78 -29.77 -1.91
C LEU A 116 -2.03 -30.45 -3.24
N ILE A 117 -2.62 -29.72 -4.18
CA ILE A 117 -2.89 -30.22 -5.53
C ILE A 117 -1.86 -29.62 -6.47
N TYR A 118 -1.11 -30.48 -7.16
CA TYR A 118 0.00 -30.01 -7.99
C TYR A 118 -0.04 -30.66 -9.36
N ASN A 119 0.43 -29.90 -10.35
CA ASN A 119 0.51 -30.35 -11.74
C ASN A 119 1.79 -31.16 -11.91
N LYS A 120 1.65 -32.48 -12.08
CA LYS A 120 2.82 -33.35 -12.18
C LYS A 120 3.74 -32.93 -13.31
N ASP A 121 3.18 -32.71 -14.50
CA ASP A 121 3.99 -32.36 -15.66
C ASP A 121 4.74 -31.05 -15.44
N LEU A 122 4.02 -30.04 -14.95
CA LEU A 122 4.63 -28.71 -14.78
C LEU A 122 5.60 -28.68 -13.61
N LEU A 123 5.35 -29.48 -12.58
CA LEU A 123 6.16 -29.46 -11.36
C LEU A 123 6.28 -30.86 -10.80
N PRO A 124 7.21 -31.67 -11.31
CA PRO A 124 7.49 -32.95 -10.66
C PRO A 124 8.16 -32.71 -9.32
N ASN A 125 7.93 -33.64 -8.40
CA ASN A 125 8.53 -33.54 -7.08
C ASN A 125 8.12 -32.22 -6.44
N PRO A 126 6.87 -32.11 -5.99
CA PRO A 126 6.37 -30.84 -5.47
C PRO A 126 7.12 -30.43 -4.21
N PRO A 127 7.11 -29.14 -3.88
CA PRO A 127 7.86 -28.68 -2.71
C PRO A 127 7.34 -29.33 -1.44
N LYS A 128 8.27 -29.58 -0.51
CA LYS A 128 7.92 -30.14 0.79
C LYS A 128 7.73 -29.08 1.87
N THR A 129 8.22 -27.86 1.63
CA THR A 129 8.09 -26.78 2.60
C THR A 129 7.53 -25.53 1.93
N TRP A 130 6.88 -24.70 2.74
CA TRP A 130 6.45 -23.39 2.26
C TRP A 130 7.63 -22.50 1.92
N GLU A 131 8.73 -22.64 2.67
CA GLU A 131 9.86 -21.70 2.54
C GLU A 131 10.46 -21.75 1.14
N GLU A 132 10.53 -22.94 0.54
CA GLU A 132 11.08 -23.07 -0.80
C GLU A 132 10.09 -22.61 -1.89
N ILE A 133 8.94 -22.09 -1.50
CA ILE A 133 7.89 -21.72 -2.44
C ILE A 133 8.28 -20.47 -3.22
N PRO A 134 8.78 -19.41 -2.56
CA PRO A 134 9.26 -18.26 -3.34
C PRO A 134 10.30 -18.63 -4.38
N ALA A 135 11.26 -19.48 -4.02
CA ALA A 135 12.29 -19.89 -4.97
C ALA A 135 11.66 -20.59 -6.17
N LEU A 136 10.77 -21.55 -5.91
CA LEU A 136 10.13 -22.29 -7.00
C LEU A 136 9.29 -21.38 -7.88
N ASP A 137 8.84 -20.23 -7.37
CA ASP A 137 8.08 -19.30 -8.19
C ASP A 137 8.97 -18.52 -9.15
N LYS A 138 10.22 -18.25 -8.75
CA LYS A 138 11.16 -17.61 -9.66
C LYS A 138 11.30 -18.39 -10.95
N GLU A 139 11.70 -19.68 -10.83
CA GLU A 139 11.87 -20.50 -12.02
C GLU A 139 10.58 -20.58 -12.83
N LEU A 140 9.45 -20.84 -12.15
CA LEU A 140 8.20 -21.01 -12.86
C LEU A 140 7.77 -19.74 -13.59
N LYS A 141 8.05 -18.57 -13.01
CA LYS A 141 7.71 -17.33 -13.70
C LYS A 141 8.57 -17.10 -14.93
N ALA A 142 9.74 -17.75 -15.02
CA ALA A 142 10.54 -17.64 -16.23
C ALA A 142 9.88 -18.37 -17.40
N LYS A 143 9.13 -19.43 -17.12
CA LYS A 143 8.32 -20.12 -18.13
C LYS A 143 6.94 -19.50 -18.29
N GLY A 144 6.69 -18.34 -17.67
CA GLY A 144 5.40 -17.71 -17.77
C GLY A 144 4.32 -18.32 -16.91
N LYS A 145 4.68 -19.04 -15.86
CA LYS A 145 3.73 -19.69 -14.96
C LYS A 145 3.92 -19.20 -13.54
N SER A 146 2.89 -19.39 -12.72
CA SER A 146 2.99 -19.13 -11.29
C SER A 146 3.17 -20.43 -10.53
N ALA A 147 3.60 -20.31 -9.28
CA ALA A 147 3.83 -21.50 -8.46
C ALA A 147 2.55 -21.94 -7.76
N LEU A 148 1.83 -21.00 -7.16
CA LEU A 148 0.77 -21.33 -6.22
C LEU A 148 -0.31 -20.27 -6.26
N MET A 149 -1.55 -20.72 -6.44
CA MET A 149 -2.72 -19.87 -6.34
C MET A 149 -3.81 -20.64 -5.62
N PHE A 150 -4.38 -20.04 -4.58
CA PHE A 150 -5.49 -20.65 -3.87
C PHE A 150 -6.39 -19.53 -3.36
N ASN A 151 -7.56 -19.92 -2.87
CA ASN A 151 -8.58 -18.96 -2.46
C ASN A 151 -8.09 -18.15 -1.26
N LEU A 152 -7.85 -16.86 -1.46
CA LEU A 152 -7.44 -15.96 -0.39
C LEU A 152 -8.59 -15.23 0.26
N GLN A 153 -9.84 -15.46 -0.17
CA GLN A 153 -10.98 -14.73 0.36
C GLN A 153 -11.73 -15.47 1.46
N GLU A 154 -11.55 -16.78 1.59
CA GLU A 154 -12.12 -17.53 2.71
C GLU A 154 -10.99 -18.01 3.61
N PRO A 155 -11.00 -17.70 4.91
CA PRO A 155 -9.84 -18.03 5.75
C PRO A 155 -9.57 -19.53 5.85
N TYR A 156 -10.58 -20.36 5.58
CA TYR A 156 -10.45 -21.81 5.53
C TYR A 156 -9.16 -22.24 4.83
N PHE A 157 -8.85 -21.59 3.71
CA PHE A 157 -7.74 -22.00 2.87
C PHE A 157 -6.39 -21.56 3.44
N THR A 158 -6.37 -20.48 4.22
CA THR A 158 -5.14 -19.99 4.83
C THR A 158 -4.90 -20.56 6.22
N TRP A 159 -5.96 -21.00 6.89
CA TRP A 159 -5.86 -21.53 8.26
C TRP A 159 -4.74 -22.55 8.40
N PRO A 160 -4.57 -23.47 7.45
CA PRO A 160 -3.49 -24.48 7.61
C PRO A 160 -2.13 -23.87 7.83
N LEU A 161 -1.85 -22.72 7.19
CA LEU A 161 -0.54 -22.08 7.36
C LEU A 161 -0.49 -21.31 8.68
N ILE A 162 -1.60 -20.68 9.06
CA ILE A 162 -1.65 -19.93 10.31
C ILE A 162 -1.49 -20.87 11.50
N ALA A 163 -2.12 -22.04 11.46
CA ALA A 163 -2.04 -22.98 12.56
C ALA A 163 -0.71 -23.71 12.62
N ALA A 164 0.08 -23.68 11.54
CA ALA A 164 1.26 -24.54 11.44
C ALA A 164 2.22 -24.32 12.59
N ASP A 165 2.61 -23.07 12.84
CA ASP A 165 3.58 -22.74 13.88
C ASP A 165 2.94 -22.54 15.25
N GLY A 166 1.63 -22.72 15.37
CA GLY A 166 1.01 -22.66 16.69
C GLY A 166 -0.29 -21.92 16.80
N GLY A 167 -0.72 -21.25 15.74
CA GLY A 167 -2.02 -20.59 15.78
C GLY A 167 -3.14 -21.59 16.01
N TYR A 168 -4.12 -21.18 16.76
CA TYR A 168 -5.26 -22.01 17.04
C TYR A 168 -6.51 -21.21 17.22
N ALA A 169 -7.67 -21.84 17.16
CA ALA A 169 -8.88 -21.09 17.31
C ALA A 169 -9.32 -21.03 18.76
N PHE A 170 -9.84 -22.09 19.28
CA PHE A 170 -10.26 -22.09 20.65
C PHE A 170 -9.53 -23.22 21.32
N LYS A 171 -8.93 -22.98 22.45
CA LYS A 171 -8.20 -24.02 23.12
C LYS A 171 -9.10 -25.03 23.81
N TYR A 172 -8.84 -26.29 23.62
CA TYR A 172 -9.56 -27.34 24.31
C TYR A 172 -8.92 -27.59 25.66
N ALA A 173 -9.74 -27.64 26.71
CA ALA A 173 -9.24 -27.91 28.05
C ALA A 173 -10.37 -28.44 28.91
N ALA A 174 -10.06 -29.47 29.71
CA ALA A 174 -11.00 -30.00 30.69
C ALA A 174 -12.35 -30.34 30.05
N GLY A 175 -12.30 -30.94 28.86
CA GLY A 175 -13.48 -31.50 28.23
C GLY A 175 -14.36 -30.54 27.46
N LYS A 176 -13.90 -29.33 27.19
CA LYS A 176 -14.70 -28.38 26.45
C LYS A 176 -13.78 -27.32 25.86
N TYR A 177 -14.29 -26.66 24.82
CA TYR A 177 -13.55 -25.56 24.22
C TYR A 177 -13.75 -24.31 25.05
N ASP A 178 -12.65 -23.66 25.42
CA ASP A 178 -12.68 -22.43 26.21
C ASP A 178 -12.87 -21.27 25.25
N ILE A 179 -14.07 -20.67 25.25
CA ILE A 179 -14.36 -19.59 24.31
C ILE A 179 -13.59 -18.32 24.63
N LYS A 180 -12.93 -18.25 25.77
CA LYS A 180 -12.14 -17.08 26.11
C LYS A 180 -10.66 -17.25 25.77
N ASP A 181 -10.22 -18.44 25.38
CA ASP A 181 -8.83 -18.72 25.07
C ASP A 181 -8.70 -18.92 23.56
N VAL A 182 -8.46 -17.82 22.86
CA VAL A 182 -8.35 -17.80 21.40
C VAL A 182 -6.89 -17.67 21.03
N GLY A 183 -6.48 -18.36 19.96
CA GLY A 183 -5.08 -18.38 19.57
C GLY A 183 -4.79 -17.79 18.20
N VAL A 184 -5.56 -16.78 17.79
CA VAL A 184 -5.32 -16.14 16.49
C VAL A 184 -4.28 -15.04 16.58
N ASP A 185 -3.80 -14.71 17.78
CA ASP A 185 -2.85 -13.62 17.97
C ASP A 185 -1.47 -14.09 18.41
N ASN A 186 -1.28 -15.38 18.67
CA ASN A 186 -0.01 -15.85 19.21
C ASN A 186 1.09 -15.80 18.13
N ALA A 187 2.32 -16.09 18.57
CA ALA A 187 3.47 -15.98 17.67
C ALA A 187 3.31 -16.88 16.45
N GLY A 188 2.78 -18.09 16.65
CA GLY A 188 2.63 -19.01 15.53
C GLY A 188 1.73 -18.44 14.44
N ALA A 189 0.59 -17.89 14.84
CA ALA A 189 -0.34 -17.32 13.86
C ALA A 189 0.28 -16.13 13.14
N LYS A 190 1.02 -15.29 13.85
CA LYS A 190 1.65 -14.14 13.22
C LYS A 190 2.69 -14.58 12.19
N ALA A 191 3.48 -15.61 12.53
CA ALA A 191 4.48 -16.11 11.59
C ALA A 191 3.82 -16.66 10.33
N GLY A 192 2.67 -17.33 10.48
CA GLY A 192 2.00 -17.88 9.31
C GLY A 192 1.42 -16.80 8.42
N LEU A 193 0.73 -15.83 9.00
CA LEU A 193 0.15 -14.75 8.19
C LEU A 193 1.23 -13.85 7.61
N THR A 194 2.34 -13.65 8.34
CA THR A 194 3.45 -12.88 7.79
C THR A 194 4.02 -13.55 6.55
N PHE A 195 4.28 -14.86 6.63
CA PHE A 195 4.82 -15.56 5.47
C PHE A 195 3.86 -15.45 4.29
N LEU A 196 2.56 -15.49 4.56
CA LEU A 196 1.59 -15.34 3.48
C LEU A 196 1.64 -13.95 2.87
N VAL A 197 1.61 -12.91 3.72
CA VAL A 197 1.66 -11.55 3.20
C VAL A 197 2.96 -11.32 2.45
N ASP A 198 4.08 -11.85 2.98
CA ASP A 198 5.35 -11.71 2.29
C ASP A 198 5.31 -12.32 0.89
N LEU A 199 4.53 -13.39 0.71
CA LEU A 199 4.35 -13.94 -0.64
C LEU A 199 3.73 -12.91 -1.56
N ILE A 200 2.74 -12.16 -1.07
CA ILE A 200 2.07 -11.17 -1.91
C ILE A 200 2.96 -9.95 -2.11
N LYS A 201 3.61 -9.47 -1.04
CA LYS A 201 4.51 -8.33 -1.17
C LYS A 201 5.57 -8.60 -2.23
N ASN A 202 6.25 -9.74 -2.14
CA ASN A 202 7.28 -10.11 -3.10
C ASN A 202 6.70 -10.63 -4.43
N LYS A 203 5.40 -10.51 -4.64
CA LYS A 203 4.73 -10.73 -5.92
C LYS A 203 4.59 -12.20 -6.31
N HIS A 204 4.80 -13.13 -5.37
CA HIS A 204 4.60 -14.54 -5.67
C HIS A 204 3.14 -14.96 -5.57
N MET A 205 2.26 -14.07 -5.12
CA MET A 205 0.84 -14.40 -4.97
C MET A 205 0.04 -13.10 -5.06
N ASN A 206 -1.23 -13.23 -5.41
CA ASN A 206 -2.12 -12.09 -5.59
C ASN A 206 -3.21 -12.10 -4.54
N ALA A 207 -3.48 -10.92 -3.97
CA ALA A 207 -4.36 -10.81 -2.82
C ALA A 207 -5.83 -10.90 -3.21
N ASP A 208 -6.17 -10.53 -4.45
CA ASP A 208 -7.55 -10.58 -4.91
C ASP A 208 -7.97 -11.98 -5.35
N THR A 209 -7.08 -12.96 -5.28
CA THR A 209 -7.37 -14.29 -5.81
C THR A 209 -8.46 -14.97 -4.98
N ASP A 210 -9.61 -15.21 -5.60
CA ASP A 210 -10.70 -15.95 -4.99
C ASP A 210 -10.77 -17.35 -5.57
N TYR A 211 -11.83 -18.08 -5.23
CA TYR A 211 -11.92 -19.49 -5.58
C TYR A 211 -11.86 -19.69 -7.09
N SER A 212 -12.65 -18.92 -7.84
CA SER A 212 -12.75 -19.16 -9.27
C SER A 212 -11.46 -18.81 -10.00
N ILE A 213 -10.76 -17.77 -9.53
CA ILE A 213 -9.48 -17.42 -10.16
C ILE A 213 -8.46 -18.52 -9.93
N ALA A 214 -8.36 -19.01 -8.70
CA ALA A 214 -7.39 -20.08 -8.42
C ALA A 214 -7.75 -21.36 -9.18
N GLU A 215 -9.04 -21.72 -9.21
CA GLU A 215 -9.45 -22.92 -9.93
C GLU A 215 -9.14 -22.80 -11.41
N ALA A 216 -9.61 -21.73 -12.06
CA ALA A 216 -9.33 -21.57 -13.48
C ALA A 216 -7.84 -21.61 -13.79
N ALA A 217 -7.01 -21.07 -12.88
CA ALA A 217 -5.58 -21.01 -13.13
C ALA A 217 -4.96 -22.40 -13.16
N PHE A 218 -5.24 -23.22 -12.14
CA PHE A 218 -4.65 -24.56 -12.10
C PHE A 218 -5.19 -25.43 -13.23
N ASN A 219 -6.48 -25.38 -13.43
CA ASN A 219 -7.10 -26.21 -14.44
C ASN A 219 -6.64 -25.85 -15.85
N LYS A 220 -6.36 -24.58 -16.09
CA LYS A 220 -5.85 -24.14 -17.39
C LYS A 220 -4.37 -24.46 -17.55
N GLY A 221 -3.64 -24.57 -16.44
CA GLY A 221 -2.22 -24.89 -16.47
C GLY A 221 -1.30 -23.71 -16.29
N GLU A 222 -1.74 -22.65 -15.63
CA GLU A 222 -0.94 -21.44 -15.43
C GLU A 222 -0.29 -21.39 -14.05
N THR A 223 -0.54 -22.39 -13.20
CA THR A 223 0.09 -22.49 -11.89
C THR A 223 0.40 -23.94 -11.59
N ALA A 224 1.53 -24.18 -10.93
CA ALA A 224 1.98 -25.53 -10.64
C ALA A 224 1.24 -26.17 -9.48
N MET A 225 0.60 -25.38 -8.62
CA MET A 225 -0.09 -25.96 -7.47
C MET A 225 -1.28 -25.10 -7.08
N THR A 226 -2.20 -25.73 -6.36
CA THR A 226 -3.28 -25.03 -5.66
C THR A 226 -3.53 -25.78 -4.37
N ILE A 227 -4.39 -25.20 -3.52
CA ILE A 227 -4.84 -25.81 -2.28
C ILE A 227 -6.35 -25.90 -2.32
N ASN A 228 -6.88 -27.13 -2.27
CA ASN A 228 -8.33 -27.31 -2.39
C ASN A 228 -8.71 -28.68 -1.85
N GLY A 229 -10.02 -28.88 -1.73
CA GLY A 229 -10.57 -30.10 -1.18
C GLY A 229 -11.00 -31.11 -2.23
N PRO A 230 -11.46 -32.27 -1.79
CA PRO A 230 -11.81 -33.35 -2.74
C PRO A 230 -12.91 -32.96 -3.72
N TRP A 231 -13.74 -31.97 -3.41
CA TRP A 231 -14.81 -31.56 -4.31
C TRP A 231 -14.27 -31.06 -5.65
N ALA A 232 -13.03 -30.57 -5.67
CA ALA A 232 -12.47 -29.91 -6.85
C ALA A 232 -11.81 -30.88 -7.83
N TRP A 233 -11.60 -32.14 -7.45
CA TRP A 233 -10.92 -33.07 -8.35
C TRP A 233 -11.73 -33.26 -9.62
N SER A 234 -13.06 -33.41 -9.48
CA SER A 234 -13.91 -33.65 -10.64
C SER A 234 -13.60 -32.66 -11.77
N ASN A 235 -13.57 -31.37 -11.45
CA ASN A 235 -13.31 -30.38 -12.48
C ASN A 235 -11.89 -30.49 -13.01
N ILE A 236 -10.93 -30.81 -12.14
CA ILE A 236 -9.58 -31.02 -12.62
C ILE A 236 -9.53 -32.20 -13.58
N ASP A 237 -10.19 -33.30 -13.22
CA ASP A 237 -10.16 -34.49 -14.07
C ASP A 237 -10.53 -34.15 -15.51
N THR A 238 -11.66 -33.45 -15.70
CA THR A 238 -12.10 -33.08 -17.03
C THR A 238 -11.12 -32.16 -17.75
N SER A 239 -10.17 -31.61 -17.03
CA SER A 239 -9.21 -30.75 -17.67
C SER A 239 -8.05 -31.58 -18.14
N ALA A 240 -7.20 -30.97 -18.93
CA ALA A 240 -6.03 -31.65 -19.45
C ALA A 240 -5.06 -32.09 -18.37
N VAL A 241 -4.80 -31.19 -17.43
CA VAL A 241 -3.84 -31.37 -16.34
C VAL A 241 -3.68 -32.71 -15.69
N ASN A 242 -2.44 -33.19 -15.61
CA ASN A 242 -2.09 -34.43 -14.91
C ASN A 242 -1.67 -34.05 -13.50
N TYR A 243 -2.55 -34.28 -12.53
CA TYR A 243 -2.40 -33.74 -11.20
C TYR A 243 -2.19 -34.85 -10.17
N GLY A 244 -1.50 -34.49 -9.09
CA GLY A 244 -1.41 -35.35 -7.93
C GLY A 244 -1.95 -34.64 -6.70
N VAL A 245 -2.30 -35.41 -5.68
CA VAL A 245 -2.74 -34.89 -4.40
C VAL A 245 -1.75 -35.37 -3.34
N THR A 246 -1.24 -34.45 -2.54
CA THR A 246 -0.17 -34.81 -1.63
C THR A 246 -0.29 -34.00 -0.33
N VAL A 247 0.66 -34.24 0.57
CA VAL A 247 0.67 -33.59 1.86
C VAL A 247 0.89 -32.09 1.68
N LEU A 248 0.19 -31.30 2.48
CA LEU A 248 0.47 -29.87 2.51
C LEU A 248 1.90 -29.64 2.95
N PRO A 249 2.56 -28.61 2.42
CA PRO A 249 3.96 -28.36 2.78
C PRO A 249 4.08 -28.04 4.26
N THR A 250 5.32 -28.07 4.75
CA THR A 250 5.62 -27.67 6.11
C THR A 250 5.86 -26.18 6.18
N PHE A 251 5.62 -25.60 7.35
CA PHE A 251 6.03 -24.24 7.66
C PHE A 251 6.91 -24.28 8.91
N LYS A 252 8.10 -23.67 8.80
CA LYS A 252 9.09 -23.73 9.87
C LYS A 252 9.23 -25.16 10.39
N GLY A 253 9.43 -26.09 9.46
CA GLY A 253 9.62 -27.49 9.81
C GLY A 253 8.39 -28.14 10.43
N GLN A 254 7.27 -27.45 10.44
CA GLN A 254 6.07 -27.98 11.08
C GLN A 254 4.97 -28.25 10.04
N PRO A 255 4.23 -29.35 10.18
CA PRO A 255 3.17 -29.64 9.22
C PRO A 255 2.10 -28.57 9.21
N SER A 256 1.56 -28.31 8.03
CA SER A 256 0.36 -27.49 7.94
C SER A 256 -0.79 -28.24 8.58
N LYS A 257 -1.69 -27.51 9.24
CA LYS A 257 -2.74 -28.10 10.09
C LYS A 257 -4.11 -27.64 9.61
N PRO A 258 -4.65 -28.25 8.57
CA PRO A 258 -5.97 -27.84 8.08
C PRO A 258 -7.04 -28.13 9.10
N PHE A 259 -8.03 -27.25 9.16
CA PHE A 259 -9.23 -27.51 9.95
C PHE A 259 -10.08 -28.52 9.21
N VAL A 260 -10.42 -29.62 9.88
CA VAL A 260 -11.11 -30.73 9.24
C VAL A 260 -12.61 -30.52 9.37
N GLY A 261 -13.31 -30.66 8.24
CA GLY A 261 -14.76 -30.49 8.20
C GLY A 261 -15.46 -31.81 7.92
N VAL A 262 -16.58 -32.02 8.60
CA VAL A 262 -17.46 -33.15 8.34
C VAL A 262 -18.70 -32.59 7.66
N LEU A 263 -18.80 -32.81 6.35
CA LEU A 263 -20.01 -32.41 5.64
C LEU A 263 -21.20 -33.14 6.26
N SER A 264 -22.20 -32.37 6.68
CA SER A 264 -23.29 -32.88 7.50
C SER A 264 -24.65 -32.43 6.96
N ALA A 265 -25.67 -33.23 7.29
CA ALA A 265 -27.04 -32.98 6.88
C ALA A 265 -27.89 -32.77 8.13
N GLY A 266 -28.38 -31.56 8.32
CA GLY A 266 -29.30 -31.25 9.40
C GLY A 266 -30.73 -31.23 8.92
N ILE A 267 -31.65 -31.52 9.83
CA ILE A 267 -33.07 -31.51 9.54
C ILE A 267 -33.68 -30.28 10.22
N ASN A 268 -34.30 -29.43 9.42
CA ASN A 268 -34.93 -28.22 9.93
C ASN A 268 -35.95 -28.55 11.01
N ALA A 269 -35.86 -27.85 12.16
CA ALA A 269 -36.79 -28.13 13.25
C ALA A 269 -38.24 -27.87 12.87
N ALA A 270 -38.48 -27.05 11.84
CA ALA A 270 -39.83 -26.71 11.43
C ALA A 270 -40.36 -27.61 10.31
N SER A 271 -39.58 -28.56 9.85
CA SER A 271 -40.01 -29.41 8.74
C SER A 271 -41.13 -30.35 9.18
N PRO A 272 -42.27 -30.34 8.52
CA PRO A 272 -43.29 -31.39 8.76
C PRO A 272 -42.91 -32.72 8.13
N ASN A 273 -41.68 -32.85 7.65
CA ASN A 273 -41.25 -34.04 6.92
C ASN A 273 -40.05 -34.71 7.58
N LYS A 274 -39.93 -34.56 8.91
CA LYS A 274 -38.76 -35.08 9.61
C LYS A 274 -38.60 -36.58 9.40
N GLU A 275 -39.71 -37.32 9.46
CA GLU A 275 -39.63 -38.76 9.21
C GLU A 275 -39.20 -39.03 7.77
N LEU A 276 -39.77 -38.30 6.80
CA LEU A 276 -39.38 -38.49 5.41
C LEU A 276 -37.91 -38.11 5.20
N ALA A 277 -37.48 -36.99 5.79
CA ALA A 277 -36.08 -36.60 5.71
C ALA A 277 -35.18 -37.66 6.33
N LYS A 278 -35.58 -38.21 7.47
CA LYS A 278 -34.78 -39.23 8.14
C LYS A 278 -34.70 -40.49 7.29
N GLU A 279 -35.82 -40.86 6.67
CA GLU A 279 -35.83 -42.01 5.75
C GLU A 279 -34.90 -41.77 4.57
N PHE A 280 -34.93 -40.56 4.00
CA PHE A 280 -34.11 -40.25 2.84
C PHE A 280 -32.63 -40.26 3.18
N LEU A 281 -32.27 -39.78 4.37
CA LEU A 281 -30.86 -39.70 4.74
C LEU A 281 -30.32 -41.06 5.19
N GLU A 282 -31.11 -41.81 5.96
CA GLU A 282 -30.62 -43.06 6.53
C GLU A 282 -30.63 -44.20 5.53
N ASN A 283 -31.66 -44.27 4.69
CA ASN A 283 -31.87 -45.43 3.83
C ASN A 283 -31.70 -45.14 2.34
N TYR A 284 -31.36 -43.90 1.96
CA TYR A 284 -31.12 -43.63 0.56
C TYR A 284 -29.78 -42.94 0.35
N LEU A 285 -29.50 -41.86 1.08
CA LEU A 285 -28.24 -41.17 0.90
C LEU A 285 -27.08 -41.91 1.53
N LEU A 286 -27.21 -42.27 2.82
CA LEU A 286 -26.11 -42.90 3.52
C LEU A 286 -26.12 -44.41 3.27
N THR A 287 -26.06 -44.75 2.00
CA THR A 287 -25.93 -46.07 1.48
C THR A 287 -24.83 -46.03 0.45
N ASP A 288 -24.33 -47.18 0.05
CA ASP A 288 -23.27 -47.22 -0.94
C ASP A 288 -23.69 -46.60 -2.24
N GLU A 289 -24.89 -46.91 -2.67
CA GLU A 289 -25.37 -46.37 -3.90
C GLU A 289 -25.65 -44.92 -3.75
N GLY A 290 -26.16 -44.53 -2.60
CA GLY A 290 -26.46 -43.13 -2.41
C GLY A 290 -25.23 -42.25 -2.48
N LEU A 291 -24.22 -42.56 -1.66
CA LEU A 291 -23.01 -41.76 -1.65
C LEU A 291 -22.26 -41.85 -2.97
N GLU A 292 -22.33 -43.00 -3.64
CA GLU A 292 -21.64 -43.14 -4.93
C GLU A 292 -22.13 -42.11 -5.93
N ALA A 293 -23.45 -41.95 -6.05
CA ALA A 293 -24.00 -41.03 -7.04
C ALA A 293 -23.59 -39.59 -6.74
N VAL A 294 -23.60 -39.20 -5.47
CA VAL A 294 -23.04 -37.89 -5.12
C VAL A 294 -21.55 -37.86 -5.44
N ASN A 295 -20.82 -38.86 -4.95
CA ASN A 295 -19.37 -38.87 -5.09
C ASN A 295 -18.95 -38.77 -6.56
N LYS A 296 -19.65 -39.48 -7.45
CA LYS A 296 -19.31 -39.42 -8.87
C LYS A 296 -19.44 -37.99 -9.41
N ASP A 297 -20.41 -37.24 -8.90
CA ASP A 297 -20.59 -35.86 -9.35
C ASP A 297 -19.40 -34.99 -8.96
N LYS A 298 -19.16 -34.85 -7.65
CA LYS A 298 -17.97 -34.21 -7.11
C LYS A 298 -17.52 -35.09 -5.94
N PRO A 299 -16.24 -35.42 -5.86
CA PRO A 299 -15.78 -36.31 -4.78
C PRO A 299 -16.10 -35.74 -3.40
N LEU A 300 -16.63 -36.60 -2.53
CA LEU A 300 -17.02 -36.20 -1.18
C LEU A 300 -15.86 -36.16 -0.20
N GLY A 301 -14.77 -36.88 -0.49
CA GLY A 301 -13.74 -37.10 0.50
C GLY A 301 -13.89 -38.45 1.16
N ALA A 302 -13.56 -38.53 2.44
CA ALA A 302 -13.65 -39.79 3.17
C ALA A 302 -15.04 -39.88 3.80
N VAL A 303 -15.91 -40.69 3.21
CA VAL A 303 -17.30 -40.74 3.66
C VAL A 303 -17.39 -41.42 5.02
N ALA A 304 -18.42 -41.03 5.78
CA ALA A 304 -18.56 -41.52 7.14
C ALA A 304 -19.09 -42.95 7.21
N LEU A 305 -19.76 -43.43 6.16
CA LEU A 305 -20.31 -44.78 6.13
C LEU A 305 -19.20 -45.78 5.88
N LYS A 306 -18.99 -46.71 6.83
CA LYS A 306 -17.81 -47.56 6.80
C LYS A 306 -17.76 -48.39 5.51
N SER A 307 -18.92 -48.86 5.04
CA SER A 307 -18.93 -49.79 3.91
C SER A 307 -18.44 -49.12 2.63
N TYR A 308 -18.96 -47.93 2.31
CA TYR A 308 -18.49 -47.26 1.10
C TYR A 308 -17.11 -46.66 1.29
N GLU A 309 -16.73 -46.33 2.53
CA GLU A 309 -15.41 -45.76 2.76
C GLU A 309 -14.30 -46.76 2.50
N GLU A 310 -14.51 -48.03 2.87
CA GLU A 310 -13.50 -49.03 2.61
C GLU A 310 -13.22 -49.19 1.11
N GLU A 311 -14.16 -48.76 0.26
CA GLU A 311 -13.89 -48.72 -1.18
C GLU A 311 -13.18 -47.42 -1.56
N LEU A 312 -13.63 -46.29 -1.01
CA LEU A 312 -13.03 -45.00 -1.36
C LEU A 312 -11.61 -44.89 -0.81
N ALA A 313 -11.32 -45.51 0.33
CA ALA A 313 -9.99 -45.39 0.92
C ALA A 313 -8.91 -45.97 0.02
N LYS A 314 -9.27 -46.91 -0.87
CA LYS A 314 -8.30 -47.47 -1.82
C LYS A 314 -7.67 -46.38 -2.67
N ASP A 315 -8.37 -45.28 -2.89
CA ASP A 315 -7.92 -44.19 -3.74
C ASP A 315 -6.74 -43.45 -3.12
N PRO A 316 -5.60 -43.34 -3.80
CA PRO A 316 -4.47 -42.60 -3.21
C PRO A 316 -4.78 -41.14 -2.91
N ARG A 317 -5.74 -40.53 -3.61
CA ARG A 317 -6.10 -39.16 -3.31
C ARG A 317 -6.82 -39.05 -1.97
N ILE A 318 -7.60 -40.06 -1.60
CA ILE A 318 -8.25 -40.07 -0.29
C ILE A 318 -7.23 -40.34 0.81
N ALA A 319 -6.26 -41.23 0.55
CA ALA A 319 -5.21 -41.49 1.54
C ALA A 319 -4.45 -40.21 1.85
N ALA A 320 -4.06 -39.46 0.83
CA ALA A 320 -3.44 -38.16 1.04
C ALA A 320 -4.35 -37.25 1.87
N THR A 321 -5.58 -37.05 1.38
CA THR A 321 -6.53 -36.21 2.09
C THR A 321 -6.62 -36.60 3.56
N MET A 322 -6.64 -37.89 3.86
CA MET A 322 -6.63 -38.33 5.25
C MET A 322 -5.26 -38.16 5.90
N GLU A 323 -4.19 -38.12 5.11
CA GLU A 323 -2.89 -37.79 5.69
C GLU A 323 -2.86 -36.34 6.15
N ASN A 324 -3.41 -35.43 5.34
CA ASN A 324 -3.52 -34.04 5.77
C ASN A 324 -4.46 -33.93 6.96
N ALA A 325 -5.61 -34.61 6.88
CA ALA A 325 -6.57 -34.58 7.98
C ALA A 325 -5.90 -34.95 9.30
N GLN A 326 -5.18 -36.08 9.31
CA GLN A 326 -4.50 -36.50 10.55
C GLN A 326 -3.64 -35.39 11.13
N LYS A 327 -3.03 -34.56 10.27
CA LYS A 327 -2.17 -33.49 10.75
C LYS A 327 -2.96 -32.30 11.26
N GLY A 328 -4.21 -32.12 10.80
CA GLY A 328 -5.06 -31.03 11.25
C GLY A 328 -5.90 -31.39 12.46
N GLU A 329 -7.02 -30.71 12.60
CA GLU A 329 -7.94 -30.97 13.71
C GLU A 329 -9.38 -30.83 13.23
N ILE A 330 -10.25 -31.67 13.79
CA ILE A 330 -11.67 -31.49 13.56
C ILE A 330 -12.05 -30.10 14.05
N MET A 331 -12.87 -29.42 13.26
CA MET A 331 -13.35 -28.11 13.67
C MET A 331 -14.26 -28.26 14.88
N PRO A 332 -14.23 -27.31 15.82
CA PRO A 332 -15.31 -27.22 16.80
C PRO A 332 -16.63 -26.95 16.09
N ASN A 333 -17.72 -27.30 16.76
CA ASN A 333 -19.07 -27.00 16.27
C ASN A 333 -19.78 -26.01 17.18
N ILE A 334 -19.08 -25.39 18.12
CA ILE A 334 -19.71 -24.50 19.08
C ILE A 334 -20.23 -23.25 18.37
N PRO A 335 -21.26 -22.60 18.92
CA PRO A 335 -21.84 -21.44 18.20
C PRO A 335 -20.85 -20.33 17.94
N GLN A 336 -19.81 -20.22 18.76
CA GLN A 336 -18.82 -19.16 18.58
C GLN A 336 -18.01 -19.32 17.29
N MET A 337 -18.20 -20.41 16.55
CA MET A 337 -17.34 -20.68 15.39
C MET A 337 -17.57 -19.68 14.27
N SER A 338 -18.81 -19.23 14.07
CA SER A 338 -19.05 -18.26 13.02
C SER A 338 -18.42 -16.92 13.35
N ALA A 339 -18.36 -16.57 14.64
CA ALA A 339 -17.64 -15.36 15.04
C ALA A 339 -16.14 -15.51 14.85
N PHE A 340 -15.60 -16.71 15.04
CA PHE A 340 -14.17 -16.91 14.79
C PHE A 340 -13.86 -16.82 13.29
N TRP A 341 -14.73 -17.40 12.45
CA TRP A 341 -14.49 -17.35 11.01
C TRP A 341 -14.60 -15.93 10.47
N TYR A 342 -15.61 -15.17 10.94
CA TYR A 342 -15.74 -13.78 10.50
C TYR A 342 -14.51 -12.96 10.88
N ALA A 343 -14.00 -13.16 12.10
CA ALA A 343 -12.82 -12.41 12.54
C ALA A 343 -11.61 -12.71 11.68
N VAL A 344 -11.30 -13.99 11.51
CA VAL A 344 -10.10 -14.37 10.76
C VAL A 344 -10.25 -13.99 9.29
N ARG A 345 -11.46 -14.11 8.74
CA ARG A 345 -11.67 -13.70 7.36
C ARG A 345 -11.30 -12.23 7.16
N THR A 346 -11.81 -11.36 8.03
CA THR A 346 -11.46 -9.94 7.95
C THR A 346 -9.96 -9.73 8.14
N ALA A 347 -9.34 -10.53 9.01
CA ALA A 347 -7.91 -10.34 9.28
C ALA A 347 -7.08 -10.66 8.03
N VAL A 348 -7.29 -11.85 7.44
CA VAL A 348 -6.48 -12.26 6.31
C VAL A 348 -6.64 -11.29 5.15
N ILE A 349 -7.88 -10.88 4.87
CA ILE A 349 -8.12 -9.96 3.76
C ILE A 349 -7.48 -8.60 4.04
N ASN A 350 -7.57 -8.13 5.29
CA ASN A 350 -6.98 -6.84 5.64
C ASN A 350 -5.46 -6.88 5.54
N ALA A 351 -4.84 -7.96 6.03
CA ALA A 351 -3.38 -8.06 5.92
C ALA A 351 -2.94 -8.33 4.50
N ALA A 352 -3.63 -9.24 3.80
CA ALA A 352 -3.29 -9.52 2.41
C ALA A 352 -3.32 -8.26 1.55
N SER A 353 -4.19 -7.30 1.89
CA SER A 353 -4.38 -6.11 1.10
C SER A 353 -3.51 -4.93 1.53
N GLY A 354 -2.83 -5.04 2.67
CA GLY A 354 -2.12 -3.90 3.21
C GLY A 354 -3.00 -2.89 3.91
N ARG A 355 -4.29 -3.18 4.11
CA ARG A 355 -5.14 -2.25 4.84
C ARG A 355 -4.80 -2.24 6.33
N GLN A 356 -4.24 -3.34 6.83
CA GLN A 356 -3.82 -3.44 8.22
C GLN A 356 -2.50 -4.19 8.26
N THR A 357 -1.70 -3.91 9.28
CA THR A 357 -0.55 -4.75 9.55
C THR A 357 -1.02 -6.14 10.00
N VAL A 358 -0.09 -7.10 9.95
CA VAL A 358 -0.38 -8.43 10.47
C VAL A 358 -0.70 -8.35 11.95
N ASP A 359 0.20 -7.74 12.73
CA ASP A 359 -0.01 -7.65 14.18
C ASP A 359 -1.33 -6.93 14.51
N ALA A 360 -1.63 -5.85 13.79
CA ALA A 360 -2.87 -5.13 14.05
C ALA A 360 -4.09 -5.95 13.62
N ALA A 361 -4.01 -6.62 12.47
CA ALA A 361 -5.17 -7.36 11.97
C ALA A 361 -5.48 -8.57 12.83
N LEU A 362 -4.44 -9.23 13.36
CA LEU A 362 -4.67 -10.40 14.18
C LEU A 362 -5.11 -10.01 15.59
N ALA A 363 -4.57 -8.91 16.12
CA ALA A 363 -5.01 -8.44 17.42
C ALA A 363 -6.51 -8.15 17.42
N ALA A 364 -6.99 -7.44 16.38
CA ALA A 364 -8.41 -7.17 16.26
C ALA A 364 -9.22 -8.44 16.07
N ALA A 365 -8.67 -9.41 15.32
CA ALA A 365 -9.38 -10.67 15.13
C ALA A 365 -9.43 -11.49 16.42
N GLN A 366 -8.39 -11.42 17.24
CA GLN A 366 -8.43 -12.09 18.54
C GLN A 366 -9.58 -11.56 19.38
N THR A 367 -9.70 -10.23 19.48
CA THR A 367 -10.76 -9.64 20.29
C THR A 367 -12.14 -9.98 19.73
N ASN A 368 -12.30 -9.91 18.40
CA ASN A 368 -13.59 -10.24 17.82
C ASN A 368 -13.95 -11.70 18.05
N ALA A 369 -13.00 -12.61 17.85
CA ALA A 369 -13.31 -14.04 17.98
C ALA A 369 -13.69 -14.39 19.42
N ALA A 370 -13.15 -13.69 20.39
CA ALA A 370 -13.52 -13.91 21.78
C ALA A 370 -14.72 -13.08 22.23
N ARG A 371 -15.17 -12.13 21.41
CA ARG A 371 -16.20 -11.20 21.85
C ARG A 371 -17.43 -11.94 22.35
N ARG A 372 -17.82 -11.64 23.58
CA ARG A 372 -19.05 -12.15 24.16
C ARG A 372 -20.25 -11.53 23.45
N LYS A 373 -21.03 -12.34 22.77
CA LYS A 373 -22.17 -11.83 22.02
C LYS A 373 -23.34 -11.58 22.96
N PRO A 374 -23.81 -10.34 23.10
CA PRO A 374 -24.91 -10.07 24.04
C PRO A 374 -26.18 -10.78 23.59
N SER A 375 -26.93 -11.27 24.59
CA SER A 375 -28.17 -11.98 24.31
C SER A 375 -29.26 -11.01 23.85
N TRP A 376 -30.29 -11.58 23.20
CA TRP A 376 -31.45 -10.78 22.82
C TRP A 376 -31.96 -9.94 23.98
N ARG A 377 -32.10 -10.56 25.16
CA ARG A 377 -32.62 -9.83 26.32
C ARG A 377 -31.69 -8.68 26.70
N GLU A 378 -30.38 -8.92 26.68
CA GLU A 378 -29.42 -7.86 26.98
C GLU A 378 -29.52 -6.74 25.95
N ARG A 379 -29.60 -7.11 24.66
CA ARG A 379 -29.89 -6.11 23.64
C ARG A 379 -31.16 -5.36 23.97
N GLU A 380 -32.19 -6.07 24.44
CA GLU A 380 -33.46 -5.42 24.71
C GLU A 380 -33.37 -4.52 25.93
N ASN A 381 -32.72 -4.98 27.00
CA ASN A 381 -32.49 -4.11 28.16
C ASN A 381 -31.88 -2.78 27.72
N ASN A 382 -30.75 -2.85 27.01
CA ASN A 382 -30.10 -1.63 26.54
C ASN A 382 -31.07 -0.76 25.75
N ARG A 383 -31.76 -1.36 24.77
CA ARG A 383 -32.70 -0.61 23.95
C ARG A 383 -33.73 0.11 24.83
N ARG A 384 -34.29 -0.61 25.80
CA ARG A 384 -35.32 -0.02 26.66
C ARG A 384 -34.74 1.08 27.54
N ARG A 385 -33.53 0.86 28.08
CA ARG A 385 -32.93 1.86 28.96
C ARG A 385 -32.73 3.18 28.24
N GLU A 386 -32.13 3.16 27.06
CA GLU A 386 -31.96 4.40 26.30
C GLU A 386 -33.31 4.98 25.90
N ARG A 387 -34.29 4.12 25.58
CA ARG A 387 -35.63 4.62 25.29
C ARG A 387 -36.19 5.38 26.48
N ARG A 388 -36.02 4.84 27.68
CA ARG A 388 -36.52 5.52 28.87
C ARG A 388 -35.79 6.84 29.09
N ARG A 389 -34.47 6.85 28.91
CA ARG A 389 -33.68 8.06 29.13
C ARG A 389 -34.13 9.19 28.20
N ARG A 390 -34.29 8.88 26.91
CA ARG A 390 -34.77 9.90 25.97
C ARG A 390 -36.18 10.37 26.33
N ALA A 391 -37.07 9.46 26.71
CA ALA A 391 -38.45 9.83 27.01
C ALA A 391 -38.52 10.82 28.15
N VAL A 392 -37.73 10.59 29.21
CA VAL A 392 -37.68 11.51 30.34
C VAL A 392 -37.18 12.88 29.89
N ALA A 393 -36.12 12.90 29.09
CA ALA A 393 -35.61 14.16 28.56
C ALA A 393 -36.68 14.88 27.75
N ALA A 394 -37.38 14.16 26.87
CA ALA A 394 -38.40 14.78 26.04
C ALA A 394 -39.48 15.44 26.88
N LYS A 395 -39.91 14.78 27.96
CA LYS A 395 -40.92 15.38 28.83
C LYS A 395 -40.39 16.65 29.50
N ILE A 396 -39.15 16.60 29.99
CA ILE A 396 -38.56 17.76 30.66
C ILE A 396 -38.56 18.96 29.72
N TYR A 397 -38.15 18.74 28.46
CA TYR A 397 -38.14 19.84 27.50
C TYR A 397 -39.54 20.19 27.02
N THR A 398 -40.44 19.21 26.91
CA THR A 398 -41.83 19.53 26.61
C THR A 398 -42.37 20.51 27.65
N GLY A 399 -42.17 20.20 28.93
CA GLY A 399 -42.68 21.07 29.98
C GLY A 399 -41.99 22.43 29.99
N LEU A 400 -40.68 22.44 29.71
CA LEU A 400 -39.94 23.69 29.74
C LEU A 400 -40.39 24.63 28.62
N ARG A 401 -40.71 24.07 27.44
CA ARG A 401 -41.17 24.89 26.33
C ARG A 401 -42.58 25.41 26.57
N ALA A 402 -43.42 24.63 27.24
CA ALA A 402 -44.82 25.00 27.42
C ALA A 402 -45.02 26.04 28.51
N GLN A 403 -44.23 25.99 29.57
CA GLN A 403 -44.43 26.86 30.74
C GLN A 403 -43.26 27.82 30.98
N GLY A 404 -42.27 27.86 30.09
CA GLY A 404 -41.06 28.62 30.34
C GLY A 404 -41.11 30.09 29.96
N ASP A 405 -41.79 30.42 28.87
CA ASP A 405 -41.79 31.78 28.32
C ASP A 405 -40.37 32.31 28.27
N TYR A 406 -39.52 31.60 27.51
CA TYR A 406 -38.08 31.80 27.58
C TYR A 406 -37.56 32.81 26.57
N ASN A 407 -38.41 33.43 25.77
CA ASN A 407 -37.95 34.33 24.71
C ASN A 407 -37.14 33.56 23.68
N LEU A 408 -37.68 32.47 23.26
CA LEU A 408 -37.05 31.64 22.25
C LEU A 408 -37.70 31.87 20.90
N PRO A 409 -36.95 31.63 19.82
CA PRO A 409 -37.52 31.78 18.47
C PRO A 409 -38.62 30.76 18.22
N LYS A 410 -39.36 30.99 17.14
CA LYS A 410 -40.50 30.15 16.80
C LYS A 410 -40.15 28.66 16.89
N HIS A 411 -39.02 28.27 16.31
CA HIS A 411 -38.54 26.90 16.39
C HIS A 411 -37.07 26.92 16.80
N CYS A 412 -36.72 26.07 17.77
CA CYS A 412 -35.34 25.99 18.24
C CYS A 412 -35.13 24.66 18.94
N ASP A 413 -33.86 24.25 19.02
CA ASP A 413 -33.50 22.93 19.51
C ASP A 413 -33.39 22.91 21.03
N ASN A 414 -33.39 21.70 21.59
CA ASN A 414 -33.33 21.56 23.04
C ASN A 414 -32.12 22.27 23.63
N ASN A 415 -30.99 22.28 22.92
CA ASN A 415 -29.80 22.97 23.42
C ASN A 415 -30.11 24.42 23.77
N GLU A 416 -30.94 25.09 22.97
CA GLU A 416 -31.26 26.49 23.26
C GLU A 416 -32.20 26.60 24.45
N VAL A 417 -33.15 25.68 24.60
CA VAL A 417 -33.99 25.67 25.79
C VAL A 417 -33.13 25.49 27.03
N LEU A 418 -32.23 24.51 26.99
CA LEU A 418 -31.31 24.29 28.10
C LEU A 418 -30.51 25.54 28.42
N LYS A 419 -30.04 26.24 27.38
CA LYS A 419 -29.37 27.52 27.58
C LYS A 419 -30.27 28.49 28.36
N ALA A 420 -31.53 28.62 27.94
CA ALA A 420 -32.44 29.54 28.61
C ALA A 420 -32.63 29.14 30.07
N LEU A 421 -32.83 27.85 30.32
CA LEU A 421 -32.88 27.37 31.71
C LEU A 421 -31.63 27.77 32.47
N CYS A 422 -30.45 27.61 31.85
CA CYS A 422 -29.20 27.91 32.53
C CYS A 422 -29.16 29.36 33.03
N VAL A 423 -29.60 30.30 32.19
CA VAL A 423 -29.53 31.71 32.58
C VAL A 423 -30.58 32.03 33.64
N GLU A 424 -31.74 31.38 33.56
CA GLU A 424 -32.73 31.57 34.60
C GLU A 424 -32.22 31.11 35.96
N ALA A 425 -31.33 30.11 35.97
CA ALA A 425 -30.77 29.56 37.20
C ALA A 425 -29.46 30.22 37.62
N GLY A 426 -29.07 31.30 36.96
CA GLY A 426 -27.87 32.02 37.36
C GLY A 426 -26.60 31.60 36.65
N TRP A 427 -26.68 31.12 35.42
CA TRP A 427 -25.52 30.71 34.64
C TRP A 427 -25.42 31.55 33.38
N VAL A 428 -24.22 31.57 32.81
CA VAL A 428 -24.00 32.08 31.46
C VAL A 428 -23.50 30.91 30.60
N VAL A 429 -24.03 30.81 29.39
CA VAL A 429 -23.66 29.76 28.46
C VAL A 429 -23.22 30.43 27.16
N GLU A 430 -21.93 30.33 26.85
CA GLU A 430 -21.44 30.82 25.57
C GLU A 430 -22.03 30.00 24.43
N GLU A 431 -21.81 30.47 23.20
CA GLU A 431 -22.30 29.73 22.04
C GLU A 431 -21.82 28.29 22.05
N ASP A 432 -20.53 28.08 22.29
CA ASP A 432 -19.93 26.76 22.18
C ASP A 432 -20.27 25.82 23.33
N GLY A 433 -21.08 26.27 24.29
CA GLY A 433 -21.50 25.42 25.39
C GLY A 433 -20.70 25.61 26.66
N THR A 434 -19.56 26.29 26.61
CA THR A 434 -18.82 26.60 27.82
C THR A 434 -19.74 27.28 28.83
N THR A 435 -19.83 26.69 30.03
CA THR A 435 -20.85 27.05 31.01
C THR A 435 -20.19 27.29 32.37
N TYR A 436 -20.43 28.46 32.95
CA TYR A 436 -19.92 28.76 34.28
C TYR A 436 -20.90 29.66 35.02
N ARG A 437 -20.84 29.59 36.35
CA ARG A 437 -21.71 30.40 37.22
C ARG A 437 -21.19 31.83 37.34
N LYS B 2 -6.11 -4.08 -7.95
CA LYS B 2 -5.86 -2.77 -8.53
C LYS B 2 -5.30 -2.91 -9.94
N ILE B 3 -5.12 -1.78 -10.62
CA ILE B 3 -4.59 -1.75 -11.98
C ILE B 3 -3.07 -1.63 -11.92
N GLU B 4 -2.40 -2.28 -12.88
CA GLU B 4 -0.97 -2.12 -13.09
C GLU B 4 -0.73 -2.00 -14.59
N GLU B 5 0.19 -1.13 -14.97
CA GLU B 5 0.41 -0.86 -16.38
C GLU B 5 1.03 -2.07 -17.09
N GLY B 6 0.65 -2.25 -18.36
CA GLY B 6 1.16 -3.35 -19.16
C GLY B 6 0.39 -4.64 -19.02
N LYS B 7 -0.62 -4.69 -18.17
CA LYS B 7 -1.49 -5.85 -17.99
C LYS B 7 -2.92 -5.44 -18.28
N LEU B 8 -3.78 -6.44 -18.49
CA LEU B 8 -5.17 -6.21 -18.87
C LEU B 8 -6.07 -7.14 -18.06
N VAL B 9 -6.82 -6.59 -17.13
CA VAL B 9 -7.76 -7.34 -16.31
C VAL B 9 -9.18 -6.90 -16.66
N ILE B 10 -10.06 -7.87 -16.89
CA ILE B 10 -11.38 -7.60 -17.45
C ILE B 10 -12.44 -8.06 -16.46
N TRP B 11 -13.56 -7.33 -16.42
CA TRP B 11 -14.72 -7.65 -15.60
C TRP B 11 -15.96 -7.77 -16.46
N ILE B 12 -16.65 -8.91 -16.35
CA ILE B 12 -17.85 -9.17 -17.13
C ILE B 12 -18.72 -10.12 -16.32
N ASN B 13 -20.02 -10.06 -16.57
CA ASN B 13 -20.94 -10.81 -15.73
C ASN B 13 -20.80 -12.32 -15.95
N GLY B 14 -21.08 -13.07 -14.88
CA GLY B 14 -20.81 -14.50 -14.88
C GLY B 14 -21.68 -15.30 -15.81
N ASP B 15 -22.74 -14.71 -16.35
CA ASP B 15 -23.59 -15.40 -17.31
C ASP B 15 -23.12 -15.22 -18.75
N LYS B 16 -22.02 -14.49 -18.96
CA LYS B 16 -21.48 -14.24 -20.29
C LYS B 16 -20.28 -15.15 -20.57
N GLY B 17 -19.86 -15.19 -21.83
CA GLY B 17 -18.78 -16.05 -22.23
C GLY B 17 -17.40 -15.55 -21.86
N TYR B 18 -17.10 -15.48 -20.55
CA TYR B 18 -15.81 -14.96 -20.12
C TYR B 18 -14.67 -15.83 -20.65
N ASN B 19 -14.85 -17.15 -20.67
CA ASN B 19 -13.81 -18.01 -21.21
C ASN B 19 -13.58 -17.73 -22.68
N GLY B 20 -14.65 -17.48 -23.43
CA GLY B 20 -14.50 -17.09 -24.82
C GLY B 20 -13.73 -15.78 -24.96
N LEU B 21 -13.98 -14.83 -24.05
CA LEU B 21 -13.19 -13.61 -24.03
C LEU B 21 -11.75 -13.91 -23.59
N ALA B 22 -11.58 -14.81 -22.62
CA ALA B 22 -10.24 -15.25 -22.24
C ALA B 22 -9.46 -15.70 -23.47
N GLU B 23 -10.10 -16.47 -24.35
CA GLU B 23 -9.45 -16.87 -25.59
C GLU B 23 -9.05 -15.66 -26.42
N VAL B 24 -9.88 -14.62 -26.42
CA VAL B 24 -9.55 -13.42 -27.18
C VAL B 24 -8.41 -12.66 -26.51
N GLY B 25 -8.41 -12.61 -25.18
CA GLY B 25 -7.37 -11.87 -24.47
C GLY B 25 -6.00 -12.44 -24.68
N LYS B 26 -5.90 -13.77 -24.82
CA LYS B 26 -4.58 -14.39 -24.99
C LYS B 26 -4.00 -14.07 -26.37
N LYS B 27 -4.85 -14.00 -27.40
CA LYS B 27 -4.35 -13.61 -28.72
C LYS B 27 -3.93 -12.15 -28.74
N PHE B 28 -4.57 -11.30 -27.93
CA PHE B 28 -4.06 -9.95 -27.71
C PHE B 28 -2.65 -9.99 -27.15
N GLU B 29 -2.38 -10.94 -26.25
CA GLU B 29 -1.02 -11.19 -25.80
C GLU B 29 -0.08 -11.35 -26.98
N LYS B 30 -0.37 -12.33 -27.86
CA LYS B 30 0.54 -12.67 -28.94
C LYS B 30 0.94 -11.45 -29.77
N ASP B 31 -0.02 -10.58 -30.10
CA ASP B 31 0.27 -9.47 -31.00
C ASP B 31 0.95 -8.31 -30.29
N THR B 32 0.58 -8.02 -29.04
CA THR B 32 1.09 -6.85 -28.33
C THR B 32 1.80 -7.16 -27.02
N GLY B 33 1.82 -8.43 -26.58
CA GLY B 33 2.60 -8.84 -25.43
C GLY B 33 1.91 -8.68 -24.09
N ILE B 34 0.71 -8.14 -24.05
CA ILE B 34 0.03 -7.84 -22.80
C ILE B 34 -0.70 -9.07 -22.29
N LYS B 35 -0.50 -9.38 -21.01
CA LYS B 35 -1.28 -10.41 -20.32
C LYS B 35 -2.66 -9.87 -20.03
N VAL B 36 -3.70 -10.58 -20.48
CA VAL B 36 -5.08 -10.23 -20.21
C VAL B 36 -5.70 -11.35 -19.40
N THR B 37 -6.23 -11.01 -18.22
CA THR B 37 -6.99 -11.93 -17.39
C THR B 37 -8.46 -11.53 -17.41
N VAL B 38 -9.34 -12.52 -17.32
CA VAL B 38 -10.78 -12.30 -17.30
C VAL B 38 -11.33 -12.87 -16.00
N GLU B 39 -12.07 -12.03 -15.27
CA GLU B 39 -12.67 -12.43 -14.00
C GLU B 39 -14.15 -12.09 -14.02
N HIS B 40 -14.98 -13.01 -13.49
CA HIS B 40 -16.43 -12.87 -13.51
C HIS B 40 -16.96 -12.64 -12.09
N PRO B 41 -16.84 -11.43 -11.56
CA PRO B 41 -17.14 -11.22 -10.14
C PRO B 41 -18.63 -11.04 -9.86
N ASP B 42 -18.95 -11.10 -8.58
CA ASP B 42 -20.32 -10.99 -8.10
C ASP B 42 -20.70 -9.53 -7.88
N LYS B 43 -21.90 -9.17 -8.33
CA LYS B 43 -22.41 -7.80 -8.16
C LYS B 43 -21.43 -6.77 -8.71
N LEU B 44 -20.86 -7.06 -9.89
CA LEU B 44 -19.84 -6.17 -10.43
C LEU B 44 -20.42 -4.80 -10.75
N GLU B 45 -21.66 -4.77 -11.26
CA GLU B 45 -22.36 -3.50 -11.45
C GLU B 45 -22.49 -2.73 -10.15
N GLU B 46 -22.42 -3.42 -9.01
CA GLU B 46 -22.46 -2.79 -7.70
C GLU B 46 -21.07 -2.41 -7.19
N LYS B 47 -20.12 -3.36 -7.29
CA LYS B 47 -18.78 -3.11 -6.76
C LYS B 47 -18.05 -2.01 -7.52
N PHE B 48 -18.30 -1.89 -8.84
CA PHE B 48 -17.50 -0.94 -9.62
C PHE B 48 -17.68 0.49 -9.14
N PRO B 49 -18.88 1.04 -9.05
CA PRO B 49 -19.03 2.42 -8.56
C PRO B 49 -18.56 2.62 -7.13
N GLN B 50 -18.38 1.53 -6.36
CA GLN B 50 -17.83 1.64 -5.02
C GLN B 50 -16.31 1.71 -5.01
N VAL B 51 -15.65 0.88 -5.81
CA VAL B 51 -14.20 0.76 -5.72
C VAL B 51 -13.47 1.68 -6.69
N ALA B 52 -14.06 2.02 -7.83
CA ALA B 52 -13.33 2.78 -8.84
C ALA B 52 -12.94 4.16 -8.34
N ALA B 53 -13.70 4.71 -7.40
CA ALA B 53 -13.36 6.00 -6.82
C ALA B 53 -11.94 5.99 -6.27
N THR B 54 -11.59 4.92 -5.57
CA THR B 54 -10.32 4.83 -4.84
C THR B 54 -9.19 4.29 -5.70
N GLY B 55 -9.35 4.24 -7.02
CA GLY B 55 -8.33 3.71 -7.89
C GLY B 55 -8.42 2.22 -8.14
N ASP B 56 -9.04 1.48 -7.22
CA ASP B 56 -9.21 0.04 -7.39
C ASP B 56 -10.35 -0.23 -8.35
N GLY B 57 -10.17 -1.24 -9.19
CA GLY B 57 -11.17 -1.61 -10.16
C GLY B 57 -10.57 -2.12 -11.44
N PRO B 58 -11.43 -2.35 -12.44
CA PRO B 58 -10.97 -3.02 -13.67
C PRO B 58 -10.63 -2.04 -14.78
N ASP B 59 -9.72 -2.42 -15.68
CA ASP B 59 -9.54 -1.65 -16.88
C ASP B 59 -10.85 -1.53 -17.64
N ILE B 60 -11.55 -2.64 -17.79
CA ILE B 60 -12.79 -2.69 -18.55
C ILE B 60 -13.88 -3.37 -17.73
N ILE B 61 -15.12 -2.90 -17.94
CA ILE B 61 -16.30 -3.48 -17.35
C ILE B 61 -17.33 -3.72 -18.43
N PHE B 62 -17.70 -4.98 -18.62
CA PHE B 62 -18.80 -5.31 -19.52
C PHE B 62 -20.09 -5.34 -18.73
N TRP B 63 -21.09 -4.63 -19.24
CA TRP B 63 -22.40 -4.60 -18.60
C TRP B 63 -23.39 -3.95 -19.56
N ALA B 64 -24.68 -4.20 -19.30
CA ALA B 64 -25.71 -3.52 -20.07
C ALA B 64 -25.57 -2.01 -19.91
N HIS B 65 -26.11 -1.28 -20.88
CA HIS B 65 -25.89 0.15 -20.98
C HIS B 65 -26.68 0.96 -19.96
N ASP B 66 -27.71 0.38 -19.34
CA ASP B 66 -28.62 1.18 -18.54
C ASP B 66 -27.98 1.74 -17.27
N ARG B 67 -26.91 1.13 -16.78
CA ARG B 67 -26.25 1.63 -15.58
C ARG B 67 -25.13 2.62 -15.88
N PHE B 68 -24.72 2.76 -17.14
CA PHE B 68 -23.56 3.60 -17.46
C PHE B 68 -23.87 5.09 -17.33
N GLY B 69 -25.14 5.49 -17.35
CA GLY B 69 -25.46 6.89 -17.22
C GLY B 69 -25.23 7.41 -15.82
N GLY B 70 -25.59 6.62 -14.81
CA GLY B 70 -25.23 6.96 -13.44
C GLY B 70 -23.73 6.89 -13.23
N TYR B 71 -23.07 5.89 -13.82
CA TYR B 71 -21.61 5.81 -13.77
C TYR B 71 -20.99 7.07 -14.35
N ALA B 72 -21.22 7.30 -15.65
CA ALA B 72 -20.55 8.40 -16.35
C ALA B 72 -20.79 9.73 -15.65
N GLN B 73 -21.99 9.93 -15.12
CA GLN B 73 -22.27 11.14 -14.37
C GLN B 73 -21.54 11.20 -13.04
N SER B 74 -20.99 10.07 -12.57
CA SER B 74 -20.14 10.02 -11.40
C SER B 74 -18.65 10.06 -11.75
N GLY B 75 -18.32 10.30 -13.01
CA GLY B 75 -16.94 10.48 -13.43
C GLY B 75 -16.10 9.23 -13.40
N LEU B 76 -16.70 8.05 -13.55
CA LEU B 76 -15.95 6.80 -13.46
C LEU B 76 -15.45 6.29 -14.80
N LEU B 77 -15.97 6.79 -15.91
CA LEU B 77 -15.64 6.26 -17.23
C LEU B 77 -14.93 7.31 -18.07
N ALA B 78 -14.03 6.83 -18.92
CA ALA B 78 -13.32 7.69 -19.86
C ALA B 78 -14.17 7.88 -21.12
N GLU B 79 -14.27 9.13 -21.57
CA GLU B 79 -15.00 9.41 -22.80
C GLU B 79 -14.37 8.66 -23.97
N ILE B 80 -15.22 8.19 -24.88
CA ILE B 80 -14.82 7.31 -25.97
C ILE B 80 -14.60 8.12 -27.24
N THR B 81 -13.48 7.87 -27.93
CA THR B 81 -13.10 8.63 -29.12
C THR B 81 -12.89 7.69 -30.30
N PRO B 82 -13.96 7.15 -30.87
CA PRO B 82 -13.83 6.35 -32.08
C PRO B 82 -13.99 7.19 -33.34
N ALA B 83 -13.15 6.90 -34.33
CA ALA B 83 -13.18 7.63 -35.59
C ALA B 83 -14.61 7.72 -36.13
N ALA B 84 -14.86 8.72 -36.98
CA ALA B 84 -16.14 8.75 -37.68
C ALA B 84 -16.32 7.51 -38.54
N ALA B 85 -15.22 6.95 -39.05
CA ALA B 85 -15.30 5.70 -39.79
C ALA B 85 -15.75 4.55 -38.89
N PHE B 86 -15.32 4.55 -37.63
CA PHE B 86 -15.64 3.44 -36.74
C PHE B 86 -17.10 3.45 -36.31
N GLN B 87 -17.63 4.63 -35.99
CA GLN B 87 -19.05 4.72 -35.65
C GLN B 87 -19.92 4.09 -36.73
N ASP B 88 -19.58 4.35 -38.01
CA ASP B 88 -20.37 3.81 -39.10
C ASP B 88 -20.38 2.30 -39.11
N LYS B 89 -19.35 1.66 -38.54
CA LYS B 89 -19.27 0.21 -38.54
C LYS B 89 -20.28 -0.45 -37.61
N LEU B 90 -20.91 0.31 -36.72
CA LEU B 90 -21.88 -0.23 -35.78
C LEU B 90 -23.22 0.51 -35.93
N TYR B 91 -24.30 -0.19 -35.62
CA TYR B 91 -25.62 0.35 -35.89
C TYR B 91 -25.85 1.62 -35.08
N PRO B 92 -26.44 2.66 -35.66
CA PRO B 92 -26.55 3.94 -34.96
C PRO B 92 -27.37 3.88 -33.69
N PHE B 93 -28.36 2.98 -33.62
CA PHE B 93 -29.17 2.89 -32.41
C PHE B 93 -28.37 2.32 -31.24
N THR B 94 -27.32 1.52 -31.53
CA THR B 94 -26.47 1.02 -30.46
C THR B 94 -25.62 2.13 -29.87
N TRP B 95 -24.98 2.93 -30.73
CA TRP B 95 -24.25 4.10 -30.25
C TRP B 95 -25.16 5.02 -29.44
N ASP B 96 -26.42 5.14 -29.88
CA ASP B 96 -27.38 6.00 -29.17
C ASP B 96 -27.62 5.49 -27.76
N ALA B 97 -27.73 4.17 -27.58
CA ALA B 97 -27.96 3.61 -26.26
C ALA B 97 -26.81 3.93 -25.32
N VAL B 98 -25.60 4.00 -25.85
CA VAL B 98 -24.40 4.11 -25.04
C VAL B 98 -23.87 5.54 -25.00
N ARG B 99 -24.72 6.52 -25.31
CA ARG B 99 -24.35 7.93 -25.32
C ARG B 99 -25.13 8.68 -24.26
N TYR B 100 -24.42 9.42 -23.41
CA TYR B 100 -25.01 10.19 -22.33
C TYR B 100 -24.56 11.63 -22.43
N ASN B 101 -25.51 12.54 -22.55
CA ASN B 101 -25.24 13.97 -22.54
C ASN B 101 -24.40 14.42 -23.73
N GLY B 102 -24.32 13.62 -24.78
CA GLY B 102 -23.54 14.00 -25.94
C GLY B 102 -22.12 13.48 -25.94
N LYS B 103 -21.81 12.48 -25.12
CA LYS B 103 -20.51 11.83 -25.09
C LYS B 103 -20.72 10.33 -25.09
N LEU B 104 -19.88 9.61 -25.83
CA LEU B 104 -20.01 8.16 -25.88
C LEU B 104 -19.17 7.55 -24.76
N ILE B 105 -19.85 6.86 -23.84
CA ILE B 105 -19.24 6.38 -22.61
C ILE B 105 -18.76 4.93 -22.71
N ALA B 106 -19.29 4.17 -23.65
CA ALA B 106 -18.91 2.78 -23.79
C ALA B 106 -19.03 2.38 -25.25
N TYR B 107 -18.46 1.24 -25.57
CA TYR B 107 -18.63 0.64 -26.88
C TYR B 107 -19.81 -0.31 -26.86
N PRO B 108 -20.80 -0.16 -27.74
CA PRO B 108 -21.83 -1.19 -27.86
C PRO B 108 -21.20 -2.48 -28.36
N ILE B 109 -21.63 -3.60 -27.78
CA ILE B 109 -21.12 -4.92 -28.12
C ILE B 109 -22.22 -5.83 -28.67
N ALA B 110 -23.31 -5.97 -27.93
CA ALA B 110 -24.39 -6.87 -28.30
C ALA B 110 -25.71 -6.31 -27.82
N VAL B 111 -26.77 -6.59 -28.58
CA VAL B 111 -28.12 -6.19 -28.22
C VAL B 111 -28.83 -7.40 -27.66
N GLU B 112 -29.48 -7.22 -26.50
CA GLU B 112 -30.07 -8.31 -25.74
C GLU B 112 -31.56 -8.06 -25.51
N ALA B 113 -32.35 -9.10 -25.71
CA ALA B 113 -33.76 -9.07 -25.34
C ALA B 113 -34.14 -10.46 -24.86
N LEU B 114 -35.08 -10.51 -23.92
CA LEU B 114 -35.57 -11.78 -23.42
C LEU B 114 -36.50 -12.43 -24.45
N SER B 115 -36.58 -13.74 -24.39
CA SER B 115 -37.48 -14.49 -25.25
C SER B 115 -38.08 -15.64 -24.47
N LEU B 116 -39.14 -16.22 -25.04
CA LEU B 116 -39.72 -17.44 -24.50
C LEU B 116 -38.95 -18.63 -25.05
N ILE B 117 -38.38 -19.43 -24.16
CA ILE B 117 -37.65 -20.65 -24.52
C ILE B 117 -38.51 -21.82 -24.08
N TYR B 118 -38.67 -22.81 -24.97
CA TYR B 118 -39.63 -23.87 -24.70
C TYR B 118 -39.09 -25.22 -25.17
N ASN B 119 -39.56 -26.26 -24.47
CA ASN B 119 -39.19 -27.65 -24.72
C ASN B 119 -40.18 -28.24 -25.71
N LYS B 120 -39.72 -28.51 -26.94
CA LYS B 120 -40.61 -28.99 -27.99
C LYS B 120 -41.19 -30.35 -27.64
N ASP B 121 -40.37 -31.24 -27.09
CA ASP B 121 -40.84 -32.59 -26.77
C ASP B 121 -42.02 -32.53 -25.78
N LEU B 122 -41.95 -31.63 -24.81
CA LEU B 122 -43.05 -31.49 -23.86
C LEU B 122 -44.13 -30.56 -24.38
N LEU B 123 -43.79 -29.66 -25.28
CA LEU B 123 -44.70 -28.61 -25.72
C LEU B 123 -44.38 -28.22 -27.16
N PRO B 124 -44.75 -29.07 -28.13
CA PRO B 124 -44.45 -28.74 -29.53
C PRO B 124 -45.00 -27.39 -29.96
N ASN B 125 -46.17 -27.00 -29.45
CA ASN B 125 -46.76 -25.70 -29.76
C ASN B 125 -46.74 -24.81 -28.53
N PRO B 126 -45.89 -23.79 -28.46
CA PRO B 126 -45.82 -22.97 -27.26
C PRO B 126 -47.02 -22.04 -27.18
N PRO B 127 -47.48 -21.71 -25.97
CA PRO B 127 -48.64 -20.82 -25.85
C PRO B 127 -48.33 -19.43 -26.37
N LYS B 128 -49.36 -18.80 -26.94
CA LYS B 128 -49.24 -17.43 -27.42
C LYS B 128 -49.62 -16.39 -26.37
N THR B 129 -50.20 -16.82 -25.24
CA THR B 129 -50.74 -15.91 -24.25
C THR B 129 -50.32 -16.32 -22.85
N TRP B 130 -50.17 -15.33 -21.98
CA TRP B 130 -49.98 -15.60 -20.55
C TRP B 130 -51.22 -16.25 -19.95
N GLU B 131 -52.42 -15.86 -20.42
CA GLU B 131 -53.66 -16.28 -19.76
C GLU B 131 -53.85 -17.79 -19.82
N GLU B 132 -53.28 -18.45 -20.82
CA GLU B 132 -53.43 -19.89 -20.97
C GLU B 132 -52.37 -20.69 -20.21
N ILE B 133 -51.45 -20.02 -19.51
CA ILE B 133 -50.37 -20.72 -18.83
C ILE B 133 -50.90 -21.45 -17.60
N PRO B 134 -51.82 -20.88 -16.82
CA PRO B 134 -52.36 -21.64 -15.68
C PRO B 134 -52.98 -22.96 -16.08
N ALA B 135 -53.87 -22.96 -17.07
CA ALA B 135 -54.46 -24.21 -17.53
C ALA B 135 -53.38 -25.17 -18.02
N LEU B 136 -52.38 -24.65 -18.73
CA LEU B 136 -51.34 -25.52 -19.27
C LEU B 136 -50.48 -26.11 -18.17
N ASP B 137 -50.33 -25.40 -17.06
CA ASP B 137 -49.56 -25.94 -15.94
C ASP B 137 -50.32 -27.06 -15.23
N LYS B 138 -51.64 -26.91 -15.08
CA LYS B 138 -52.44 -27.98 -14.49
C LYS B 138 -52.34 -29.26 -15.32
N GLU B 139 -52.29 -29.13 -16.65
CA GLU B 139 -52.10 -30.30 -17.51
C GLU B 139 -50.75 -30.95 -17.26
N LEU B 140 -49.67 -30.16 -17.25
CA LEU B 140 -48.34 -30.73 -17.16
C LEU B 140 -48.01 -31.23 -15.75
N LYS B 141 -48.65 -30.66 -14.73
CA LYS B 141 -48.43 -31.15 -13.37
C LYS B 141 -48.81 -32.61 -13.25
N ALA B 142 -49.83 -33.06 -13.99
CA ALA B 142 -50.23 -34.46 -13.93
C ALA B 142 -49.14 -35.38 -14.48
N LYS B 143 -48.34 -34.90 -15.43
CA LYS B 143 -47.23 -35.67 -15.97
C LYS B 143 -45.94 -35.48 -15.18
N GLY B 144 -46.00 -34.82 -14.03
CA GLY B 144 -44.80 -34.57 -13.25
C GLY B 144 -43.94 -33.42 -13.73
N LYS B 145 -44.49 -32.54 -14.55
CA LYS B 145 -43.79 -31.37 -15.06
C LYS B 145 -44.45 -30.10 -14.55
N SER B 146 -43.88 -28.96 -14.93
CA SER B 146 -44.53 -27.67 -14.75
C SER B 146 -44.51 -26.94 -16.08
N ALA B 147 -45.31 -25.88 -16.17
CA ALA B 147 -45.38 -25.12 -17.41
C ALA B 147 -44.20 -24.16 -17.55
N LEU B 148 -43.98 -23.31 -16.55
CA LEU B 148 -43.07 -22.18 -16.69
C LEU B 148 -42.32 -21.92 -15.40
N MET B 149 -40.99 -21.79 -15.52
CA MET B 149 -40.16 -21.37 -14.41
C MET B 149 -39.17 -20.33 -14.91
N PHE B 150 -39.03 -19.22 -14.18
CA PHE B 150 -38.02 -18.23 -14.53
C PHE B 150 -37.65 -17.40 -13.31
N ASN B 151 -36.60 -16.61 -13.47
CA ASN B 151 -35.97 -15.90 -12.35
C ASN B 151 -36.89 -14.81 -11.83
N LEU B 152 -37.53 -15.06 -10.70
CA LEU B 152 -38.39 -14.07 -10.04
C LEU B 152 -37.64 -13.18 -9.07
N GLN B 153 -36.32 -13.35 -8.94
CA GLN B 153 -35.57 -12.48 -8.04
C GLN B 153 -35.14 -11.18 -8.71
N GLU B 154 -34.97 -11.17 -10.04
CA GLU B 154 -34.51 -9.98 -10.72
C GLU B 154 -35.62 -9.38 -11.57
N PRO B 155 -35.99 -8.12 -11.34
CA PRO B 155 -37.12 -7.52 -12.09
C PRO B 155 -36.94 -7.52 -13.60
N TYR B 156 -35.70 -7.63 -14.11
CA TYR B 156 -35.49 -7.73 -15.55
C TYR B 156 -36.40 -8.78 -16.17
N PHE B 157 -36.62 -9.89 -15.46
CA PHE B 157 -37.36 -11.01 -16.02
C PHE B 157 -38.87 -10.84 -15.89
N THR B 158 -39.33 -10.03 -14.95
CA THR B 158 -40.75 -9.80 -14.77
C THR B 158 -41.24 -8.54 -15.46
N TRP B 159 -40.34 -7.63 -15.82
CA TRP B 159 -40.75 -6.37 -16.43
C TRP B 159 -41.57 -6.55 -17.71
N PRO B 160 -41.26 -7.50 -18.59
CA PRO B 160 -42.10 -7.67 -19.79
C PRO B 160 -43.58 -7.82 -19.47
N LEU B 161 -43.92 -8.62 -18.46
CA LEU B 161 -45.32 -8.77 -18.07
C LEU B 161 -45.84 -7.50 -17.42
N ILE B 162 -45.00 -6.81 -16.65
CA ILE B 162 -45.43 -5.60 -15.98
C ILE B 162 -45.71 -4.49 -17.00
N ALA B 163 -44.98 -4.48 -18.11
CA ALA B 163 -45.14 -3.42 -19.10
C ALA B 163 -46.27 -3.71 -20.09
N ALA B 164 -46.64 -4.97 -20.28
CA ALA B 164 -47.52 -5.34 -21.39
C ALA B 164 -48.76 -4.46 -21.44
N ASP B 165 -49.47 -4.33 -20.33
CA ASP B 165 -50.74 -3.60 -20.30
C ASP B 165 -50.57 -2.13 -19.98
N GLY B 166 -49.34 -1.61 -19.98
CA GLY B 166 -49.18 -0.18 -19.83
C GLY B 166 -48.20 0.30 -18.77
N GLY B 167 -47.76 -0.60 -17.89
CA GLY B 167 -46.73 -0.24 -16.94
C GLY B 167 -45.49 0.29 -17.65
N TYR B 168 -44.91 1.35 -17.11
CA TYR B 168 -43.73 1.94 -17.70
C TYR B 168 -42.86 2.54 -16.61
N ALA B 169 -41.58 2.69 -16.92
CA ALA B 169 -40.62 3.24 -15.96
C ALA B 169 -40.69 4.75 -15.95
N PHE B 170 -40.05 5.39 -16.93
CA PHE B 170 -40.04 6.84 -17.08
C PHE B 170 -40.59 7.19 -18.45
N LYS B 171 -41.61 8.02 -18.50
CA LYS B 171 -42.20 8.39 -19.77
C LYS B 171 -41.29 9.35 -20.53
N TYR B 172 -40.96 9.00 -21.76
CA TYR B 172 -40.11 9.83 -22.61
C TYR B 172 -40.98 10.87 -23.31
N ALA B 173 -40.75 12.13 -22.98
CA ALA B 173 -41.59 13.21 -23.50
C ALA B 173 -40.75 14.47 -23.68
N ALA B 174 -40.93 15.13 -24.82
CA ALA B 174 -40.24 16.39 -25.10
C ALA B 174 -38.72 16.18 -25.18
N GLY B 175 -38.31 15.09 -25.82
CA GLY B 175 -36.90 14.82 -26.05
C GLY B 175 -36.13 14.26 -24.89
N LYS B 176 -36.78 13.90 -23.79
CA LYS B 176 -36.06 13.45 -22.61
C LYS B 176 -36.94 12.50 -21.80
N TYR B 177 -36.30 11.77 -20.90
CA TYR B 177 -37.02 11.00 -19.90
C TYR B 177 -37.40 11.90 -18.74
N ASP B 178 -38.68 11.86 -18.35
CA ASP B 178 -39.21 12.75 -17.32
C ASP B 178 -39.36 11.94 -16.03
N ILE B 179 -38.50 12.22 -15.04
CA ILE B 179 -38.54 11.50 -13.77
C ILE B 179 -39.72 11.89 -12.91
N LYS B 180 -40.53 12.88 -13.32
CA LYS B 180 -41.78 13.17 -12.63
C LYS B 180 -42.88 12.18 -13.01
N ASP B 181 -42.81 11.60 -14.20
CA ASP B 181 -43.86 10.72 -14.75
C ASP B 181 -43.35 9.28 -14.71
N VAL B 182 -43.59 8.61 -13.58
CA VAL B 182 -43.19 7.21 -13.38
C VAL B 182 -44.44 6.35 -13.43
N GLY B 183 -44.37 5.23 -14.15
CA GLY B 183 -45.54 4.41 -14.38
C GLY B 183 -45.49 3.00 -13.83
N VAL B 184 -44.77 2.80 -12.72
CA VAL B 184 -44.76 1.50 -12.04
C VAL B 184 -45.98 1.31 -11.16
N ASP B 185 -46.84 2.32 -11.05
CA ASP B 185 -47.99 2.31 -10.16
C ASP B 185 -49.31 2.37 -10.89
N ASN B 186 -49.31 2.29 -12.23
CA ASN B 186 -50.55 2.49 -12.97
C ASN B 186 -51.28 1.16 -13.15
N ALA B 187 -52.43 1.24 -13.84
CA ALA B 187 -53.34 0.10 -13.92
C ALA B 187 -52.73 -1.05 -14.71
N GLY B 188 -51.96 -0.75 -15.75
CA GLY B 188 -51.28 -1.81 -16.49
C GLY B 188 -50.25 -2.51 -15.62
N ALA B 189 -49.43 -1.74 -14.91
CA ALA B 189 -48.46 -2.33 -13.99
C ALA B 189 -49.17 -3.21 -12.97
N LYS B 190 -50.22 -2.66 -12.34
CA LYS B 190 -50.97 -3.41 -11.33
C LYS B 190 -51.43 -4.75 -11.90
N ALA B 191 -52.15 -4.70 -13.03
CA ALA B 191 -52.66 -5.93 -13.62
C ALA B 191 -51.54 -6.91 -13.93
N GLY B 192 -50.42 -6.42 -14.44
CA GLY B 192 -49.29 -7.31 -14.72
C GLY B 192 -48.83 -8.05 -13.47
N LEU B 193 -48.55 -7.31 -12.40
CA LEU B 193 -48.03 -7.94 -11.20
C LEU B 193 -49.07 -8.84 -10.55
N THR B 194 -50.32 -8.37 -10.46
CA THR B 194 -51.40 -9.19 -9.91
C THR B 194 -51.47 -10.55 -10.58
N PHE B 195 -51.26 -10.60 -11.90
CA PHE B 195 -51.31 -11.89 -12.58
C PHE B 195 -50.13 -12.76 -12.18
N LEU B 196 -48.93 -12.20 -12.18
CA LEU B 196 -47.77 -12.94 -11.71
C LEU B 196 -47.99 -13.49 -10.31
N VAL B 197 -48.56 -12.68 -9.41
CA VAL B 197 -48.77 -13.14 -8.04
C VAL B 197 -49.84 -14.21 -8.00
N ASP B 198 -50.89 -14.07 -8.81
CA ASP B 198 -51.95 -15.08 -8.84
C ASP B 198 -51.39 -16.41 -9.32
N LEU B 199 -50.48 -16.39 -10.30
CA LEU B 199 -49.77 -17.61 -10.69
C LEU B 199 -49.11 -18.25 -9.48
N ILE B 200 -48.54 -17.43 -8.60
CA ILE B 200 -47.88 -17.95 -7.40
C ILE B 200 -48.91 -18.43 -6.39
N LYS B 201 -49.91 -17.60 -6.10
CA LYS B 201 -50.99 -18.01 -5.21
C LYS B 201 -51.58 -19.35 -5.62
N ASN B 202 -51.76 -19.57 -6.93
CA ASN B 202 -52.34 -20.79 -7.44
C ASN B 202 -51.29 -21.88 -7.66
N LYS B 203 -50.09 -21.73 -7.10
CA LYS B 203 -49.05 -22.77 -7.10
C LYS B 203 -48.62 -23.15 -8.51
N HIS B 204 -48.71 -22.21 -9.45
CA HIS B 204 -48.15 -22.43 -10.78
C HIS B 204 -46.70 -21.95 -10.89
N MET B 205 -46.25 -21.12 -9.95
CA MET B 205 -44.85 -20.76 -9.82
C MET B 205 -44.54 -20.60 -8.33
N ASN B 206 -43.25 -20.64 -8.00
CA ASN B 206 -42.78 -20.45 -6.64
C ASN B 206 -42.12 -19.08 -6.50
N ALA B 207 -42.48 -18.36 -5.44
CA ALA B 207 -41.91 -17.04 -5.22
C ALA B 207 -40.39 -17.10 -5.06
N ASP B 208 -39.84 -18.23 -4.63
CA ASP B 208 -38.40 -18.32 -4.37
C ASP B 208 -37.59 -18.65 -5.62
N THR B 209 -38.22 -18.92 -6.74
CA THR B 209 -37.50 -19.36 -7.93
C THR B 209 -36.54 -18.28 -8.41
N ASP B 210 -35.27 -18.65 -8.60
CA ASP B 210 -34.23 -17.71 -8.97
C ASP B 210 -33.60 -18.17 -10.29
N TYR B 211 -32.56 -17.47 -10.73
CA TYR B 211 -31.94 -17.82 -12.01
C TYR B 211 -31.51 -19.28 -12.03
N SER B 212 -30.80 -19.73 -10.99
CA SER B 212 -30.23 -21.08 -11.01
C SER B 212 -31.33 -22.15 -11.02
N ILE B 213 -32.30 -22.01 -10.12
CA ILE B 213 -33.37 -22.99 -10.05
C ILE B 213 -34.09 -23.10 -11.39
N ALA B 214 -34.35 -21.96 -12.05
CA ALA B 214 -35.10 -21.97 -13.31
C ALA B 214 -34.30 -22.61 -14.43
N GLU B 215 -33.00 -22.35 -14.49
CA GLU B 215 -32.18 -22.96 -15.52
C GLU B 215 -32.10 -24.47 -15.35
N ALA B 216 -31.84 -24.93 -14.12
CA ALA B 216 -31.74 -26.37 -13.88
C ALA B 216 -33.05 -27.08 -14.20
N ALA B 217 -34.18 -26.49 -13.81
CA ALA B 217 -35.47 -27.11 -14.11
C ALA B 217 -35.69 -27.22 -15.62
N PHE B 218 -35.39 -26.15 -16.36
CA PHE B 218 -35.59 -26.23 -17.81
C PHE B 218 -34.55 -27.13 -18.46
N ASN B 219 -33.29 -27.01 -18.05
CA ASN B 219 -32.24 -27.76 -18.73
C ASN B 219 -32.36 -29.26 -18.46
N LYS B 220 -32.89 -29.64 -17.31
CA LYS B 220 -33.14 -31.05 -17.01
C LYS B 220 -34.49 -31.53 -17.56
N GLY B 221 -35.30 -30.63 -18.11
CA GLY B 221 -36.56 -31.04 -18.70
C GLY B 221 -37.72 -31.21 -17.75
N GLU B 222 -37.66 -30.61 -16.57
CA GLU B 222 -38.77 -30.67 -15.63
C GLU B 222 -39.78 -29.55 -15.85
N THR B 223 -39.40 -28.49 -16.54
CA THR B 223 -40.29 -27.40 -16.88
C THR B 223 -40.34 -27.24 -18.40
N ALA B 224 -41.50 -26.90 -18.91
CA ALA B 224 -41.68 -26.84 -20.36
C ALA B 224 -41.24 -25.51 -20.95
N MET B 225 -41.06 -24.48 -20.14
CA MET B 225 -40.77 -23.15 -20.65
C MET B 225 -39.94 -22.39 -19.64
N THR B 226 -39.17 -21.42 -20.16
CA THR B 226 -38.44 -20.48 -19.33
C THR B 226 -38.28 -19.18 -20.13
N ILE B 227 -38.05 -18.09 -19.42
CA ILE B 227 -37.82 -16.78 -20.03
C ILE B 227 -36.37 -16.41 -19.76
N ASN B 228 -35.60 -16.16 -20.83
CA ASN B 228 -34.17 -15.90 -20.66
C ASN B 228 -33.61 -15.29 -21.94
N GLY B 229 -32.33 -14.91 -21.85
CA GLY B 229 -31.66 -14.24 -22.94
C GLY B 229 -30.66 -15.13 -23.66
N PRO B 230 -30.03 -14.58 -24.71
CA PRO B 230 -29.16 -15.41 -25.56
C PRO B 230 -28.02 -16.09 -24.83
N TRP B 231 -27.56 -15.54 -23.70
CA TRP B 231 -26.45 -16.16 -22.98
C TRP B 231 -26.80 -17.56 -22.50
N ALA B 232 -28.07 -17.83 -22.22
CA ALA B 232 -28.49 -19.11 -21.68
C ALA B 232 -28.49 -20.24 -22.70
N TRP B 233 -28.40 -19.91 -23.99
CA TRP B 233 -28.58 -20.94 -25.02
C TRP B 233 -27.49 -22.01 -24.96
N SER B 234 -26.28 -21.62 -24.55
CA SER B 234 -25.16 -22.57 -24.58
C SER B 234 -25.41 -23.75 -23.65
N ASN B 235 -25.93 -23.49 -22.44
CA ASN B 235 -26.13 -24.57 -21.49
C ASN B 235 -27.29 -25.48 -21.91
N ILE B 236 -28.35 -24.89 -22.47
CA ILE B 236 -29.40 -25.73 -23.03
C ILE B 236 -28.83 -26.59 -24.15
N ASP B 237 -27.97 -26.00 -24.99
CA ASP B 237 -27.31 -26.75 -26.05
C ASP B 237 -26.64 -28.00 -25.48
N THR B 238 -25.86 -27.85 -24.41
CA THR B 238 -25.16 -29.01 -23.87
C THR B 238 -26.12 -29.99 -23.19
N SER B 239 -27.28 -29.52 -22.74
CA SER B 239 -28.31 -30.41 -22.20
C SER B 239 -28.90 -31.28 -23.31
N ALA B 240 -29.87 -32.11 -22.93
CA ALA B 240 -30.53 -33.02 -23.86
C ALA B 240 -31.88 -32.49 -24.35
N VAL B 241 -32.18 -31.23 -24.08
CA VAL B 241 -33.51 -30.68 -24.34
C VAL B 241 -33.54 -30.10 -25.75
N ASN B 242 -34.50 -30.55 -26.55
CA ASN B 242 -34.76 -29.95 -27.85
C ASN B 242 -35.65 -28.73 -27.64
N TYR B 243 -35.06 -27.54 -27.78
CA TYR B 243 -35.75 -26.30 -27.43
C TYR B 243 -35.95 -25.41 -28.64
N GLY B 244 -36.89 -24.48 -28.49
CA GLY B 244 -37.07 -23.41 -29.44
C GLY B 244 -37.06 -22.07 -28.71
N VAL B 245 -36.83 -21.02 -29.48
CA VAL B 245 -36.78 -19.64 -28.99
C VAL B 245 -37.82 -18.85 -29.76
N THR B 246 -38.75 -18.23 -29.03
CA THR B 246 -39.91 -17.67 -29.70
C THR B 246 -40.39 -16.41 -28.97
N VAL B 247 -41.47 -15.85 -29.51
CA VAL B 247 -42.02 -14.58 -29.01
C VAL B 247 -42.60 -14.79 -27.63
N LEU B 248 -42.48 -13.77 -26.79
CA LEU B 248 -43.05 -13.83 -25.44
C LEU B 248 -44.57 -13.92 -25.51
N PRO B 249 -45.20 -14.50 -24.50
CA PRO B 249 -46.66 -14.55 -24.48
C PRO B 249 -47.24 -13.15 -24.33
N THR B 250 -48.43 -12.96 -24.91
CA THR B 250 -49.14 -11.71 -24.75
C THR B 250 -49.91 -11.68 -23.43
N PHE B 251 -50.12 -10.46 -22.92
CA PHE B 251 -50.94 -10.24 -21.74
C PHE B 251 -52.10 -9.33 -22.11
N LYS B 252 -53.32 -9.78 -21.84
CA LYS B 252 -54.54 -9.03 -22.20
C LYS B 252 -54.49 -8.57 -23.65
N GLY B 253 -53.91 -9.41 -24.50
CA GLY B 253 -53.82 -9.13 -25.92
C GLY B 253 -52.68 -8.23 -26.34
N GLN B 254 -51.91 -7.66 -25.38
CA GLN B 254 -50.77 -6.85 -25.77
C GLN B 254 -49.48 -7.66 -25.75
N PRO B 255 -48.48 -7.25 -26.53
CA PRO B 255 -47.20 -7.95 -26.50
C PRO B 255 -46.56 -7.85 -25.13
N SER B 256 -45.71 -8.82 -24.83
CA SER B 256 -44.77 -8.67 -23.73
C SER B 256 -43.71 -7.68 -24.16
N LYS B 257 -43.43 -6.69 -23.31
CA LYS B 257 -42.56 -5.57 -23.67
C LYS B 257 -41.28 -5.66 -22.85
N PRO B 258 -40.25 -6.33 -23.35
CA PRO B 258 -39.00 -6.41 -22.59
C PRO B 258 -38.23 -5.11 -22.66
N PHE B 259 -37.43 -4.87 -21.62
CA PHE B 259 -36.43 -3.82 -21.63
C PHE B 259 -35.22 -4.33 -22.38
N VAL B 260 -34.86 -3.65 -23.45
CA VAL B 260 -33.74 -4.06 -24.32
C VAL B 260 -32.47 -3.46 -23.75
N GLY B 261 -31.52 -4.32 -23.42
CA GLY B 261 -30.21 -3.89 -22.97
C GLY B 261 -29.21 -4.04 -24.10
N VAL B 262 -28.35 -3.04 -24.24
CA VAL B 262 -27.16 -3.12 -25.09
C VAL B 262 -25.97 -3.40 -24.18
N LEU B 263 -25.43 -4.61 -24.26
CA LEU B 263 -24.20 -4.89 -23.55
C LEU B 263 -23.11 -3.96 -24.05
N SER B 264 -22.63 -3.09 -23.16
CA SER B 264 -21.66 -2.06 -23.50
C SER B 264 -20.37 -2.30 -22.73
N ALA B 265 -19.38 -1.44 -23.02
CA ALA B 265 -18.06 -1.55 -22.39
C ALA B 265 -17.46 -0.16 -22.33
N GLY B 266 -17.61 0.50 -21.16
CA GLY B 266 -16.84 1.69 -20.86
C GLY B 266 -15.53 1.33 -20.21
N ILE B 267 -14.60 2.29 -20.19
CA ILE B 267 -13.27 2.02 -19.66
C ILE B 267 -13.03 2.82 -18.40
N ASN B 268 -12.41 2.18 -17.42
CA ASN B 268 -12.05 2.74 -16.13
C ASN B 268 -11.33 4.07 -16.27
N ALA B 269 -12.00 5.17 -15.95
CA ALA B 269 -11.36 6.48 -16.02
C ALA B 269 -10.00 6.47 -15.32
N ALA B 270 -9.84 5.63 -14.31
CA ALA B 270 -8.60 5.56 -13.55
C ALA B 270 -7.61 4.55 -14.12
N SER B 271 -7.88 3.99 -15.29
CA SER B 271 -6.99 2.97 -15.82
C SER B 271 -5.73 3.61 -16.39
N PRO B 272 -4.56 3.01 -16.15
CA PRO B 272 -3.33 3.45 -16.81
C PRO B 272 -3.20 2.94 -18.23
N ASN B 273 -4.20 2.21 -18.72
CA ASN B 273 -4.09 1.51 -19.99
C ASN B 273 -5.26 1.86 -20.90
N LYS B 274 -5.68 3.12 -20.95
CA LYS B 274 -6.83 3.49 -21.75
C LYS B 274 -6.69 3.01 -23.20
N GLU B 275 -5.58 3.37 -23.85
CA GLU B 275 -5.41 3.00 -25.25
C GLU B 275 -4.86 1.60 -25.41
N LEU B 276 -4.02 1.14 -24.48
CA LEU B 276 -3.60 -0.26 -24.53
C LEU B 276 -4.79 -1.19 -24.38
N ALA B 277 -5.89 -0.70 -23.82
CA ALA B 277 -7.16 -1.41 -23.82
C ALA B 277 -8.03 -1.05 -25.01
N LYS B 278 -7.84 0.15 -25.59
CA LYS B 278 -8.62 0.54 -26.75
C LYS B 278 -8.22 -0.29 -27.98
N GLU B 279 -6.96 -0.72 -28.05
CA GLU B 279 -6.58 -1.72 -29.03
C GLU B 279 -7.52 -2.92 -28.94
N PHE B 280 -7.72 -3.42 -27.73
CA PHE B 280 -8.63 -4.53 -27.50
C PHE B 280 -10.03 -4.21 -28.00
N LEU B 281 -10.55 -3.05 -27.63
CA LEU B 281 -11.98 -2.77 -27.78
C LEU B 281 -12.33 -2.41 -29.22
N GLU B 282 -11.54 -1.56 -29.87
CA GLU B 282 -11.84 -1.17 -31.24
C GLU B 282 -11.26 -2.14 -32.26
N ASN B 283 -10.08 -2.71 -32.00
CA ASN B 283 -9.39 -3.53 -32.98
C ASN B 283 -9.34 -5.00 -32.62
N TYR B 284 -10.00 -5.42 -31.56
CA TYR B 284 -9.92 -6.83 -31.22
C TYR B 284 -11.27 -7.45 -30.90
N LEU B 285 -12.13 -6.77 -30.14
CA LEU B 285 -13.44 -7.31 -29.80
C LEU B 285 -14.51 -6.87 -30.80
N LEU B 286 -14.63 -5.57 -31.05
CA LEU B 286 -15.56 -5.09 -32.06
C LEU B 286 -15.04 -5.48 -33.45
N THR B 287 -14.75 -6.77 -33.61
CA THR B 287 -14.33 -7.37 -34.84
C THR B 287 -15.11 -8.64 -35.03
N ASP B 288 -15.23 -9.12 -36.25
CA ASP B 288 -15.93 -10.34 -36.45
C ASP B 288 -15.32 -11.55 -35.80
N GLU B 289 -14.02 -11.70 -35.92
CA GLU B 289 -13.37 -12.89 -35.42
C GLU B 289 -13.27 -12.92 -33.91
N GLY B 290 -13.32 -11.77 -33.29
CA GLY B 290 -13.32 -11.76 -31.84
C GLY B 290 -14.69 -12.04 -31.24
N LEU B 291 -15.72 -11.36 -31.76
CA LEU B 291 -17.08 -11.63 -31.30
C LEU B 291 -17.44 -13.10 -31.45
N GLU B 292 -16.92 -13.76 -32.49
CA GLU B 292 -17.12 -15.19 -32.64
C GLU B 292 -16.61 -15.95 -31.41
N ALA B 293 -15.42 -15.59 -30.92
CA ALA B 293 -14.84 -16.28 -29.78
C ALA B 293 -15.75 -16.17 -28.56
N VAL B 294 -16.23 -14.95 -28.27
CA VAL B 294 -17.17 -14.77 -27.17
C VAL B 294 -18.48 -15.49 -27.49
N ASN B 295 -19.05 -15.21 -28.66
CA ASN B 295 -20.31 -15.83 -29.06
C ASN B 295 -20.22 -17.35 -29.03
N LYS B 296 -19.05 -17.91 -29.30
CA LYS B 296 -18.88 -19.36 -29.28
C LYS B 296 -19.03 -19.92 -27.86
N ASP B 297 -18.54 -19.17 -26.86
CA ASP B 297 -18.66 -19.59 -25.47
C ASP B 297 -20.12 -19.53 -25.02
N LYS B 298 -20.63 -18.32 -24.83
CA LYS B 298 -22.05 -18.11 -24.55
C LYS B 298 -22.56 -17.05 -25.52
N PRO B 299 -23.67 -17.30 -26.21
CA PRO B 299 -24.07 -16.41 -27.30
C PRO B 299 -24.29 -14.98 -26.82
N LEU B 300 -23.77 -14.04 -27.61
CA LEU B 300 -23.82 -12.62 -27.29
C LEU B 300 -25.17 -11.99 -27.58
N GLY B 301 -25.94 -12.57 -28.49
CA GLY B 301 -27.14 -11.92 -28.99
C GLY B 301 -26.87 -11.27 -30.32
N ALA B 302 -27.61 -10.22 -30.67
CA ALA B 302 -27.44 -9.53 -31.94
C ALA B 302 -26.31 -8.52 -31.78
N VAL B 303 -25.11 -8.92 -32.20
CA VAL B 303 -23.95 -8.08 -31.95
C VAL B 303 -24.10 -6.75 -32.69
N ALA B 304 -23.41 -5.74 -32.19
CA ALA B 304 -23.52 -4.39 -32.75
C ALA B 304 -22.64 -4.19 -33.97
N LEU B 305 -21.64 -5.05 -34.17
CA LEU B 305 -20.84 -5.01 -35.37
C LEU B 305 -21.70 -5.34 -36.58
N LYS B 306 -21.77 -4.42 -37.54
CA LYS B 306 -22.69 -4.59 -38.66
C LYS B 306 -22.32 -5.79 -39.53
N SER B 307 -21.03 -6.11 -39.64
CA SER B 307 -20.62 -7.18 -40.54
C SER B 307 -20.86 -8.57 -39.96
N TYR B 308 -20.59 -8.77 -38.66
CA TYR B 308 -20.83 -10.08 -38.07
C TYR B 308 -22.32 -10.33 -37.81
N GLU B 309 -23.10 -9.29 -37.55
CA GLU B 309 -24.53 -9.48 -37.35
C GLU B 309 -25.21 -10.04 -38.60
N GLU B 310 -24.65 -9.77 -39.78
CA GLU B 310 -25.20 -10.34 -41.00
C GLU B 310 -25.21 -11.86 -40.95
N GLU B 311 -24.10 -12.45 -40.49
CA GLU B 311 -24.03 -13.91 -40.38
C GLU B 311 -24.92 -14.41 -39.26
N LEU B 312 -24.88 -13.76 -38.09
CA LEU B 312 -25.64 -14.23 -36.95
C LEU B 312 -27.14 -14.03 -37.14
N ALA B 313 -27.54 -12.98 -37.87
CA ALA B 313 -28.96 -12.67 -38.03
C ALA B 313 -29.72 -13.77 -38.76
N LYS B 314 -29.03 -14.65 -39.48
CA LYS B 314 -29.71 -15.75 -40.15
C LYS B 314 -30.22 -16.79 -39.17
N ASP B 315 -29.53 -16.95 -38.03
CA ASP B 315 -29.92 -17.88 -36.98
C ASP B 315 -31.35 -17.60 -36.54
N PRO B 316 -32.26 -18.58 -36.68
CA PRO B 316 -33.66 -18.33 -36.27
C PRO B 316 -33.82 -17.93 -34.81
N ARG B 317 -32.88 -18.32 -33.94
CA ARG B 317 -32.96 -17.91 -32.55
C ARG B 317 -32.76 -16.41 -32.39
N ILE B 318 -31.85 -15.82 -33.17
CA ILE B 318 -31.61 -14.39 -33.09
C ILE B 318 -32.82 -13.63 -33.64
N ALA B 319 -33.33 -14.06 -34.80
CA ALA B 319 -34.54 -13.46 -35.35
C ALA B 319 -35.64 -13.39 -34.29
N ALA B 320 -35.83 -14.45 -33.53
CA ALA B 320 -36.79 -14.42 -32.43
C ALA B 320 -36.37 -13.39 -31.39
N THR B 321 -35.11 -13.43 -30.96
CA THR B 321 -34.62 -12.46 -29.99
C THR B 321 -34.93 -11.04 -30.43
N MET B 322 -34.67 -10.73 -31.72
CA MET B 322 -34.93 -9.40 -32.22
C MET B 322 -36.42 -9.13 -32.39
N GLU B 323 -37.21 -10.17 -32.71
CA GLU B 323 -38.65 -9.99 -32.78
C GLU B 323 -39.20 -9.54 -31.43
N ASN B 324 -38.63 -10.06 -30.33
CA ASN B 324 -39.02 -9.59 -29.01
C ASN B 324 -38.51 -8.17 -28.76
N ALA B 325 -37.28 -7.89 -29.19
CA ALA B 325 -36.70 -6.57 -28.98
C ALA B 325 -37.57 -5.49 -29.63
N GLN B 326 -37.98 -5.72 -30.89
CA GLN B 326 -38.81 -4.72 -31.57
C GLN B 326 -40.06 -4.40 -30.78
N LYS B 327 -40.59 -5.37 -30.03
CA LYS B 327 -41.80 -5.16 -29.26
C LYS B 327 -41.54 -4.49 -27.91
N GLY B 328 -40.29 -4.40 -27.49
CA GLY B 328 -39.92 -3.76 -26.25
C GLY B 328 -39.34 -2.37 -26.47
N GLU B 329 -38.50 -1.95 -25.52
CA GLU B 329 -37.90 -0.62 -25.54
C GLU B 329 -36.46 -0.72 -25.06
N ILE B 330 -35.59 0.12 -25.64
CA ILE B 330 -34.24 0.24 -25.12
C ILE B 330 -34.31 0.89 -23.74
N MET B 331 -33.53 0.34 -22.81
CA MET B 331 -33.54 0.90 -21.47
C MET B 331 -33.01 2.33 -21.50
N PRO B 332 -33.58 3.23 -20.71
CA PRO B 332 -32.89 4.50 -20.47
C PRO B 332 -31.55 4.21 -19.82
N ASN B 333 -30.61 5.13 -19.99
CA ASN B 333 -29.28 4.99 -19.40
C ASN B 333 -29.05 5.96 -18.25
N ILE B 334 -30.10 6.60 -17.76
CA ILE B 334 -29.97 7.75 -16.86
C ILE B 334 -29.53 7.32 -15.47
N PRO B 335 -29.26 8.27 -14.58
CA PRO B 335 -28.81 7.91 -13.23
C PRO B 335 -29.88 7.22 -12.41
N GLN B 336 -31.15 7.59 -12.59
CA GLN B 336 -32.24 7.08 -11.78
C GLN B 336 -32.57 5.61 -12.06
N MET B 337 -31.96 5.00 -13.08
CA MET B 337 -32.22 3.59 -13.38
C MET B 337 -31.98 2.72 -12.14
N SER B 338 -30.84 2.92 -11.48
CA SER B 338 -30.48 2.07 -10.34
C SER B 338 -31.56 2.11 -9.26
N ALA B 339 -32.05 3.31 -8.94
CA ALA B 339 -33.13 3.42 -7.97
C ALA B 339 -34.43 2.83 -8.50
N PHE B 340 -34.64 2.89 -9.82
CA PHE B 340 -35.80 2.25 -10.42
C PHE B 340 -35.72 0.74 -10.28
N TRP B 341 -34.55 0.16 -10.59
CA TRP B 341 -34.43 -1.28 -10.52
C TRP B 341 -34.58 -1.78 -9.09
N TYR B 342 -33.97 -1.08 -8.12
CA TYR B 342 -34.09 -1.51 -6.73
C TYR B 342 -35.54 -1.42 -6.26
N ALA B 343 -36.22 -0.33 -6.58
CA ALA B 343 -37.61 -0.18 -6.15
C ALA B 343 -38.50 -1.27 -6.77
N VAL B 344 -38.32 -1.54 -8.06
CA VAL B 344 -39.15 -2.57 -8.70
C VAL B 344 -38.77 -3.95 -8.20
N ARG B 345 -37.47 -4.20 -8.01
CA ARG B 345 -37.04 -5.47 -7.43
C ARG B 345 -37.72 -5.71 -6.10
N THR B 346 -37.71 -4.71 -5.21
CA THR B 346 -38.37 -4.84 -3.91
C THR B 346 -39.87 -5.07 -4.08
N ALA B 347 -40.48 -4.43 -5.07
CA ALA B 347 -41.93 -4.54 -5.22
C ALA B 347 -42.35 -5.93 -5.67
N VAL B 348 -41.60 -6.52 -6.62
CA VAL B 348 -41.94 -7.86 -7.08
C VAL B 348 -41.74 -8.88 -5.98
N ILE B 349 -40.60 -8.83 -5.31
CA ILE B 349 -40.31 -9.83 -4.28
C ILE B 349 -41.30 -9.73 -3.12
N ASN B 350 -41.65 -8.50 -2.72
CA ASN B 350 -42.57 -8.35 -1.59
C ASN B 350 -43.99 -8.75 -1.95
N ALA B 351 -44.38 -8.58 -3.22
CA ALA B 351 -45.71 -9.06 -3.63
C ALA B 351 -45.69 -10.55 -3.91
N ALA B 352 -44.59 -11.07 -4.47
CA ALA B 352 -44.51 -12.50 -4.72
C ALA B 352 -44.58 -13.29 -3.42
N SER B 353 -43.99 -12.76 -2.35
CA SER B 353 -43.83 -13.47 -1.09
C SER B 353 -45.02 -13.27 -0.14
N GLY B 354 -45.96 -12.41 -0.48
CA GLY B 354 -47.05 -12.07 0.42
C GLY B 354 -46.71 -11.00 1.45
N ARG B 355 -45.45 -10.55 1.50
CA ARG B 355 -45.08 -9.51 2.45
C ARG B 355 -45.88 -8.23 2.23
N GLN B 356 -46.23 -7.92 0.99
CA GLN B 356 -47.02 -6.73 0.69
C GLN B 356 -48.09 -7.10 -0.33
N THR B 357 -49.23 -6.42 -0.24
CA THR B 357 -50.19 -6.48 -1.33
C THR B 357 -49.57 -5.89 -2.60
N VAL B 358 -50.18 -6.20 -3.74
CA VAL B 358 -49.71 -5.66 -5.00
C VAL B 358 -49.80 -4.14 -5.00
N ASP B 359 -50.92 -3.61 -4.49
CA ASP B 359 -51.09 -2.16 -4.43
C ASP B 359 -50.03 -1.52 -3.54
N ALA B 360 -49.81 -2.10 -2.36
CA ALA B 360 -48.84 -1.53 -1.43
C ALA B 360 -47.43 -1.62 -2.00
N ALA B 361 -47.10 -2.73 -2.65
CA ALA B 361 -45.75 -2.92 -3.20
C ALA B 361 -45.46 -1.88 -4.28
N LEU B 362 -46.30 -1.82 -5.31
CA LEU B 362 -46.04 -0.90 -6.42
C LEU B 362 -46.17 0.55 -5.98
N ALA B 363 -47.04 0.84 -5.00
CA ALA B 363 -47.13 2.20 -4.48
C ALA B 363 -45.81 2.62 -3.86
N ALA B 364 -45.24 1.76 -3.02
CA ALA B 364 -43.91 2.02 -2.48
C ALA B 364 -42.90 2.17 -3.60
N ALA B 365 -42.96 1.30 -4.61
CA ALA B 365 -42.01 1.36 -5.70
C ALA B 365 -42.08 2.70 -6.42
N GLN B 366 -43.29 3.18 -6.70
CA GLN B 366 -43.46 4.41 -7.47
C GLN B 366 -42.84 5.62 -6.78
N THR B 367 -42.78 5.61 -5.45
CA THR B 367 -42.17 6.72 -4.73
C THR B 367 -40.66 6.57 -4.65
N ASN B 368 -40.15 5.34 -4.70
CA ASN B 368 -38.72 5.10 -4.62
C ASN B 368 -38.02 5.19 -5.97
N ALA B 369 -38.74 4.96 -7.07
CA ALA B 369 -38.13 4.91 -8.39
C ALA B 369 -37.37 6.20 -8.73
N ALA B 370 -37.61 7.29 -8.02
CA ALA B 370 -36.91 8.54 -8.29
C ALA B 370 -36.29 9.14 -7.02
N ARG B 371 -36.33 8.41 -5.91
CA ARG B 371 -35.73 8.88 -4.67
C ARG B 371 -34.32 9.38 -4.91
N ARG B 372 -34.01 10.56 -4.36
CA ARG B 372 -32.70 11.15 -4.49
C ARG B 372 -31.76 10.57 -3.44
N LYS B 373 -30.56 10.17 -3.87
CA LYS B 373 -29.53 9.70 -2.94
C LYS B 373 -28.78 10.91 -2.38
N PRO B 374 -28.72 11.10 -1.07
CA PRO B 374 -28.03 12.27 -0.53
C PRO B 374 -26.57 12.26 -0.92
N SER B 375 -26.04 13.45 -1.18
CA SER B 375 -24.65 13.57 -1.60
C SER B 375 -23.70 13.38 -0.43
N TRP B 376 -22.43 13.14 -0.73
CA TRP B 376 -21.42 13.03 0.32
C TRP B 376 -21.43 14.28 1.20
N ARG B 377 -21.33 15.46 0.58
CA ARG B 377 -21.38 16.70 1.36
C ARG B 377 -22.63 16.78 2.21
N GLU B 378 -23.77 16.34 1.67
CA GLU B 378 -25.01 16.37 2.45
C GLU B 378 -24.91 15.44 3.67
N ARG B 379 -24.41 14.23 3.48
CA ARG B 379 -24.17 13.36 4.63
C ARG B 379 -23.20 14.02 5.61
N GLU B 380 -22.15 14.65 5.09
CA GLU B 380 -21.18 15.29 5.97
C GLU B 380 -21.77 16.51 6.66
N ASN B 381 -22.65 17.24 5.97
CA ASN B 381 -23.37 18.33 6.64
C ASN B 381 -24.08 17.79 7.88
N ASN B 382 -24.91 16.76 7.70
CA ASN B 382 -25.64 16.20 8.83
C ASN B 382 -24.68 15.75 9.93
N ARG B 383 -23.68 14.94 9.55
CA ARG B 383 -22.73 14.41 10.52
C ARG B 383 -22.14 15.53 11.37
N ARG B 384 -21.72 16.63 10.73
CA ARG B 384 -21.09 17.72 11.45
C ARG B 384 -22.08 18.48 12.31
N ARG B 385 -23.28 18.73 11.79
CA ARG B 385 -24.29 19.44 12.57
C ARG B 385 -24.56 18.73 13.89
N GLU B 386 -24.70 17.42 13.86
CA GLU B 386 -25.01 16.69 15.08
C GLU B 386 -23.78 16.57 15.98
N ARG B 387 -22.58 16.49 15.40
CA ARG B 387 -21.37 16.53 16.21
C ARG B 387 -21.29 17.84 16.99
N ARG B 388 -21.61 18.95 16.32
CA ARG B 388 -21.68 20.25 16.98
C ARG B 388 -22.71 20.24 18.12
N ARG B 389 -23.91 19.73 17.83
CA ARG B 389 -24.99 19.75 18.81
C ARG B 389 -24.59 19.00 20.09
N ARG B 390 -24.03 17.81 19.94
CA ARG B 390 -23.62 17.05 21.11
C ARG B 390 -22.46 17.73 21.85
N ALA B 391 -21.52 18.31 21.11
CA ALA B 391 -20.40 18.97 21.75
C ALA B 391 -20.85 20.15 22.59
N VAL B 392 -21.94 20.82 22.18
CA VAL B 392 -22.45 21.96 22.93
C VAL B 392 -23.11 21.49 24.22
N ALA B 393 -23.96 20.46 24.11
CA ALA B 393 -24.59 19.90 25.30
C ALA B 393 -23.56 19.35 26.28
N ALA B 394 -22.57 18.60 25.76
CA ALA B 394 -21.59 17.99 26.66
C ALA B 394 -20.79 19.04 27.42
N LYS B 395 -20.56 20.21 26.80
CA LYS B 395 -19.88 21.29 27.53
C LYS B 395 -20.79 21.89 28.59
N ILE B 396 -22.09 22.03 28.28
CA ILE B 396 -23.02 22.55 29.28
C ILE B 396 -23.03 21.66 30.52
N TYR B 397 -23.25 20.36 30.32
CA TYR B 397 -23.32 19.44 31.46
C TYR B 397 -21.99 19.29 32.17
N THR B 398 -20.88 19.35 31.44
CA THR B 398 -19.58 19.36 32.10
C THR B 398 -19.48 20.53 33.07
N GLY B 399 -19.90 21.72 32.64
CA GLY B 399 -19.87 22.88 33.52
C GLY B 399 -20.84 22.77 34.67
N LEU B 400 -22.06 22.30 34.41
CA LEU B 400 -23.03 22.13 35.48
C LEU B 400 -22.51 21.17 36.55
N ARG B 401 -21.91 20.06 36.12
CA ARG B 401 -21.38 19.09 37.08
C ARG B 401 -20.22 19.68 37.89
N ALA B 402 -19.40 20.50 37.23
CA ALA B 402 -18.20 21.02 37.90
C ALA B 402 -18.55 22.11 38.92
N GLN B 403 -19.31 23.12 38.49
CA GLN B 403 -19.57 24.29 39.33
C GLN B 403 -20.98 24.32 39.92
N GLY B 404 -21.79 23.31 39.66
CA GLY B 404 -23.17 23.31 40.13
C GLY B 404 -23.31 23.06 41.62
N ASP B 405 -22.51 22.13 42.14
CA ASP B 405 -22.57 21.74 43.55
C ASP B 405 -23.95 21.22 43.93
N TYR B 406 -24.68 20.69 42.94
CA TYR B 406 -25.96 20.04 43.22
C TYR B 406 -25.75 18.80 44.08
N ASN B 407 -26.84 18.35 44.72
CA ASN B 407 -26.81 17.13 45.53
C ASN B 407 -27.11 15.94 44.63
N LEU B 408 -26.10 15.49 43.91
CA LEU B 408 -26.25 14.43 42.92
C LEU B 408 -25.57 13.15 43.38
N PRO B 409 -25.99 12.00 42.86
CA PRO B 409 -25.30 10.75 43.18
C PRO B 409 -23.91 10.72 42.58
N LYS B 410 -23.03 9.96 43.24
CA LYS B 410 -21.63 9.86 42.81
C LYS B 410 -21.52 9.65 41.30
N HIS B 411 -22.42 8.85 40.73
CA HIS B 411 -22.48 8.68 39.29
C HIS B 411 -23.94 8.75 38.85
N CYS B 412 -24.21 9.58 37.85
CA CYS B 412 -25.58 9.80 37.40
C CYS B 412 -25.53 10.32 35.97
N ASP B 413 -26.62 10.09 35.24
CA ASP B 413 -26.69 10.55 33.85
C ASP B 413 -26.99 12.05 33.80
N ASN B 414 -26.92 12.60 32.60
CA ASN B 414 -27.17 14.03 32.43
C ASN B 414 -28.59 14.40 32.82
N ASN B 415 -29.54 13.47 32.70
CA ASN B 415 -30.91 13.78 33.06
C ASN B 415 -31.02 14.16 34.54
N GLU B 416 -30.24 13.50 35.40
CA GLU B 416 -30.24 13.88 36.81
C GLU B 416 -29.69 15.29 36.99
N VAL B 417 -28.61 15.62 36.27
CA VAL B 417 -28.10 16.99 36.28
C VAL B 417 -29.17 17.96 35.82
N LEU B 418 -29.81 17.65 34.68
CA LEU B 418 -30.87 18.52 34.17
C LEU B 418 -31.97 18.71 35.20
N LYS B 419 -32.33 17.65 35.93
CA LYS B 419 -33.35 17.79 36.97
C LYS B 419 -32.89 18.73 38.07
N ALA B 420 -31.64 18.61 38.52
CA ALA B 420 -31.14 19.50 39.57
C ALA B 420 -30.95 20.92 39.07
N LEU B 421 -30.81 21.12 37.76
CA LEU B 421 -30.83 22.46 37.21
C LEU B 421 -32.25 23.00 37.11
N CYS B 422 -33.24 22.12 36.90
CA CYS B 422 -34.63 22.55 36.82
C CYS B 422 -35.12 23.04 38.17
N VAL B 423 -34.94 22.25 39.22
CA VAL B 423 -35.42 22.65 40.54
C VAL B 423 -34.74 23.95 40.96
N GLU B 424 -33.44 24.09 40.68
CA GLU B 424 -32.74 25.31 41.00
C GLU B 424 -33.43 26.52 40.40
N ALA B 425 -33.88 26.40 39.15
CA ALA B 425 -34.66 27.44 38.49
C ALA B 425 -36.12 27.46 38.94
N GLY B 426 -36.43 26.79 40.05
CA GLY B 426 -37.78 26.82 40.58
C GLY B 426 -38.78 25.93 39.89
N TRP B 427 -38.32 24.96 39.10
CA TRP B 427 -39.22 23.96 38.55
C TRP B 427 -39.26 22.74 39.47
N VAL B 428 -40.32 21.95 39.33
CA VAL B 428 -40.41 20.63 39.94
C VAL B 428 -40.51 19.61 38.82
N VAL B 429 -39.62 18.64 38.81
CA VAL B 429 -39.59 17.58 37.80
C VAL B 429 -40.13 16.31 38.42
N GLU B 430 -41.09 15.68 37.74
CA GLU B 430 -41.62 14.42 38.21
C GLU B 430 -40.61 13.30 37.97
N GLU B 431 -41.01 12.08 38.32
CA GLU B 431 -40.11 10.94 38.14
C GLU B 431 -39.89 10.64 36.67
N ASP B 432 -40.95 10.75 35.85
CA ASP B 432 -40.89 10.42 34.43
C ASP B 432 -40.59 11.61 33.54
N GLY B 433 -40.25 12.77 34.11
CA GLY B 433 -39.88 13.93 33.33
C GLY B 433 -40.93 15.03 33.28
N THR B 434 -42.20 14.71 33.54
CA THR B 434 -43.22 15.76 33.57
C THR B 434 -42.76 16.92 34.43
N THR B 435 -42.75 18.12 33.85
CA THR B 435 -42.09 19.27 34.43
C THR B 435 -43.03 20.46 34.44
N TYR B 436 -42.85 21.33 35.44
CA TYR B 436 -43.69 22.52 35.58
C TYR B 436 -43.12 23.41 36.68
N ARG B 437 -43.44 24.71 36.57
CA ARG B 437 -43.00 25.69 37.55
C ARG B 437 -43.63 25.45 38.91
N MET E 1 -0.18 1.45 5.11
CA MET E 1 0.12 2.73 4.48
C MET E 1 -1.04 3.18 3.59
N LYS E 2 -1.94 2.24 3.30
CA LYS E 2 -3.10 2.56 2.48
C LYS E 2 -3.92 3.67 3.12
N ILE E 3 -4.32 4.65 2.30
CA ILE E 3 -5.12 5.76 2.78
C ILE E 3 -6.43 5.23 3.36
N GLU E 4 -6.89 5.86 4.46
CA GLU E 4 -8.14 5.48 5.09
C GLU E 4 -9.13 6.63 5.06
N GLU E 5 -10.41 6.28 4.94
CA GLU E 5 -11.46 7.28 4.86
C GLU E 5 -11.75 7.89 6.22
N GLY E 6 -12.17 9.15 6.20
CA GLY E 6 -12.41 9.90 7.43
C GLY E 6 -11.17 10.54 8.04
N LYS E 7 -10.02 10.44 7.39
CA LYS E 7 -8.81 11.10 7.85
C LYS E 7 -8.07 11.66 6.64
N LEU E 8 -7.14 12.59 6.90
CA LEU E 8 -6.29 13.16 5.87
C LEU E 8 -4.83 12.94 6.23
N VAL E 9 -4.04 12.49 5.26
CA VAL E 9 -2.58 12.42 5.41
C VAL E 9 -1.97 13.32 4.34
N ILE E 10 -1.06 14.20 4.77
CA ILE E 10 -0.44 15.20 3.91
C ILE E 10 1.06 14.99 3.92
N TRP E 11 1.69 15.11 2.75
CA TRP E 11 3.15 15.05 2.63
C TRP E 11 3.65 16.39 2.13
N ILE E 12 4.56 17.00 2.89
CA ILE E 12 5.22 18.24 2.53
C ILE E 12 6.71 18.05 2.80
N ASN E 13 7.53 18.83 2.08
CA ASN E 13 8.97 18.63 2.20
C ASN E 13 9.48 19.12 3.55
N GLY E 14 10.64 18.59 3.94
CA GLY E 14 11.19 18.81 5.26
C GLY E 14 11.73 20.22 5.51
N ASP E 15 11.91 21.03 4.47
CA ASP E 15 12.39 22.39 4.65
C ASP E 15 11.26 23.41 4.72
N LYS E 16 10.01 22.97 4.58
CA LYS E 16 8.86 23.85 4.68
C LYS E 16 8.25 23.78 6.08
N GLY E 17 7.30 24.69 6.34
CA GLY E 17 6.68 24.78 7.65
C GLY E 17 5.67 23.68 7.96
N TYR E 18 6.14 22.43 8.06
CA TYR E 18 5.21 21.33 8.31
C TYR E 18 4.54 21.45 9.67
N ASN E 19 5.17 22.12 10.63
CA ASN E 19 4.52 22.26 11.93
C ASN E 19 3.40 23.29 11.92
N GLY E 20 3.53 24.36 11.13
CA GLY E 20 2.42 25.28 10.98
C GLY E 20 1.30 24.72 10.14
N LEU E 21 1.63 23.91 9.14
CA LEU E 21 0.59 23.24 8.37
C LEU E 21 -0.16 22.24 9.23
N ALA E 22 0.51 21.64 10.22
CA ALA E 22 -0.19 20.76 11.14
C ALA E 22 -1.15 21.53 12.03
N GLU E 23 -0.82 22.79 12.37
CA GLU E 23 -1.76 23.62 13.12
C GLU E 23 -3.02 23.88 12.31
N VAL E 24 -2.87 24.18 11.01
CA VAL E 24 -4.04 24.24 10.14
C VAL E 24 -4.81 22.92 10.23
N GLY E 25 -4.07 21.80 10.18
CA GLY E 25 -4.71 20.51 10.34
C GLY E 25 -5.45 20.39 11.65
N LYS E 26 -4.83 20.84 12.74
CA LYS E 26 -5.48 20.77 14.04
C LYS E 26 -6.75 21.61 14.09
N LYS E 27 -6.77 22.75 13.37
CA LYS E 27 -7.99 23.55 13.34
C LYS E 27 -9.07 22.85 12.53
N PHE E 28 -8.71 22.24 11.41
CA PHE E 28 -9.68 21.45 10.66
C PHE E 28 -10.29 20.36 11.52
N GLU E 29 -9.44 19.61 12.24
CA GLU E 29 -9.95 18.56 13.12
C GLU E 29 -10.93 19.12 14.15
N LYS E 30 -10.60 20.28 14.72
CA LYS E 30 -11.50 20.91 15.69
C LYS E 30 -12.87 21.17 15.09
N ASP E 31 -12.91 21.67 13.86
CA ASP E 31 -14.17 22.11 13.25
C ASP E 31 -15.00 20.94 12.74
N THR E 32 -14.36 19.89 12.23
CA THR E 32 -15.05 18.83 11.50
C THR E 32 -14.95 17.45 12.13
N GLY E 33 -14.00 17.21 13.03
CA GLY E 33 -13.72 15.88 13.54
C GLY E 33 -12.72 15.10 12.72
N ILE E 34 -12.20 15.67 11.63
CA ILE E 34 -11.36 14.94 10.69
C ILE E 34 -9.90 15.11 11.09
N LYS E 35 -9.30 14.04 11.58
CA LYS E 35 -7.88 14.06 11.92
C LYS E 35 -7.02 14.32 10.68
N VAL E 36 -6.02 15.16 10.84
CA VAL E 36 -5.08 15.52 9.77
C VAL E 36 -3.68 15.20 10.25
N THR E 37 -2.94 14.44 9.46
CA THR E 37 -1.58 14.03 9.81
C THR E 37 -0.63 14.59 8.76
N VAL E 38 0.33 15.40 9.20
CA VAL E 38 1.32 15.98 8.32
C VAL E 38 2.63 15.24 8.52
N GLU E 39 3.18 14.71 7.42
CA GLU E 39 4.46 14.03 7.41
C GLU E 39 5.36 14.68 6.36
N HIS E 40 6.66 14.56 6.56
CA HIS E 40 7.66 15.13 5.65
C HIS E 40 8.71 14.08 5.30
N PRO E 41 8.29 13.02 4.61
CA PRO E 41 9.24 11.94 4.30
C PRO E 41 10.38 12.43 3.40
N ASP E 42 11.54 11.83 3.62
CA ASP E 42 12.72 12.12 2.81
C ASP E 42 12.49 11.70 1.36
N LYS E 43 12.93 12.56 0.44
CA LYS E 43 12.84 12.26 -0.99
C LYS E 43 11.39 12.00 -1.40
N LEU E 44 10.46 12.74 -0.79
CA LEU E 44 9.05 12.47 -1.03
C LEU E 44 8.68 12.66 -2.50
N GLU E 45 9.41 13.51 -3.23
CA GLU E 45 9.07 13.69 -4.64
C GLU E 45 9.40 12.45 -5.47
N GLU E 46 10.30 11.60 -5.00
CA GLU E 46 10.51 10.30 -5.62
C GLU E 46 9.59 9.25 -5.02
N LYS E 47 9.33 9.31 -3.72
CA LYS E 47 8.51 8.30 -3.06
C LYS E 47 7.06 8.35 -3.54
N PHE E 48 6.52 9.54 -3.73
CA PHE E 48 5.11 9.69 -4.03
C PHE E 48 4.71 8.82 -5.22
N PRO E 49 5.30 9.03 -6.40
CA PRO E 49 4.87 8.26 -7.58
C PRO E 49 4.94 6.76 -7.35
N GLN E 50 5.91 6.29 -6.55
CA GLN E 50 6.02 4.86 -6.28
C GLN E 50 4.86 4.36 -5.41
N VAL E 51 4.63 5.00 -4.26
CA VAL E 51 3.61 4.50 -3.33
C VAL E 51 2.22 4.78 -3.87
N ALA E 52 2.01 5.94 -4.49
CA ALA E 52 0.69 6.27 -5.02
C ALA E 52 0.26 5.26 -6.07
N ALA E 53 1.20 4.80 -6.91
CA ALA E 53 0.87 3.84 -7.95
C ALA E 53 0.32 2.54 -7.35
N THR E 54 0.89 2.10 -6.23
CA THR E 54 0.39 0.92 -5.55
C THR E 54 -0.81 1.22 -4.66
N GLY E 55 -1.42 2.40 -4.81
CA GLY E 55 -2.56 2.78 -4.01
C GLY E 55 -2.24 3.28 -2.63
N ASP E 56 -0.98 3.22 -2.20
CA ASP E 56 -0.59 3.81 -0.92
C ASP E 56 -0.43 5.32 -1.08
N GLY E 57 0.28 5.94 -0.15
CA GLY E 57 0.58 7.34 -0.28
C GLY E 57 -0.45 8.24 0.36
N PRO E 58 -0.14 9.52 0.45
CA PRO E 58 -0.99 10.45 1.21
C PRO E 58 -2.16 10.94 0.36
N ASP E 59 -3.08 11.64 1.04
CA ASP E 59 -4.20 12.26 0.36
C ASP E 59 -3.76 13.51 -0.40
N ILE E 60 -2.84 14.27 0.18
CA ILE E 60 -2.37 15.53 -0.36
C ILE E 60 -0.85 15.50 -0.39
N ILE E 61 -0.27 15.97 -1.50
CA ILE E 61 1.19 16.05 -1.63
C ILE E 61 1.58 17.46 -2.05
N PHE E 62 2.52 18.04 -1.29
CA PHE E 62 3.10 19.35 -1.61
C PHE E 62 4.45 19.18 -2.27
N TRP E 63 4.65 19.89 -3.37
CA TRP E 63 5.95 20.04 -3.99
C TRP E 63 5.86 21.23 -4.93
N ALA E 64 7.01 21.69 -5.40
CA ALA E 64 6.97 22.72 -6.44
C ALA E 64 6.30 22.17 -7.68
N HIS E 65 5.65 23.05 -8.44
CA HIS E 65 4.79 22.61 -9.53
C HIS E 65 5.52 21.79 -10.59
N ASP E 66 6.86 21.80 -10.62
CA ASP E 66 7.56 21.21 -11.76
C ASP E 66 7.43 19.68 -11.80
N ARG E 67 7.20 19.02 -10.67
CA ARG E 67 7.02 17.57 -10.66
C ARG E 67 5.62 17.13 -11.08
N PHE E 68 4.62 18.01 -10.99
CA PHE E 68 3.24 17.55 -11.03
C PHE E 68 2.83 17.07 -12.40
N GLY E 69 3.46 17.56 -13.47
CA GLY E 69 3.15 17.05 -14.80
C GLY E 69 3.46 15.57 -14.94
N GLY E 70 4.62 15.14 -14.41
CA GLY E 70 4.90 13.72 -14.38
C GLY E 70 3.87 12.94 -13.59
N TYR E 71 3.43 13.49 -12.46
CA TYR E 71 2.41 12.82 -11.65
C TYR E 71 1.10 12.69 -12.40
N ALA E 72 0.63 13.79 -13.00
CA ALA E 72 -0.63 13.73 -13.73
C ALA E 72 -0.50 12.82 -14.95
N GLN E 73 0.63 12.90 -15.66
CA GLN E 73 0.83 12.01 -16.80
C GLN E 73 0.77 10.55 -16.38
N SER E 74 1.16 10.24 -15.15
CA SER E 74 1.09 8.88 -14.63
C SER E 74 -0.27 8.52 -14.06
N GLY E 75 -1.24 9.43 -14.07
CA GLY E 75 -2.54 9.17 -13.48
C GLY E 75 -2.55 9.17 -11.97
N LEU E 76 -1.64 9.90 -11.33
CA LEU E 76 -1.55 9.89 -9.88
C LEU E 76 -2.33 11.03 -9.22
N LEU E 77 -2.78 12.01 -9.97
CA LEU E 77 -3.42 13.17 -9.38
C LEU E 77 -4.89 13.26 -9.79
N ALA E 78 -5.69 13.87 -8.93
CA ALA E 78 -7.08 14.16 -9.23
C ALA E 78 -7.19 15.57 -9.81
N GLU E 79 -8.07 15.73 -10.79
CA GLU E 79 -8.28 17.05 -11.35
C GLU E 79 -8.83 17.99 -10.28
N ILE E 80 -8.42 19.25 -10.36
CA ILE E 80 -8.84 20.28 -9.41
C ILE E 80 -9.84 21.19 -10.12
N THR E 81 -11.01 21.37 -9.52
CA THR E 81 -12.13 22.10 -10.12
C THR E 81 -12.66 23.11 -9.12
N PRO E 82 -11.91 24.16 -8.84
CA PRO E 82 -12.41 25.21 -7.96
C PRO E 82 -13.50 26.02 -8.65
N ALA E 83 -14.37 26.62 -7.83
CA ALA E 83 -15.35 27.54 -8.36
C ALA E 83 -14.66 28.79 -8.90
N ALA E 84 -15.35 29.47 -9.83
CA ALA E 84 -14.81 30.71 -10.37
C ALA E 84 -14.45 31.67 -9.24
N ALA E 85 -15.37 31.84 -8.28
CA ALA E 85 -15.11 32.71 -7.13
C ALA E 85 -13.77 32.38 -6.50
N PHE E 86 -13.55 31.12 -6.15
CA PHE E 86 -12.29 30.78 -5.49
C PHE E 86 -11.12 30.97 -6.43
N GLN E 87 -11.27 30.60 -7.71
CA GLN E 87 -10.18 30.77 -8.66
C GLN E 87 -9.72 32.23 -8.69
N ASP E 88 -10.67 33.16 -8.58
CA ASP E 88 -10.32 34.58 -8.65
C ASP E 88 -9.53 35.06 -7.43
N LYS E 89 -9.49 34.27 -6.35
CA LYS E 89 -8.80 34.69 -5.14
C LYS E 89 -7.29 34.51 -5.22
N LEU E 90 -6.78 33.78 -6.21
CA LEU E 90 -5.36 33.56 -6.42
C LEU E 90 -4.94 34.18 -7.74
N TYR E 91 -3.66 34.55 -7.85
CA TYR E 91 -3.21 35.22 -9.07
C TYR E 91 -3.29 34.28 -10.26
N PRO E 92 -3.78 34.76 -11.41
CA PRO E 92 -3.86 33.89 -12.60
C PRO E 92 -2.59 33.10 -12.89
N PHE E 93 -1.42 33.75 -12.87
CA PHE E 93 -0.20 33.04 -13.24
C PHE E 93 0.10 31.87 -12.31
N THR E 94 -0.38 31.89 -11.07
CA THR E 94 -0.14 30.72 -10.22
C THR E 94 -0.99 29.54 -10.67
N TRP E 95 -2.19 29.79 -11.20
CA TRP E 95 -2.99 28.73 -11.80
C TRP E 95 -2.28 28.16 -13.04
N ASP E 96 -1.75 29.04 -13.89
CA ASP E 96 -1.00 28.59 -15.07
C ASP E 96 0.03 27.53 -14.70
N ALA E 97 0.78 27.75 -13.61
CA ALA E 97 1.87 26.85 -13.25
C ALA E 97 1.38 25.43 -12.94
N VAL E 98 0.12 25.27 -12.56
CA VAL E 98 -0.43 23.97 -12.25
C VAL E 98 -1.46 23.52 -13.29
N ARG E 99 -1.46 24.12 -14.48
CA ARG E 99 -2.31 23.65 -15.56
C ARG E 99 -1.50 22.69 -16.42
N TYR E 100 -2.04 21.49 -16.64
CA TYR E 100 -1.35 20.45 -17.41
C TYR E 100 -2.34 19.84 -18.39
N ASN E 101 -2.02 19.94 -19.69
CA ASN E 101 -2.90 19.46 -20.75
C ASN E 101 -4.32 19.98 -20.55
N GLY E 102 -4.43 21.28 -20.24
CA GLY E 102 -5.70 21.96 -20.17
C GLY E 102 -6.44 21.80 -18.86
N LYS E 103 -5.91 21.02 -17.92
CA LYS E 103 -6.60 20.75 -16.66
C LYS E 103 -5.75 21.23 -15.50
N LEU E 104 -6.40 21.79 -14.49
CA LEU E 104 -5.73 22.09 -13.23
C LEU E 104 -5.46 20.79 -12.47
N ILE E 105 -4.22 20.62 -11.99
CA ILE E 105 -3.84 19.38 -11.33
C ILE E 105 -3.33 19.60 -9.91
N ALA E 106 -3.39 20.83 -9.41
CA ALA E 106 -3.03 21.09 -8.02
C ALA E 106 -3.49 22.49 -7.66
N TYR E 107 -3.45 22.78 -6.39
CA TYR E 107 -3.71 24.11 -5.89
C TYR E 107 -2.40 24.86 -5.72
N PRO E 108 -2.24 26.03 -6.32
CA PRO E 108 -1.00 26.81 -6.10
C PRO E 108 -1.02 27.45 -4.74
N ILE E 109 0.14 27.44 -4.07
CA ILE E 109 0.28 27.94 -2.71
C ILE E 109 1.16 29.18 -2.67
N ALA E 110 2.39 29.08 -3.15
CA ALA E 110 3.37 30.13 -2.94
C ALA E 110 4.40 30.14 -4.07
N VAL E 111 4.95 31.32 -4.33
CA VAL E 111 5.95 31.53 -5.38
C VAL E 111 7.32 31.56 -4.72
N GLU E 112 8.19 30.63 -5.13
CA GLU E 112 9.53 30.50 -4.59
C GLU E 112 10.55 30.95 -5.63
N ALA E 113 11.51 31.77 -5.20
CA ALA E 113 12.70 32.05 -5.99
C ALA E 113 13.89 32.20 -5.03
N LEU E 114 15.05 31.75 -5.49
CA LEU E 114 16.29 31.91 -4.71
C LEU E 114 16.74 33.36 -4.72
N SER E 115 17.33 33.81 -3.60
CA SER E 115 17.96 35.11 -3.52
C SER E 115 19.37 34.96 -2.94
N LEU E 116 20.13 36.05 -3.01
CA LEU E 116 21.40 36.16 -2.32
C LEU E 116 21.14 36.61 -0.89
N ILE E 117 21.62 35.83 0.08
CA ILE E 117 21.50 36.15 1.48
C ILE E 117 22.89 36.47 2.00
N TYR E 118 23.05 37.64 2.62
CA TYR E 118 24.35 38.13 3.03
C TYR E 118 24.33 38.55 4.49
N ASN E 119 25.53 38.56 5.06
CA ASN E 119 25.79 38.96 6.44
C ASN E 119 26.10 40.46 6.43
N LYS E 120 25.17 41.27 6.96
CA LYS E 120 25.37 42.72 6.91
C LYS E 120 26.61 43.14 7.70
N ASP E 121 26.89 42.47 8.82
CA ASP E 121 28.06 42.83 9.63
C ASP E 121 29.36 42.51 8.88
N LEU E 122 29.44 41.34 8.26
CA LEU E 122 30.63 40.97 7.51
C LEU E 122 30.70 41.71 6.17
N LEU E 123 29.55 42.11 5.64
CA LEU E 123 29.46 42.55 4.25
C LEU E 123 28.37 43.62 4.17
N PRO E 124 28.66 44.83 4.65
CA PRO E 124 27.65 45.89 4.58
C PRO E 124 27.10 46.08 3.18
N ASN E 125 27.98 46.10 2.18
CA ASN E 125 27.58 46.25 0.78
C ASN E 125 27.85 44.94 0.05
N PRO E 126 26.82 44.18 -0.30
CA PRO E 126 27.06 42.88 -0.95
C PRO E 126 27.51 43.05 -2.39
N PRO E 127 28.12 42.02 -2.98
CA PRO E 127 28.63 42.13 -4.35
C PRO E 127 27.52 42.06 -5.39
N LYS E 128 27.67 42.87 -6.43
CA LYS E 128 26.75 42.86 -7.56
C LYS E 128 27.11 41.83 -8.62
N THR E 129 28.34 41.34 -8.63
CA THR E 129 28.82 40.44 -9.67
C THR E 129 29.35 39.15 -9.06
N TRP E 130 29.24 38.06 -9.84
CA TRP E 130 29.95 36.84 -9.49
C TRP E 130 31.46 37.01 -9.63
N GLU E 131 31.88 37.86 -10.57
CA GLU E 131 33.30 38.02 -10.88
C GLU E 131 34.09 38.64 -9.73
N GLU E 132 33.43 39.34 -8.81
CA GLU E 132 34.12 39.91 -7.65
C GLU E 132 34.16 38.98 -6.45
N ILE E 133 33.45 37.83 -6.51
CA ILE E 133 33.47 36.91 -5.38
C ILE E 133 34.85 36.36 -5.10
N PRO E 134 35.61 35.85 -6.08
CA PRO E 134 36.95 35.33 -5.78
C PRO E 134 37.79 36.28 -4.94
N ALA E 135 37.96 37.53 -5.38
CA ALA E 135 38.72 38.49 -4.60
C ALA E 135 38.07 38.74 -3.25
N LEU E 136 36.74 38.79 -3.20
CA LEU E 136 36.07 38.95 -1.91
C LEU E 136 36.41 37.80 -0.99
N ASP E 137 36.44 36.57 -1.52
CA ASP E 137 36.78 35.41 -0.71
C ASP E 137 38.20 35.49 -0.17
N LYS E 138 39.11 36.15 -0.92
CA LYS E 138 40.48 36.29 -0.44
C LYS E 138 40.55 37.20 0.79
N GLU E 139 39.92 38.38 0.71
CA GLU E 139 39.89 39.26 1.87
C GLU E 139 39.28 38.58 3.09
N LEU E 140 38.23 37.77 2.88
CA LEU E 140 37.55 37.16 4.01
C LEU E 140 38.32 35.97 4.57
N LYS E 141 39.03 35.23 3.71
CA LYS E 141 39.83 34.11 4.20
C LYS E 141 40.88 34.57 5.19
N ALA E 142 41.38 35.81 5.04
CA ALA E 142 42.36 36.33 5.98
C ALA E 142 41.75 36.59 7.35
N LYS E 143 40.44 36.87 7.40
CA LYS E 143 39.71 37.05 8.64
C LYS E 143 39.12 35.75 9.17
N GLY E 144 39.61 34.60 8.70
CA GLY E 144 39.06 33.32 9.09
C GLY E 144 37.66 33.04 8.59
N LYS E 145 37.15 33.81 7.63
CA LYS E 145 35.81 33.64 7.10
C LYS E 145 35.86 33.22 5.63
N SER E 146 34.68 32.98 5.07
CA SER E 146 34.47 32.57 3.70
C SER E 146 33.52 33.53 3.00
N ALA E 147 33.58 33.55 1.66
CA ALA E 147 32.72 34.46 0.91
C ALA E 147 31.35 33.87 0.63
N LEU E 148 31.27 32.66 0.07
CA LEU E 148 30.00 32.12 -0.41
C LEU E 148 29.92 30.62 -0.15
N MET E 149 28.78 30.18 0.39
CA MET E 149 28.51 28.76 0.55
C MET E 149 27.05 28.48 0.23
N PHE E 150 26.81 27.56 -0.69
CA PHE E 150 25.45 27.16 -1.03
C PHE E 150 25.46 25.72 -1.50
N ASN E 151 24.28 25.13 -1.62
CA ASN E 151 24.12 23.71 -1.90
C ASN E 151 24.59 23.39 -3.31
N LEU E 152 25.69 22.66 -3.44
CA LEU E 152 26.20 22.24 -4.73
C LEU E 152 25.65 20.89 -5.16
N GLN E 153 24.88 20.22 -4.31
CA GLN E 153 24.38 18.88 -4.59
C GLN E 153 23.01 18.89 -5.29
N GLU E 154 22.29 20.01 -5.24
CA GLU E 154 21.00 20.13 -5.92
C GLU E 154 21.12 21.17 -7.02
N PRO E 155 21.02 20.80 -8.29
CA PRO E 155 21.23 21.76 -9.39
C PRO E 155 20.33 22.98 -9.32
N TYR E 156 19.22 22.89 -8.56
CA TYR E 156 18.36 24.04 -8.33
C TYR E 156 19.16 25.28 -7.94
N PHE E 157 20.19 25.11 -7.09
CA PHE E 157 20.95 26.22 -6.56
C PHE E 157 22.03 26.72 -7.48
N THR E 158 22.48 25.89 -8.44
CA THR E 158 23.47 26.32 -9.42
C THR E 158 22.84 26.82 -10.70
N TRP E 159 21.57 26.50 -10.94
CA TRP E 159 20.92 26.88 -12.18
C TRP E 159 20.95 28.38 -12.45
N PRO E 160 20.73 29.27 -11.48
CA PRO E 160 20.76 30.71 -11.80
C PRO E 160 22.06 31.14 -12.47
N LEU E 161 23.20 30.60 -12.02
CA LEU E 161 24.46 30.93 -12.66
C LEU E 161 24.58 30.25 -14.03
N ILE E 162 24.06 29.02 -14.15
CA ILE E 162 24.15 28.33 -15.43
C ILE E 162 23.29 29.02 -16.48
N ALA E 163 22.15 29.58 -16.08
CA ALA E 163 21.25 30.22 -17.04
C ALA E 163 21.62 31.67 -17.33
N ALA E 164 22.44 32.30 -16.48
CA ALA E 164 22.76 33.71 -16.65
C ALA E 164 23.15 34.03 -18.08
N ASP E 165 24.27 33.47 -18.53
CA ASP E 165 24.80 33.74 -19.87
C ASP E 165 24.11 32.93 -20.97
N GLY E 166 23.01 32.25 -20.70
CA GLY E 166 22.25 31.65 -21.79
C GLY E 166 21.84 30.21 -21.67
N GLY E 167 22.15 29.55 -20.56
CA GLY E 167 21.70 28.18 -20.39
C GLY E 167 20.18 28.11 -20.25
N TYR E 168 19.59 27.06 -20.80
CA TYR E 168 18.16 26.85 -20.66
C TYR E 168 17.86 25.36 -20.64
N ALA E 169 16.71 25.02 -20.06
CA ALA E 169 16.28 23.62 -19.99
C ALA E 169 15.68 23.16 -21.31
N PHE E 170 14.44 23.52 -21.59
CA PHE E 170 13.79 23.16 -22.84
C PHE E 170 13.39 24.41 -23.61
N LYS E 171 13.75 24.46 -24.88
CA LYS E 171 13.34 25.57 -25.72
C LYS E 171 11.83 25.71 -25.68
N TYR E 172 11.36 26.90 -25.37
CA TYR E 172 9.94 27.21 -25.50
C TYR E 172 9.73 27.80 -26.89
N ALA E 173 9.01 27.08 -27.74
CA ALA E 173 8.84 27.47 -29.13
C ALA E 173 7.45 27.08 -29.61
N ALA E 174 6.72 28.04 -30.16
CA ALA E 174 5.41 27.80 -30.76
C ALA E 174 4.38 27.34 -29.73
N GLY E 175 4.43 27.92 -28.54
CA GLY E 175 3.44 27.63 -27.53
C GLY E 175 3.69 26.36 -26.75
N LYS E 176 4.80 25.68 -26.98
CA LYS E 176 5.09 24.40 -26.38
C LYS E 176 6.54 24.39 -25.89
N TYR E 177 6.84 23.46 -24.99
CA TYR E 177 8.23 23.14 -24.67
C TYR E 177 8.67 21.99 -25.57
N ASP E 178 9.81 22.18 -26.23
CA ASP E 178 10.36 21.17 -27.14
C ASP E 178 11.22 20.21 -26.32
N ILE E 179 10.69 19.00 -26.06
CA ILE E 179 11.36 18.04 -25.19
C ILE E 179 12.74 17.68 -25.71
N LYS E 180 12.97 17.80 -27.01
CA LYS E 180 14.20 17.35 -27.62
C LYS E 180 15.21 18.47 -27.84
N ASP E 181 14.85 19.72 -27.52
CA ASP E 181 15.74 20.86 -27.66
C ASP E 181 16.14 21.32 -26.25
N VAL E 182 17.20 20.73 -25.73
CA VAL E 182 17.68 21.03 -24.38
C VAL E 182 18.84 22.01 -24.48
N GLY E 183 18.95 22.91 -23.51
CA GLY E 183 19.94 23.97 -23.62
C GLY E 183 20.98 23.97 -22.52
N VAL E 184 21.36 22.79 -22.02
CA VAL E 184 22.34 22.69 -20.95
C VAL E 184 23.77 22.57 -21.47
N ASP E 185 23.95 22.53 -22.80
CA ASP E 185 25.26 22.35 -23.43
C ASP E 185 25.65 23.55 -24.29
N ASN E 186 24.94 24.67 -24.21
CA ASN E 186 25.29 25.83 -25.02
C ASN E 186 26.43 26.62 -24.36
N ALA E 187 26.88 27.65 -25.08
CA ALA E 187 28.00 28.47 -24.63
C ALA E 187 27.75 29.02 -23.22
N GLY E 188 26.57 29.61 -23.01
CA GLY E 188 26.30 30.22 -21.71
C GLY E 188 26.30 29.21 -20.58
N ALA E 189 25.75 28.02 -20.84
CA ALA E 189 25.76 26.97 -19.83
C ALA E 189 27.19 26.59 -19.45
N LYS E 190 28.06 26.41 -20.45
CA LYS E 190 29.45 26.12 -20.16
C LYS E 190 30.11 27.27 -19.40
N ALA E 191 29.82 28.50 -19.81
CA ALA E 191 30.37 29.66 -19.12
C ALA E 191 29.97 29.67 -17.64
N GLY E 192 28.70 29.40 -17.36
CA GLY E 192 28.23 29.45 -15.97
C GLY E 192 28.85 28.37 -15.12
N LEU E 193 28.89 27.13 -15.62
CA LEU E 193 29.44 26.03 -14.85
C LEU E 193 30.95 26.15 -14.70
N THR E 194 31.62 26.67 -15.72
CA THR E 194 33.06 26.84 -15.63
C THR E 194 33.45 27.81 -14.53
N PHE E 195 32.72 28.94 -14.43
CA PHE E 195 32.99 29.86 -13.33
C PHE E 195 32.86 29.16 -11.98
N LEU E 196 31.82 28.34 -11.82
CA LEU E 196 31.62 27.61 -10.57
C LEU E 196 32.77 26.64 -10.32
N VAL E 197 33.07 25.78 -11.29
CA VAL E 197 34.15 24.81 -11.15
C VAL E 197 35.47 25.53 -10.93
N ASP E 198 35.69 26.66 -11.62
CA ASP E 198 36.89 27.43 -11.37
C ASP E 198 36.92 28.00 -9.96
N LEU E 199 35.74 28.27 -9.37
CA LEU E 199 35.67 28.70 -7.99
C LEU E 199 36.14 27.62 -7.03
N ILE E 200 35.89 26.35 -7.38
CA ILE E 200 36.38 25.24 -6.57
C ILE E 200 37.88 25.04 -6.78
N LYS E 201 38.33 25.06 -8.04
CA LYS E 201 39.74 24.87 -8.32
C LYS E 201 40.60 25.90 -7.60
N ASN E 202 40.14 27.15 -7.54
CA ASN E 202 40.87 28.21 -6.86
C ASN E 202 40.55 28.29 -5.37
N LYS E 203 39.91 27.25 -4.81
CA LYS E 203 39.74 27.11 -3.37
C LYS E 203 38.84 28.18 -2.78
N HIS E 204 37.94 28.74 -3.59
CA HIS E 204 36.91 29.64 -3.09
C HIS E 204 35.60 28.91 -2.82
N MET E 205 35.54 27.61 -3.11
CA MET E 205 34.41 26.77 -2.73
C MET E 205 34.85 25.31 -2.77
N ASN E 206 34.13 24.47 -2.01
CA ASN E 206 34.37 23.04 -1.94
C ASN E 206 33.26 22.29 -2.65
N ALA E 207 33.63 21.27 -3.42
CA ALA E 207 32.65 20.54 -4.22
C ALA E 207 31.60 19.85 -3.36
N ASP E 208 31.93 19.49 -2.12
CA ASP E 208 31.01 18.70 -1.30
C ASP E 208 30.02 19.54 -0.50
N THR E 209 30.09 20.87 -0.58
CA THR E 209 29.14 21.71 0.14
C THR E 209 27.71 21.34 -0.22
N ASP E 210 26.91 21.01 0.80
CA ASP E 210 25.50 20.67 0.60
C ASP E 210 24.60 21.62 1.37
N TYR E 211 23.33 21.25 1.55
CA TYR E 211 22.38 22.18 2.16
C TYR E 211 22.72 22.48 3.61
N SER E 212 22.91 21.44 4.42
CA SER E 212 23.12 21.66 5.85
C SER E 212 24.47 22.28 6.13
N ILE E 213 25.48 21.99 5.31
CA ILE E 213 26.80 22.59 5.50
C ILE E 213 26.73 24.09 5.22
N ALA E 214 26.16 24.47 4.08
CA ALA E 214 26.07 25.88 3.75
C ALA E 214 25.24 26.63 4.78
N GLU E 215 24.10 26.07 5.18
CA GLU E 215 23.22 26.76 6.13
C GLU E 215 23.90 26.90 7.49
N ALA E 216 24.57 25.86 7.97
CA ALA E 216 25.24 25.97 9.27
C ALA E 216 26.34 27.02 9.21
N ALA E 217 27.07 27.10 8.10
CA ALA E 217 28.16 28.06 8.00
C ALA E 217 27.64 29.49 7.90
N PHE E 218 26.49 29.71 7.25
CA PHE E 218 25.96 31.07 7.19
C PHE E 218 25.35 31.49 8.53
N ASN E 219 24.56 30.60 9.14
CA ASN E 219 23.88 30.92 10.38
C ASN E 219 24.83 31.03 11.57
N LYS E 220 26.08 30.59 11.41
CA LYS E 220 27.09 30.74 12.45
C LYS E 220 28.04 31.88 12.16
N GLY E 221 27.85 32.62 11.06
CA GLY E 221 28.70 33.74 10.77
C GLY E 221 30.05 33.39 10.17
N GLU E 222 30.21 32.20 9.63
CA GLU E 222 31.48 31.76 9.06
C GLU E 222 31.61 32.08 7.58
N THR E 223 30.49 32.21 6.86
CA THR E 223 30.49 32.55 5.44
C THR E 223 29.65 33.80 5.23
N ALA E 224 30.15 34.70 4.37
CA ALA E 224 29.52 36.01 4.23
C ALA E 224 28.18 35.92 3.49
N MET E 225 28.02 34.94 2.61
CA MET E 225 26.81 34.87 1.81
C MET E 225 26.43 33.41 1.58
N THR E 226 25.15 33.22 1.26
CA THR E 226 24.63 31.95 0.80
C THR E 226 23.52 32.24 -0.20
N ILE E 227 23.01 31.17 -0.81
CA ILE E 227 21.96 31.29 -1.82
C ILE E 227 20.85 30.37 -1.40
N ASN E 228 19.65 30.91 -1.17
CA ASN E 228 18.58 30.11 -0.61
C ASN E 228 17.24 30.79 -0.82
N GLY E 229 16.17 30.01 -0.59
CA GLY E 229 14.82 30.49 -0.75
C GLY E 229 14.23 31.02 0.55
N PRO E 230 12.98 31.47 0.50
CA PRO E 230 12.39 32.13 1.69
C PRO E 230 12.22 31.19 2.87
N TRP E 231 12.08 29.88 2.64
CA TRP E 231 11.94 28.93 3.74
C TRP E 231 13.14 28.97 4.69
N ALA E 232 14.30 29.41 4.23
CA ALA E 232 15.51 29.43 5.04
C ALA E 232 15.55 30.57 6.06
N TRP E 233 14.63 31.55 5.95
CA TRP E 233 14.81 32.81 6.66
C TRP E 233 14.62 32.66 8.17
N SER E 234 13.73 31.77 8.62
CA SER E 234 13.43 31.71 10.05
C SER E 234 14.57 31.10 10.85
N ASN E 235 15.37 30.23 10.24
CA ASN E 235 16.56 29.72 10.91
C ASN E 235 17.65 30.79 11.03
N ILE E 236 17.73 31.72 10.08
CA ILE E 236 18.65 32.84 10.26
C ILE E 236 18.11 33.79 11.32
N ASP E 237 16.80 34.05 11.29
CA ASP E 237 16.16 34.85 12.34
C ASP E 237 16.56 34.37 13.72
N THR E 238 16.47 33.06 13.95
CA THR E 238 16.82 32.47 15.23
C THR E 238 18.29 32.65 15.56
N SER E 239 19.13 32.83 14.54
CA SER E 239 20.56 32.95 14.72
C SER E 239 20.96 34.39 15.03
N ALA E 240 22.22 34.55 15.43
CA ALA E 240 22.76 35.85 15.81
C ALA E 240 23.12 36.72 14.61
N VAL E 241 22.70 36.34 13.41
CA VAL E 241 23.14 36.99 12.19
C VAL E 241 22.12 38.04 11.78
N ASN E 242 22.59 39.26 11.55
CA ASN E 242 21.79 40.30 10.91
C ASN E 242 22.06 40.22 9.42
N TYR E 243 21.04 39.84 8.65
CA TYR E 243 21.21 39.48 7.26
C TYR E 243 20.33 40.34 6.37
N GLY E 244 20.70 40.36 5.09
CA GLY E 244 19.85 40.94 4.07
C GLY E 244 19.51 39.92 3.00
N VAL E 245 18.42 40.18 2.28
CA VAL E 245 18.04 39.40 1.11
C VAL E 245 18.04 40.35 -0.08
N THR E 246 18.75 39.98 -1.14
CA THR E 246 19.01 40.92 -2.22
C THR E 246 19.05 40.18 -3.55
N VAL E 247 19.23 40.98 -4.62
CA VAL E 247 19.32 40.46 -5.98
C VAL E 247 20.50 39.52 -6.10
N LEU E 248 20.31 38.45 -6.86
CA LEU E 248 21.43 37.55 -7.13
C LEU E 248 22.51 38.30 -7.90
N PRO E 249 23.77 37.88 -7.79
CA PRO E 249 24.84 38.57 -8.51
C PRO E 249 24.71 38.34 -10.01
N THR E 250 25.14 39.35 -10.77
CA THR E 250 25.21 39.20 -12.21
C THR E 250 26.44 38.40 -12.60
N PHE E 251 26.30 37.65 -13.69
CA PHE E 251 27.42 36.93 -14.30
C PHE E 251 27.58 37.43 -15.73
N LYS E 252 28.75 38.03 -16.01
CA LYS E 252 29.01 38.59 -17.34
C LYS E 252 28.03 39.71 -17.69
N GLY E 253 27.71 40.55 -16.70
CA GLY E 253 26.77 41.62 -16.87
C GLY E 253 25.33 41.21 -16.97
N GLN E 254 25.04 39.95 -16.98
CA GLN E 254 23.65 39.55 -17.08
C GLN E 254 23.13 39.07 -15.73
N PRO E 255 21.83 39.22 -15.48
CA PRO E 255 21.29 38.86 -14.17
C PRO E 255 21.26 37.35 -14.01
N SER E 256 21.39 36.90 -12.76
CA SER E 256 21.15 35.49 -12.45
C SER E 256 19.67 35.18 -12.63
N LYS E 257 19.40 34.03 -13.24
CA LYS E 257 18.04 33.68 -13.67
C LYS E 257 17.59 32.44 -12.90
N PRO E 258 17.10 32.62 -11.68
CA PRO E 258 16.59 31.47 -10.93
C PRO E 258 15.41 30.83 -11.65
N PHE E 259 15.31 29.52 -11.50
CA PHE E 259 14.07 28.83 -11.84
C PHE E 259 13.05 29.09 -10.75
N VAL E 260 11.90 29.63 -11.11
CA VAL E 260 10.88 30.02 -10.14
C VAL E 260 9.92 28.84 -9.96
N GLY E 261 9.68 28.48 -8.71
CA GLY E 261 8.82 27.37 -8.37
C GLY E 261 7.55 27.88 -7.70
N VAL E 262 6.47 27.14 -7.85
CA VAL E 262 5.20 27.45 -7.21
C VAL E 262 4.88 26.25 -6.33
N LEU E 263 5.06 26.42 -5.01
CA LEU E 263 4.65 25.37 -4.08
C LEU E 263 3.16 25.08 -4.28
N SER E 264 2.85 23.81 -4.56
CA SER E 264 1.51 23.40 -4.96
C SER E 264 1.06 22.19 -4.15
N ALA E 265 -0.26 22.04 -4.04
CA ALA E 265 -0.86 20.92 -3.30
C ALA E 265 -1.71 20.10 -4.26
N GLY E 266 -1.26 18.89 -4.54
CA GLY E 266 -2.00 17.98 -5.37
C GLY E 266 -2.76 17.00 -4.51
N ILE E 267 -3.82 16.44 -5.10
CA ILE E 267 -4.70 15.48 -4.43
C ILE E 267 -4.52 14.13 -5.09
N ASN E 268 -4.14 13.14 -4.28
CA ASN E 268 -3.89 11.79 -4.74
C ASN E 268 -5.11 11.22 -5.45
N ALA E 269 -4.93 10.76 -6.68
CA ALA E 269 -6.06 10.19 -7.42
C ALA E 269 -6.65 8.97 -6.71
N ALA E 270 -5.88 8.31 -5.86
CA ALA E 270 -6.36 7.13 -5.16
C ALA E 270 -6.96 7.46 -3.79
N SER E 271 -7.07 8.74 -3.44
CA SER E 271 -7.56 9.09 -2.12
C SER E 271 -9.06 8.82 -2.01
N PRO E 272 -9.52 8.29 -0.88
CA PRO E 272 -10.95 8.20 -0.61
C PRO E 272 -11.52 9.44 0.07
N ASN E 273 -10.72 10.49 0.23
CA ASN E 273 -11.10 11.70 0.94
C ASN E 273 -10.99 12.94 0.07
N LYS E 274 -11.21 12.79 -1.25
CA LYS E 274 -10.97 13.91 -2.15
C LYS E 274 -11.80 15.13 -1.77
N GLU E 275 -13.04 14.93 -1.32
CA GLU E 275 -13.87 16.08 -0.93
C GLU E 275 -13.28 16.76 0.30
N LEU E 276 -12.86 15.99 1.30
CA LEU E 276 -12.19 16.59 2.45
C LEU E 276 -10.91 17.30 2.04
N ALA E 277 -10.11 16.67 1.18
CA ALA E 277 -8.87 17.30 0.75
C ALA E 277 -9.16 18.64 0.07
N LYS E 278 -10.20 18.69 -0.76
CA LYS E 278 -10.53 19.95 -1.42
C LYS E 278 -11.00 20.99 -0.41
N GLU E 279 -11.86 20.58 0.52
CA GLU E 279 -12.29 21.51 1.57
C GLU E 279 -11.10 22.04 2.36
N PHE E 280 -10.23 21.15 2.82
CA PHE E 280 -9.10 21.58 3.64
C PHE E 280 -8.25 22.60 2.88
N LEU E 281 -7.91 22.30 1.62
CA LEU E 281 -7.07 23.20 0.86
C LEU E 281 -7.77 24.54 0.60
N GLU E 282 -9.04 24.49 0.14
CA GLU E 282 -9.69 25.73 -0.26
C GLU E 282 -10.12 26.57 0.94
N ASN E 283 -10.60 25.95 2.02
CA ASN E 283 -11.27 26.69 3.08
C ASN E 283 -10.44 26.84 4.34
N TYR E 284 -9.33 26.14 4.47
CA TYR E 284 -8.49 26.25 5.65
C TYR E 284 -7.08 26.69 5.33
N LEU E 285 -6.39 25.98 4.42
CA LEU E 285 -5.02 26.37 4.09
C LEU E 285 -4.98 27.68 3.33
N LEU E 286 -5.75 27.78 2.24
CA LEU E 286 -5.72 28.97 1.38
C LEU E 286 -6.66 30.05 1.91
N THR E 287 -6.38 30.47 3.14
CA THR E 287 -7.02 31.59 3.81
C THR E 287 -5.92 32.44 4.42
N ASP E 288 -6.26 33.67 4.83
CA ASP E 288 -5.27 34.51 5.50
C ASP E 288 -4.74 33.80 6.75
N GLU E 289 -5.64 33.22 7.55
CA GLU E 289 -5.23 32.54 8.77
C GLU E 289 -4.32 31.35 8.44
N GLY E 290 -4.75 30.51 7.50
CA GLY E 290 -4.01 29.30 7.17
C GLY E 290 -2.60 29.53 6.68
N LEU E 291 -2.45 30.33 5.61
CA LEU E 291 -1.12 30.63 5.08
C LEU E 291 -0.26 31.29 6.14
N GLU E 292 -0.85 32.18 6.94
CA GLU E 292 -0.11 32.79 8.04
C GLU E 292 0.49 31.73 8.95
N ALA E 293 -0.30 30.73 9.33
CA ALA E 293 0.17 29.71 10.26
C ALA E 293 1.35 28.94 9.68
N VAL E 294 1.28 28.58 8.39
CA VAL E 294 2.43 27.91 7.78
C VAL E 294 3.61 28.87 7.67
N ASN E 295 3.32 30.15 7.38
CA ASN E 295 4.37 31.11 7.06
C ASN E 295 5.18 31.47 8.31
N LYS E 296 4.53 31.59 9.46
CA LYS E 296 5.25 31.87 10.70
C LYS E 296 6.17 30.73 11.10
N ASP E 297 5.91 29.53 10.60
CA ASP E 297 6.80 28.39 10.84
C ASP E 297 8.03 28.47 9.92
N LYS E 298 7.81 28.45 8.61
CA LYS E 298 8.86 28.66 7.63
C LYS E 298 8.25 29.56 6.58
N PRO E 299 8.89 30.68 6.23
CA PRO E 299 8.28 31.62 5.28
C PRO E 299 7.98 30.93 3.94
N LEU E 300 6.79 31.22 3.41
CA LEU E 300 6.35 30.56 2.19
C LEU E 300 6.92 31.21 0.92
N GLY E 301 7.30 32.49 1.00
CA GLY E 301 7.59 33.26 -0.20
C GLY E 301 6.43 34.17 -0.53
N ALA E 302 6.20 34.44 -1.80
CA ALA E 302 5.07 35.25 -2.23
C ALA E 302 3.89 34.31 -2.47
N VAL E 303 2.89 34.38 -1.61
CA VAL E 303 1.80 33.42 -1.62
C VAL E 303 0.85 33.74 -2.78
N ALA E 304 0.17 32.69 -3.26
CA ALA E 304 -0.73 32.83 -4.40
C ALA E 304 -2.04 33.51 -4.02
N LEU E 305 -2.37 33.56 -2.73
CA LEU E 305 -3.62 34.15 -2.27
C LEU E 305 -3.46 35.67 -2.21
N LYS E 306 -4.19 36.38 -3.09
CA LYS E 306 -4.01 37.81 -3.20
C LYS E 306 -4.18 38.52 -1.86
N SER E 307 -5.22 38.16 -1.11
CA SER E 307 -5.55 38.90 0.10
C SER E 307 -4.41 38.85 1.12
N TYR E 308 -3.71 37.72 1.23
CA TYR E 308 -2.57 37.64 2.14
C TYR E 308 -1.27 38.11 1.48
N GLU E 309 -1.11 37.91 0.18
CA GLU E 309 0.09 38.39 -0.50
C GLU E 309 0.24 39.90 -0.39
N GLU E 310 -0.86 40.63 -0.20
CA GLU E 310 -0.76 42.07 -0.02
C GLU E 310 -0.05 42.42 1.28
N GLU E 311 -0.24 41.60 2.32
CA GLU E 311 0.44 41.89 3.58
C GLU E 311 1.88 41.40 3.56
N LEU E 312 2.15 40.29 2.89
CA LEU E 312 3.53 39.83 2.77
C LEU E 312 4.34 40.69 1.81
N ALA E 313 3.67 41.39 0.89
CA ALA E 313 4.39 42.21 -0.08
C ALA E 313 5.17 43.33 0.60
N LYS E 314 4.70 43.81 1.75
CA LYS E 314 5.39 44.87 2.48
C LYS E 314 6.76 44.45 3.02
N ASP E 315 7.14 43.19 2.85
CA ASP E 315 8.39 42.67 3.39
C ASP E 315 9.49 42.83 2.36
N PRO E 316 10.51 43.66 2.61
CA PRO E 316 11.58 43.83 1.60
C PRO E 316 12.26 42.53 1.20
N ARG E 317 12.14 41.48 2.01
CA ARG E 317 12.67 40.18 1.62
C ARG E 317 11.83 39.52 0.55
N ILE E 318 10.51 39.75 0.58
CA ILE E 318 9.65 39.24 -0.48
C ILE E 318 9.83 40.06 -1.74
N ALA E 319 10.04 41.36 -1.61
CA ALA E 319 10.33 42.19 -2.78
C ALA E 319 11.61 41.72 -3.47
N ALA E 320 12.63 41.40 -2.68
CA ALA E 320 13.84 40.82 -3.27
C ALA E 320 13.54 39.48 -3.94
N THR E 321 12.80 38.61 -3.25
CA THR E 321 12.43 37.34 -3.86
C THR E 321 11.75 37.57 -5.20
N MET E 322 10.75 38.46 -5.24
CA MET E 322 10.04 38.72 -6.49
C MET E 322 10.95 39.38 -7.51
N GLU E 323 11.87 40.24 -7.06
CA GLU E 323 12.82 40.86 -7.98
C GLU E 323 13.68 39.80 -8.65
N ASN E 324 14.10 38.77 -7.89
CA ASN E 324 14.84 37.67 -8.50
C ASN E 324 13.92 36.79 -9.35
N ALA E 325 12.68 36.61 -8.92
CA ALA E 325 11.74 35.82 -9.71
C ALA E 325 11.46 36.49 -11.05
N GLN E 326 11.31 37.82 -11.05
CA GLN E 326 11.11 38.54 -12.31
C GLN E 326 12.27 38.32 -13.29
N LYS E 327 13.50 38.17 -12.77
CA LYS E 327 14.64 37.99 -13.65
C LYS E 327 14.82 36.54 -14.08
N GLY E 328 14.21 35.60 -13.38
CA GLY E 328 14.23 34.20 -13.74
C GLY E 328 13.05 33.82 -14.60
N GLU E 329 12.68 32.54 -14.53
CA GLU E 329 11.59 32.00 -15.33
C GLU E 329 10.85 30.92 -14.55
N ILE E 330 9.52 30.88 -14.74
CA ILE E 330 8.74 29.80 -14.14
C ILE E 330 9.19 28.47 -14.69
N MET E 331 9.34 27.49 -13.81
CA MET E 331 9.73 26.15 -14.24
C MET E 331 8.64 25.55 -15.13
N PRO E 332 9.03 24.79 -16.15
CA PRO E 332 8.03 23.93 -16.81
C PRO E 332 7.48 22.92 -15.81
N ASN E 333 6.33 22.35 -16.16
CA ASN E 333 5.77 21.25 -15.39
C ASN E 333 5.67 19.97 -16.20
N ILE E 334 6.31 19.92 -17.37
CA ILE E 334 6.24 18.75 -18.24
C ILE E 334 6.88 17.55 -17.56
N PRO E 335 6.46 16.32 -17.91
CA PRO E 335 7.02 15.13 -17.27
C PRO E 335 8.53 15.01 -17.40
N GLN E 336 9.09 15.43 -18.53
CA GLN E 336 10.54 15.31 -18.73
C GLN E 336 11.36 16.17 -17.78
N MET E 337 10.69 16.96 -16.92
CA MET E 337 11.42 17.81 -15.97
C MET E 337 12.26 16.97 -15.02
N SER E 338 11.75 15.80 -14.61
CA SER E 338 12.49 14.97 -13.68
C SER E 338 13.78 14.49 -14.31
N ALA E 339 13.75 14.14 -15.61
CA ALA E 339 14.96 13.65 -16.27
C ALA E 339 15.96 14.78 -16.49
N PHE E 340 15.48 16.01 -16.71
CA PHE E 340 16.38 17.16 -16.85
C PHE E 340 17.14 17.40 -15.54
N TRP E 341 16.41 17.46 -14.42
CA TRP E 341 17.05 17.68 -13.12
C TRP E 341 18.08 16.59 -12.83
N TYR E 342 17.70 15.33 -13.00
CA TYR E 342 18.66 14.25 -12.77
C TYR E 342 19.90 14.43 -13.62
N ALA E 343 19.71 14.73 -14.92
CA ALA E 343 20.86 14.90 -15.80
C ALA E 343 21.74 16.06 -15.36
N VAL E 344 21.11 17.16 -14.90
CA VAL E 344 21.91 18.31 -14.50
C VAL E 344 22.49 18.12 -13.10
N ARG E 345 21.80 17.41 -12.21
CA ARG E 345 22.39 17.04 -10.93
C ARG E 345 23.73 16.35 -11.15
N THR E 346 23.76 15.38 -12.07
CA THR E 346 24.96 14.61 -12.34
C THR E 346 26.06 15.47 -12.97
N ALA E 347 25.70 16.41 -13.84
CA ALA E 347 26.73 17.19 -14.53
C ALA E 347 27.40 18.21 -13.61
N VAL E 348 26.68 18.75 -12.62
CA VAL E 348 27.29 19.67 -11.66
C VAL E 348 28.20 18.91 -10.70
N ILE E 349 27.71 17.76 -10.21
CA ILE E 349 28.50 16.99 -9.24
C ILE E 349 29.79 16.49 -9.88
N ASN E 350 29.69 15.91 -11.08
CA ASN E 350 30.87 15.34 -11.73
C ASN E 350 31.86 16.42 -12.16
N ALA E 351 31.38 17.58 -12.59
CA ALA E 351 32.30 18.65 -12.94
C ALA E 351 32.87 19.31 -11.69
N ALA E 352 32.03 19.54 -10.68
CA ALA E 352 32.51 20.06 -9.40
C ALA E 352 33.57 19.15 -8.81
N SER E 353 33.41 17.83 -8.99
CA SER E 353 34.28 16.84 -8.38
C SER E 353 35.55 16.57 -9.19
N GLY E 354 35.69 17.17 -10.36
CA GLY E 354 36.78 16.85 -11.26
C GLY E 354 36.64 15.53 -11.99
N ARG E 355 35.64 14.72 -11.65
CA ARG E 355 35.46 13.43 -12.31
C ARG E 355 35.29 13.59 -13.83
N GLN E 356 34.74 14.72 -14.26
CA GLN E 356 34.53 15.01 -15.66
C GLN E 356 34.84 16.48 -15.91
N THR E 357 35.30 16.78 -17.12
CA THR E 357 35.39 18.18 -17.50
C THR E 357 33.99 18.79 -17.64
N VAL E 358 33.95 20.12 -17.66
CA VAL E 358 32.67 20.81 -17.78
C VAL E 358 32.02 20.48 -19.11
N ASP E 359 32.82 20.33 -20.17
CA ASP E 359 32.26 20.08 -21.50
C ASP E 359 31.71 18.66 -21.61
N ALA E 360 32.46 17.67 -21.10
CA ALA E 360 31.98 16.29 -21.19
C ALA E 360 30.77 16.06 -20.29
N ALA E 361 30.72 16.74 -19.14
CA ALA E 361 29.59 16.58 -18.24
C ALA E 361 28.31 17.17 -18.82
N LEU E 362 28.39 18.41 -19.32
CA LEU E 362 27.19 19.04 -19.86
C LEU E 362 26.73 18.35 -21.14
N ALA E 363 27.67 17.88 -21.97
CA ALA E 363 27.28 17.15 -23.17
C ALA E 363 26.50 15.90 -22.82
N ALA E 364 27.02 15.08 -21.91
CA ALA E 364 26.25 13.93 -21.45
C ALA E 364 24.89 14.38 -20.94
N ALA E 365 24.86 15.38 -20.06
CA ALA E 365 23.59 15.90 -19.55
C ALA E 365 22.61 16.20 -20.69
N GLN E 366 23.05 16.99 -21.67
CA GLN E 366 22.19 17.28 -22.82
C GLN E 366 21.59 16.00 -23.39
N THR E 367 22.43 14.96 -23.58
CA THR E 367 21.92 13.70 -24.10
C THR E 367 20.99 13.01 -23.11
N ASN E 368 21.27 13.11 -21.81
CA ASN E 368 20.43 12.45 -20.82
C ASN E 368 19.07 13.16 -20.69
N ALA E 369 19.09 14.48 -20.60
CA ALA E 369 17.86 15.21 -20.38
C ALA E 369 16.84 14.96 -21.48
N ALA E 370 17.30 14.86 -22.73
CA ALA E 370 16.43 14.65 -23.88
C ALA E 370 16.12 13.18 -24.12
N ARG E 371 16.67 12.29 -23.30
CA ARG E 371 16.47 10.85 -23.46
C ARG E 371 15.22 10.41 -22.72
N ARG E 372 14.47 9.51 -23.34
CA ARG E 372 13.24 8.98 -22.78
C ARG E 372 13.55 7.81 -21.84
N LYS E 373 13.04 7.89 -20.61
CA LYS E 373 13.31 6.83 -19.65
C LYS E 373 12.45 5.60 -19.97
N PRO E 374 12.98 4.40 -19.77
CA PRO E 374 12.19 3.19 -20.05
C PRO E 374 11.34 2.78 -18.86
N SER E 375 10.06 2.50 -19.11
CA SER E 375 9.17 1.99 -18.08
C SER E 375 9.78 0.76 -17.43
N TRP E 376 9.25 0.37 -16.25
CA TRP E 376 9.76 -0.80 -15.55
C TRP E 376 9.49 -2.09 -16.29
N ARG E 377 8.51 -2.12 -17.20
CA ARG E 377 8.32 -3.28 -18.05
C ARG E 377 9.40 -3.34 -19.15
N GLU E 378 9.91 -2.17 -19.53
CA GLU E 378 10.95 -2.10 -20.53
C GLU E 378 12.22 -2.58 -19.90
N ARG E 379 12.44 -2.16 -18.66
CA ARG E 379 13.59 -2.64 -17.90
C ARG E 379 13.53 -4.15 -17.70
N GLU E 380 12.32 -4.72 -17.54
CA GLU E 380 12.18 -6.16 -17.34
C GLU E 380 12.74 -6.93 -18.52
N ASN E 381 12.25 -6.61 -19.72
CA ASN E 381 12.63 -7.32 -20.93
C ASN E 381 14.16 -7.30 -21.11
N ASN E 382 14.78 -6.11 -21.00
CA ASN E 382 16.24 -6.04 -21.03
C ASN E 382 16.90 -7.03 -20.06
N ARG E 383 16.52 -6.98 -18.78
CA ARG E 383 17.14 -7.86 -17.77
C ARG E 383 17.02 -9.33 -18.16
N ARG E 384 15.80 -9.78 -18.47
CA ARG E 384 15.62 -11.19 -18.81
C ARG E 384 16.08 -11.53 -20.23
N ARG E 385 16.26 -10.52 -21.09
CA ARG E 385 16.89 -10.80 -22.38
C ARG E 385 18.40 -11.01 -22.24
N GLU E 386 19.03 -10.27 -21.32
CA GLU E 386 20.43 -10.52 -21.02
C GLU E 386 20.60 -11.83 -20.26
N ARG E 387 19.72 -12.10 -19.30
CA ARG E 387 19.74 -13.39 -18.61
C ARG E 387 19.49 -14.54 -19.57
N ARG E 388 18.59 -14.34 -20.53
CA ARG E 388 18.36 -15.35 -21.56
C ARG E 388 19.60 -15.53 -22.43
N ARG E 389 20.19 -14.41 -22.89
CA ARG E 389 21.39 -14.49 -23.70
C ARG E 389 22.49 -15.26 -22.99
N ARG E 390 22.68 -15.00 -21.70
CA ARG E 390 23.73 -15.68 -20.93
C ARG E 390 23.43 -17.16 -20.75
N ALA E 391 22.17 -17.49 -20.43
CA ALA E 391 21.83 -18.89 -20.16
C ALA E 391 22.02 -19.75 -21.40
N VAL E 392 21.72 -19.22 -22.59
CA VAL E 392 21.95 -19.98 -23.81
C VAL E 392 23.44 -20.27 -23.99
N ALA E 393 24.28 -19.29 -23.67
CA ALA E 393 25.72 -19.50 -23.78
C ALA E 393 26.22 -20.47 -22.72
N ALA E 394 25.67 -20.39 -21.50
CA ALA E 394 26.07 -21.32 -20.46
C ALA E 394 25.63 -22.74 -20.77
N LYS E 395 24.51 -22.90 -21.48
CA LYS E 395 24.05 -24.24 -21.87
C LYS E 395 24.95 -24.84 -22.95
N ILE E 396 25.37 -24.02 -23.91
CA ILE E 396 26.28 -24.51 -24.95
C ILE E 396 27.57 -24.99 -24.32
N TYR E 397 28.13 -24.21 -23.38
CA TYR E 397 29.33 -24.65 -22.68
C TYR E 397 29.03 -25.85 -21.77
N THR E 398 27.83 -25.90 -21.19
CA THR E 398 27.44 -27.06 -20.40
C THR E 398 27.51 -28.34 -21.25
N GLY E 399 26.88 -28.32 -22.42
CA GLY E 399 26.90 -29.48 -23.28
C GLY E 399 28.30 -29.84 -23.74
N LEU E 400 29.12 -28.83 -24.03
CA LEU E 400 30.47 -29.10 -24.53
C LEU E 400 31.35 -29.77 -23.49
N ARG E 401 31.29 -29.29 -22.23
CA ARG E 401 32.10 -29.89 -21.18
C ARG E 401 31.74 -31.35 -20.97
N ALA E 402 30.45 -31.68 -21.06
CA ALA E 402 29.99 -33.03 -20.76
C ALA E 402 30.33 -34.01 -21.88
N GLN E 403 30.11 -33.62 -23.12
CA GLN E 403 30.23 -34.53 -24.26
C GLN E 403 31.42 -34.24 -25.16
N GLY E 404 32.27 -33.29 -24.80
CA GLY E 404 33.38 -32.92 -25.65
C GLY E 404 34.60 -33.81 -25.46
N ASP E 405 34.86 -34.22 -24.21
CA ASP E 405 36.04 -35.03 -23.90
C ASP E 405 37.30 -34.33 -24.40
N TYR E 406 37.46 -33.06 -24.02
CA TYR E 406 38.31 -32.13 -24.74
C TYR E 406 39.75 -32.06 -24.22
N ASN E 407 40.16 -32.97 -23.35
CA ASN E 407 41.53 -32.99 -22.86
C ASN E 407 41.91 -31.67 -22.19
N LEU E 408 41.06 -31.22 -21.30
CA LEU E 408 41.29 -30.03 -20.50
C LEU E 408 41.24 -30.39 -19.03
N PRO E 409 41.81 -29.56 -18.16
CA PRO E 409 41.60 -29.74 -16.72
C PRO E 409 40.13 -29.55 -16.40
N LYS E 410 39.63 -30.40 -15.50
CA LYS E 410 38.28 -30.19 -14.98
C LYS E 410 38.17 -28.79 -14.38
N HIS E 411 37.00 -28.18 -14.50
CA HIS E 411 36.74 -26.86 -13.96
C HIS E 411 37.58 -25.76 -14.62
N CYS E 412 38.00 -25.98 -15.86
CA CYS E 412 38.69 -24.95 -16.62
C CYS E 412 37.70 -23.89 -17.10
N ASP E 413 38.22 -22.71 -17.42
CA ASP E 413 37.32 -21.61 -17.75
C ASP E 413 36.70 -21.80 -19.13
N ASN E 414 35.70 -20.97 -19.42
CA ASN E 414 34.99 -21.08 -20.71
C ASN E 414 35.91 -20.82 -21.88
N ASN E 415 36.89 -19.92 -21.72
CA ASN E 415 37.81 -19.62 -22.80
C ASN E 415 38.58 -20.86 -23.23
N GLU E 416 38.95 -21.71 -22.27
CA GLU E 416 39.69 -22.93 -22.62
C GLU E 416 38.82 -23.94 -23.34
N VAL E 417 37.52 -23.95 -23.03
CA VAL E 417 36.58 -24.77 -23.78
C VAL E 417 36.40 -24.23 -25.19
N LEU E 418 36.29 -22.90 -25.32
CA LEU E 418 36.20 -22.28 -26.65
C LEU E 418 37.38 -22.67 -27.52
N LYS E 419 38.59 -22.63 -26.96
CA LYS E 419 39.79 -22.95 -27.73
C LYS E 419 39.74 -24.39 -28.26
N ALA E 420 39.28 -25.33 -27.43
CA ALA E 420 39.23 -26.73 -27.85
C ALA E 420 38.20 -26.93 -28.95
N LEU E 421 37.02 -26.31 -28.80
CA LEU E 421 36.03 -26.33 -29.88
C LEU E 421 36.63 -25.80 -31.18
N CYS E 422 37.33 -24.66 -31.10
CA CYS E 422 37.97 -24.09 -32.29
C CYS E 422 38.94 -25.07 -32.92
N VAL E 423 39.81 -25.67 -32.10
CA VAL E 423 40.76 -26.65 -32.62
C VAL E 423 40.02 -27.82 -33.26
N GLU E 424 38.91 -28.24 -32.65
CA GLU E 424 38.10 -29.28 -33.25
C GLU E 424 37.61 -28.87 -34.63
N ALA E 425 37.29 -27.60 -34.81
CA ALA E 425 36.71 -27.09 -36.05
C ALA E 425 37.75 -26.72 -37.10
N GLY E 426 39.02 -27.04 -36.87
CA GLY E 426 40.04 -26.71 -37.84
C GLY E 426 40.59 -25.30 -37.72
N TRP E 427 40.42 -24.66 -36.57
CA TRP E 427 41.00 -23.35 -36.29
C TRP E 427 42.23 -23.51 -35.41
N VAL E 428 43.05 -22.47 -35.39
CA VAL E 428 44.21 -22.39 -34.51
C VAL E 428 44.09 -21.12 -33.67
N VAL E 429 44.26 -21.26 -32.37
CA VAL E 429 44.17 -20.14 -31.42
C VAL E 429 45.48 -20.05 -30.65
N GLU E 430 45.99 -18.83 -30.50
CA GLU E 430 47.22 -18.57 -29.77
C GLU E 430 46.91 -18.01 -28.40
N GLU E 431 47.98 -17.76 -27.62
CA GLU E 431 47.81 -17.20 -26.29
C GLU E 431 47.03 -15.88 -26.34
N ASP E 432 47.38 -15.00 -27.28
CA ASP E 432 46.67 -13.73 -27.43
C ASP E 432 45.19 -13.91 -27.69
N GLY E 433 44.74 -15.13 -28.00
CA GLY E 433 43.40 -15.34 -28.50
C GLY E 433 43.25 -15.09 -29.99
N THR E 434 44.33 -14.71 -30.68
CA THR E 434 44.27 -14.45 -32.12
C THR E 434 43.87 -15.71 -32.85
N THR E 435 42.74 -15.66 -33.57
CA THR E 435 42.14 -16.84 -34.15
C THR E 435 42.06 -16.72 -35.67
N TYR E 436 42.54 -17.75 -36.35
CA TYR E 436 42.53 -17.85 -37.80
C TYR E 436 42.53 -19.34 -38.15
N ARG E 437 42.13 -19.64 -39.38
CA ARG E 437 42.00 -21.04 -39.79
C ARG E 437 43.36 -21.74 -39.94
N LYS F 2 48.39 21.19 1.26
CA LYS F 2 48.03 22.38 2.01
C LYS F 2 49.01 22.65 3.12
N ILE F 3 49.91 21.71 3.35
CA ILE F 3 50.89 21.80 4.43
C ILE F 3 52.15 22.60 4.12
N GLU F 4 52.55 23.48 5.03
CA GLU F 4 53.72 24.31 4.91
C GLU F 4 54.53 24.31 6.18
N GLU F 5 55.84 24.39 6.08
CA GLU F 5 56.67 24.43 7.24
C GLU F 5 56.50 25.77 7.96
N GLY F 6 56.52 25.76 9.28
CA GLY F 6 56.32 26.96 10.06
C GLY F 6 54.89 27.40 10.23
N LYS F 7 53.92 26.55 9.86
CA LYS F 7 52.50 26.80 10.06
C LYS F 7 51.86 25.51 10.51
N LEU F 8 50.76 25.62 11.26
CA LEU F 8 50.04 24.44 11.74
C LEU F 8 48.60 24.47 11.21
N VAL F 9 48.23 23.41 10.51
CA VAL F 9 46.85 23.18 10.07
C VAL F 9 46.27 22.05 10.91
N ILE F 10 45.09 22.28 11.48
CA ILE F 10 44.43 21.33 12.37
C ILE F 10 43.06 21.00 11.81
N TRP F 11 42.69 19.73 11.86
CA TRP F 11 41.36 19.26 11.47
C TRP F 11 40.63 18.73 12.70
N ILE F 12 39.42 19.21 12.93
CA ILE F 12 38.59 18.74 14.03
C ILE F 12 37.15 18.75 13.54
N ASN F 13 36.34 17.86 14.10
CA ASN F 13 34.98 17.67 13.60
C ASN F 13 34.10 18.86 13.94
N GLY F 14 33.09 19.08 13.09
CA GLY F 14 32.24 20.26 13.16
C GLY F 14 31.33 20.35 14.38
N ASP F 15 31.27 19.33 15.24
CA ASP F 15 30.46 19.41 16.45
C ASP F 15 31.27 19.72 17.70
N LYS F 16 32.59 19.86 17.58
CA LYS F 16 33.47 20.17 18.70
C LYS F 16 33.77 21.66 18.75
N GLY F 17 34.41 22.08 19.84
CA GLY F 17 34.68 23.49 20.03
C GLY F 17 35.84 24.04 19.22
N TYR F 18 35.71 24.11 17.89
CA TYR F 18 36.84 24.54 17.07
C TYR F 18 37.15 26.02 17.18
N ASN F 19 36.22 26.84 17.68
CA ASN F 19 36.54 28.24 17.94
C ASN F 19 37.35 28.40 19.22
N GLY F 20 37.07 27.58 20.23
CA GLY F 20 37.93 27.55 21.40
C GLY F 20 39.33 27.05 21.07
N LEU F 21 39.41 25.96 20.31
CA LEU F 21 40.69 25.45 19.82
C LEU F 21 41.47 26.54 19.10
N ALA F 22 40.79 27.31 18.23
CA ALA F 22 41.47 28.37 17.49
C ALA F 22 41.99 29.46 18.41
N GLU F 23 41.30 29.72 19.53
CA GLU F 23 41.83 30.67 20.50
C GLU F 23 43.14 30.17 21.10
N VAL F 24 43.25 28.86 21.32
CA VAL F 24 44.52 28.27 21.75
C VAL F 24 45.57 28.48 20.68
N GLY F 25 45.20 28.24 19.41
CA GLY F 25 46.11 28.55 18.32
C GLY F 25 46.57 29.99 18.33
N LYS F 26 45.66 30.91 18.67
CA LYS F 26 46.03 32.32 18.68
C LYS F 26 47.00 32.62 19.82
N LYS F 27 46.82 31.97 20.97
CA LYS F 27 47.81 32.07 22.04
C LYS F 27 49.17 31.56 21.57
N PHE F 28 49.18 30.34 21.02
CA PHE F 28 50.40 29.79 20.43
C PHE F 28 51.04 30.79 19.47
N GLU F 29 50.24 31.41 18.60
CA GLU F 29 50.80 32.34 17.61
C GLU F 29 51.37 33.59 18.28
N LYS F 30 50.74 34.06 19.35
CA LYS F 30 51.26 35.24 20.03
C LYS F 30 52.60 34.93 20.69
N ASP F 31 52.75 33.71 21.24
CA ASP F 31 53.99 33.32 21.91
C ASP F 31 55.10 32.94 20.91
N THR F 32 54.74 32.43 19.74
CA THR F 32 55.71 31.81 18.85
C THR F 32 55.86 32.51 17.50
N GLY F 33 54.84 33.20 17.02
CA GLY F 33 54.78 33.60 15.64
C GLY F 33 54.25 32.53 14.71
N ILE F 34 53.99 31.32 15.19
CA ILE F 34 53.49 30.24 14.36
C ILE F 34 51.98 30.35 14.21
N LYS F 35 51.52 30.56 12.98
CA LYS F 35 50.09 30.63 12.70
C LYS F 35 49.47 29.25 12.80
N VAL F 36 48.33 29.16 13.49
CA VAL F 36 47.58 27.91 13.63
C VAL F 36 46.23 28.11 12.98
N THR F 37 45.90 27.24 12.02
CA THR F 37 44.64 27.30 11.29
C THR F 37 43.81 26.09 11.65
N VAL F 38 42.63 26.32 12.23
CA VAL F 38 41.72 25.25 12.61
C VAL F 38 40.64 25.12 11.53
N GLU F 39 40.46 23.91 11.04
CA GLU F 39 39.44 23.62 10.04
C GLU F 39 38.58 22.47 10.55
N HIS F 40 37.33 22.45 10.08
CA HIS F 40 36.38 21.37 10.38
C HIS F 40 35.76 20.89 9.08
N PRO F 41 36.52 20.15 8.27
CA PRO F 41 35.96 19.64 7.01
C PRO F 41 34.85 18.65 7.28
N ASP F 42 33.93 18.54 6.34
CA ASP F 42 32.94 17.45 6.39
C ASP F 42 33.62 16.13 6.10
N LYS F 43 33.21 15.09 6.83
CA LYS F 43 33.70 13.72 6.62
C LYS F 43 35.23 13.66 6.75
N LEU F 44 35.78 14.47 7.65
CA LEU F 44 37.23 14.58 7.78
C LEU F 44 37.88 13.25 8.15
N GLU F 45 37.17 12.38 8.86
CA GLU F 45 37.73 11.08 9.20
C GLU F 45 37.77 10.13 8.00
N GLU F 46 37.01 10.41 6.95
CA GLU F 46 37.15 9.72 5.68
C GLU F 46 38.15 10.40 4.77
N LYS F 47 38.26 11.73 4.85
CA LYS F 47 39.13 12.47 3.97
C LYS F 47 40.61 12.27 4.32
N PHE F 48 40.93 12.19 5.61
CA PHE F 48 42.33 12.13 6.02
C PHE F 48 43.12 11.04 5.31
N PRO F 49 42.71 9.77 5.37
CA PRO F 49 43.47 8.74 4.64
C PRO F 49 43.57 9.00 3.15
N GLN F 50 42.54 9.58 2.55
CA GLN F 50 42.58 9.85 1.12
C GLN F 50 43.63 10.91 0.79
N VAL F 51 43.63 12.03 1.52
CA VAL F 51 44.55 13.11 1.20
C VAL F 51 45.95 12.84 1.74
N ALA F 52 46.09 12.02 2.77
CA ALA F 52 47.43 11.67 3.24
C ALA F 52 48.23 10.97 2.16
N ALA F 53 47.60 10.03 1.45
CA ALA F 53 48.30 9.32 0.38
C ALA F 53 48.81 10.28 -0.69
N THR F 54 48.10 11.37 -0.95
CA THR F 54 48.55 12.38 -1.90
C THR F 54 49.37 13.47 -1.23
N GLY F 55 49.84 13.23 0.00
CA GLY F 55 50.69 14.17 0.69
C GLY F 55 50.01 15.41 1.21
N ASP F 56 48.70 15.54 1.05
CA ASP F 56 47.98 16.65 1.65
C ASP F 56 47.56 16.29 3.07
N GLY F 57 46.47 16.87 3.55
CA GLY F 57 46.02 16.60 4.89
C GLY F 57 46.67 17.53 5.89
N PRO F 58 46.06 17.65 7.07
CA PRO F 58 46.55 18.61 8.07
C PRO F 58 47.82 18.10 8.75
N ASP F 59 48.41 18.97 9.57
CA ASP F 59 49.47 18.52 10.48
C ASP F 59 48.89 17.70 11.63
N ILE F 60 47.72 18.10 12.12
CA ILE F 60 47.08 17.48 13.28
C ILE F 60 45.65 17.14 12.92
N ILE F 61 45.22 15.92 13.26
CA ILE F 61 43.84 15.49 13.07
C ILE F 61 43.26 15.04 14.41
N PHE F 62 42.10 15.58 14.75
CA PHE F 62 41.34 15.21 15.93
C PHE F 62 40.21 14.26 15.55
N TRP F 63 40.07 13.17 16.29
CA TRP F 63 38.93 12.28 16.16
C TRP F 63 38.92 11.34 17.37
N ALA F 64 37.77 10.70 17.59
CA ALA F 64 37.72 9.60 18.54
C ALA F 64 38.77 8.55 18.19
N HIS F 65 39.31 7.91 19.22
CA HIS F 65 40.47 7.04 19.04
C HIS F 65 40.21 5.85 18.13
N ASP F 66 38.94 5.48 17.88
CA ASP F 66 38.67 4.23 17.17
C ASP F 66 39.20 4.24 15.74
N ARG F 67 39.31 5.41 15.13
CA ARG F 67 39.80 5.49 13.75
C ARG F 67 41.31 5.41 13.64
N PHE F 68 42.02 5.66 14.74
CA PHE F 68 43.46 5.91 14.65
C PHE F 68 44.26 4.65 14.39
N GLY F 69 43.72 3.47 14.69
CA GLY F 69 44.44 2.25 14.39
C GLY F 69 44.59 2.00 12.90
N GLY F 70 43.54 2.35 12.14
CA GLY F 70 43.63 2.22 10.69
C GLY F 70 44.58 3.23 10.07
N TYR F 71 44.56 4.48 10.58
CA TYR F 71 45.53 5.48 10.13
C TYR F 71 46.95 5.01 10.36
N ALA F 72 47.23 4.42 11.52
CA ALA F 72 48.58 3.99 11.84
C ALA F 72 48.97 2.77 11.02
N GLN F 73 48.04 1.84 10.83
CA GLN F 73 48.33 0.71 9.95
C GLN F 73 48.74 1.20 8.57
N SER F 74 48.13 2.28 8.10
CA SER F 74 48.43 2.85 6.80
C SER F 74 49.72 3.69 6.81
N GLY F 75 50.35 3.86 7.97
CA GLY F 75 51.57 4.65 8.03
C GLY F 75 51.35 6.15 7.97
N LEU F 76 50.19 6.62 8.45
CA LEU F 76 49.80 8.01 8.27
C LEU F 76 50.10 8.86 9.50
N LEU F 77 50.45 8.24 10.62
CA LEU F 77 50.62 8.94 11.88
C LEU F 77 52.08 8.88 12.32
N ALA F 78 52.54 9.96 12.93
CA ALA F 78 53.84 9.95 13.60
C ALA F 78 53.71 9.35 14.99
N GLU F 79 54.69 8.54 15.38
CA GLU F 79 54.67 8.01 16.73
C GLU F 79 54.77 9.14 17.73
N ILE F 80 54.03 9.02 18.82
CA ILE F 80 53.95 10.03 19.86
C ILE F 80 54.89 9.63 21.00
N THR F 81 55.74 10.55 21.43
CA THR F 81 56.82 10.23 22.38
C THR F 81 56.84 11.24 23.53
N PRO F 82 55.79 11.31 24.32
CA PRO F 82 55.80 12.24 25.45
C PRO F 82 56.73 11.77 26.55
N ALA F 83 57.30 12.73 27.27
CA ALA F 83 58.13 12.35 28.41
C ALA F 83 57.28 11.74 29.51
N ALA F 84 57.93 10.95 30.37
CA ALA F 84 57.22 10.32 31.48
C ALA F 84 56.45 11.35 32.30
N ALA F 85 57.11 12.45 32.65
CA ALA F 85 56.47 13.52 33.41
C ALA F 85 55.17 13.97 32.75
N PHE F 86 55.16 14.10 31.42
CA PHE F 86 53.93 14.55 30.78
C PHE F 86 52.90 13.45 30.71
N GLN F 87 53.34 12.21 30.46
CA GLN F 87 52.41 11.09 30.40
C GLN F 87 51.67 10.92 31.72
N ASP F 88 52.34 11.17 32.84
CA ASP F 88 51.70 11.05 34.14
C ASP F 88 50.67 12.14 34.40
N LYS F 89 50.59 13.15 33.56
CA LYS F 89 49.55 14.17 33.69
C LYS F 89 48.20 13.69 33.19
N LEU F 90 48.15 12.60 32.43
CA LEU F 90 46.92 12.07 31.87
C LEU F 90 46.60 10.72 32.50
N TYR F 91 45.30 10.39 32.57
CA TYR F 91 44.90 9.11 33.12
C TYR F 91 45.46 7.98 32.26
N PRO F 92 46.02 6.93 32.85
CA PRO F 92 46.62 5.87 32.02
C PRO F 92 45.68 5.26 31.00
N PHE F 93 44.41 5.05 31.37
CA PHE F 93 43.50 4.41 30.42
C PHE F 93 43.24 5.27 29.19
N THR F 94 43.48 6.58 29.25
CA THR F 94 43.36 7.36 28.02
C THR F 94 44.55 7.13 27.11
N TRP F 95 45.73 6.85 27.67
CA TRP F 95 46.85 6.45 26.82
C TRP F 95 46.62 5.07 26.21
N ASP F 96 46.02 4.14 26.98
CA ASP F 96 45.67 2.83 26.43
C ASP F 96 44.83 2.96 25.15
N ALA F 97 43.89 3.90 25.15
CA ALA F 97 43.01 4.04 24.00
C ALA F 97 43.77 4.48 22.75
N VAL F 98 44.96 5.08 22.88
CA VAL F 98 45.70 5.50 21.70
C VAL F 98 47.02 4.73 21.59
N ARG F 99 47.09 3.53 22.18
CA ARG F 99 48.22 2.64 22.00
C ARG F 99 47.87 1.61 20.94
N TYR F 100 48.76 1.44 19.97
CA TYR F 100 48.51 0.54 18.84
C TYR F 100 49.79 -0.19 18.48
N ASN F 101 49.77 -1.51 18.57
CA ASN F 101 50.95 -2.32 18.31
C ASN F 101 52.11 -1.89 19.19
N GLY F 102 51.79 -1.49 20.42
CA GLY F 102 52.80 -1.12 21.40
C GLY F 102 53.28 0.31 21.35
N LYS F 103 52.86 1.10 20.38
CA LYS F 103 53.30 2.49 20.29
C LYS F 103 52.13 3.43 20.52
N LEU F 104 52.41 4.57 21.15
CA LEU F 104 51.43 5.64 21.23
C LEU F 104 51.34 6.34 19.87
N ILE F 105 50.12 6.54 19.39
CA ILE F 105 49.88 7.07 18.05
C ILE F 105 49.04 8.33 18.06
N ALA F 106 48.66 8.84 19.23
CA ALA F 106 47.96 10.11 19.32
C ALA F 106 48.03 10.55 20.76
N TYR F 107 47.66 11.79 20.98
CA TYR F 107 47.47 12.36 22.31
C TYR F 107 45.99 12.26 22.69
N PRO F 108 45.65 11.65 23.83
CA PRO F 108 44.25 11.65 24.26
C PRO F 108 43.88 13.01 24.82
N ILE F 109 42.64 13.43 24.54
CA ILE F 109 42.15 14.74 24.94
C ILE F 109 41.01 14.64 25.95
N ALA F 110 39.98 13.85 25.64
CA ALA F 110 38.82 13.78 26.52
C ALA F 110 38.03 12.53 26.24
N VAL F 111 37.29 12.10 27.25
CA VAL F 111 36.53 10.86 27.22
C VAL F 111 35.07 11.22 27.02
N GLU F 112 34.46 10.68 25.97
CA GLU F 112 33.10 10.99 25.59
C GLU F 112 32.20 9.76 25.74
N ALA F 113 30.99 9.98 26.24
CA ALA F 113 29.95 8.95 26.23
C ALA F 113 28.61 9.63 26.11
N LEU F 114 27.66 8.95 25.47
CA LEU F 114 26.32 9.49 25.30
C LEU F 114 25.54 9.37 26.60
N SER F 115 24.62 10.32 26.80
CA SER F 115 23.74 10.31 27.94
C SER F 115 22.32 10.61 27.47
N LEU F 116 21.36 10.32 28.34
CA LEU F 116 19.99 10.77 28.14
C LEU F 116 19.91 12.23 28.57
N ILE F 117 19.49 13.10 27.65
CA ILE F 117 19.22 14.50 27.95
C ILE F 117 17.72 14.69 27.88
N TYR F 118 17.16 15.35 28.90
CA TYR F 118 15.72 15.52 28.94
C TYR F 118 15.38 16.92 29.41
N ASN F 119 14.19 17.36 28.99
CA ASN F 119 13.59 18.64 29.38
C ASN F 119 12.89 18.46 30.72
N LYS F 120 13.38 19.12 31.76
CA LYS F 120 12.82 18.93 33.09
C LYS F 120 11.41 19.48 33.20
N ASP F 121 11.08 20.52 32.42
CA ASP F 121 9.72 21.04 32.45
C ASP F 121 8.75 20.08 31.78
N LEU F 122 9.13 19.53 30.63
CA LEU F 122 8.23 18.59 29.95
C LEU F 122 8.19 17.24 30.65
N LEU F 123 9.24 16.89 31.39
CA LEU F 123 9.39 15.54 31.94
C LEU F 123 10.17 15.62 33.24
N PRO F 124 9.48 15.85 34.37
CA PRO F 124 10.20 15.94 35.65
C PRO F 124 10.92 14.64 36.01
N ASN F 125 10.29 13.49 35.79
CA ASN F 125 10.90 12.19 36.03
C ASN F 125 11.20 11.52 34.70
N PRO F 126 12.45 11.54 34.22
CA PRO F 126 12.74 10.89 32.95
C PRO F 126 12.54 9.40 33.07
N PRO F 127 12.20 8.72 31.97
CA PRO F 127 11.94 7.29 32.05
C PRO F 127 13.21 6.51 32.33
N LYS F 128 13.07 5.43 33.08
CA LYS F 128 14.19 4.57 33.38
C LYS F 128 14.33 3.41 32.41
N THR F 129 13.28 3.08 31.67
CA THR F 129 13.29 1.98 30.71
C THR F 129 12.96 2.48 29.31
N TRP F 130 13.52 1.80 28.31
CA TRP F 130 13.11 2.05 26.93
C TRP F 130 11.66 1.65 26.73
N GLU F 131 11.25 0.52 27.32
CA GLU F 131 9.90 -0.01 27.12
C GLU F 131 8.82 0.97 27.56
N GLU F 132 9.16 1.90 28.44
CA GLU F 132 8.25 2.99 28.80
C GLU F 132 7.96 3.91 27.61
N ILE F 133 8.93 4.09 26.74
CA ILE F 133 8.93 5.28 25.87
C ILE F 133 7.72 5.32 24.94
N PRO F 134 7.28 4.23 24.32
CA PRO F 134 6.05 4.30 23.51
C PRO F 134 4.90 4.97 24.25
N ALA F 135 4.53 4.45 25.42
CA ALA F 135 3.41 5.02 26.16
C ALA F 135 3.68 6.47 26.56
N LEU F 136 4.95 6.84 26.71
CA LEU F 136 5.27 8.23 27.06
C LEU F 136 5.06 9.16 25.87
N ASP F 137 5.46 8.71 24.67
CA ASP F 137 5.25 9.52 23.46
C ASP F 137 3.78 9.68 23.13
N LYS F 138 2.94 8.71 23.49
CA LYS F 138 1.50 8.85 23.25
C LYS F 138 0.92 9.98 24.11
N GLU F 139 1.36 10.09 25.36
CA GLU F 139 0.83 11.12 26.24
C GLU F 139 1.37 12.49 25.86
N LEU F 140 2.62 12.57 25.40
CA LEU F 140 3.17 13.83 24.93
C LEU F 140 2.60 14.22 23.56
N LYS F 141 2.28 13.24 22.72
CA LYS F 141 1.61 13.53 21.45
C LYS F 141 0.35 14.35 21.69
N ALA F 142 -0.45 13.95 22.68
CA ALA F 142 -1.70 14.63 22.97
C ALA F 142 -1.52 16.01 23.58
N LYS F 143 -0.30 16.37 24.00
CA LYS F 143 0.03 17.69 24.48
C LYS F 143 0.75 18.53 23.44
N GLY F 144 0.92 18.00 22.22
CA GLY F 144 1.60 18.71 21.17
C GLY F 144 3.09 18.46 21.07
N LYS F 145 3.58 17.33 21.61
CA LYS F 145 5.00 17.09 21.74
C LYS F 145 5.32 15.65 21.36
N SER F 146 6.57 15.26 21.57
CA SER F 146 7.02 13.90 21.34
C SER F 146 8.03 13.54 22.44
N ALA F 147 8.20 12.24 22.66
CA ALA F 147 9.03 11.77 23.76
C ALA F 147 10.52 11.90 23.44
N LEU F 148 10.95 11.36 22.31
CA LEU F 148 12.37 11.16 22.07
C LEU F 148 12.73 11.45 20.63
N MET F 149 13.84 12.16 20.44
CA MET F 149 14.38 12.43 19.12
C MET F 149 15.89 12.40 19.19
N PHE F 150 16.52 11.58 18.35
CA PHE F 150 17.98 11.53 18.32
C PHE F 150 18.42 11.14 16.91
N ASN F 151 19.71 11.31 16.66
CA ASN F 151 20.28 11.13 15.33
C ASN F 151 20.24 9.65 14.96
N LEU F 152 19.37 9.29 14.02
CA LEU F 152 19.24 7.92 13.53
C LEU F 152 20.11 7.62 12.32
N GLN F 153 20.93 8.59 11.86
CA GLN F 153 21.77 8.42 10.68
C GLN F 153 23.18 7.95 11.01
N GLU F 154 23.58 7.98 12.28
CA GLU F 154 24.91 7.55 12.69
C GLU F 154 24.78 6.41 13.70
N PRO F 155 25.25 5.20 13.38
CA PRO F 155 25.01 4.06 14.28
C PRO F 155 25.54 4.27 15.69
N TYR F 156 26.48 5.20 15.89
CA TYR F 156 26.97 5.53 17.23
C TYR F 156 25.83 5.77 18.21
N PHE F 157 24.71 6.36 17.74
CA PHE F 157 23.66 6.81 18.64
C PHE F 157 22.66 5.71 18.97
N THR F 158 22.50 4.71 18.11
CA THR F 158 21.63 3.59 18.46
C THR F 158 22.40 2.43 19.08
N TRP F 159 23.73 2.42 18.95
CA TRP F 159 24.53 1.32 19.48
C TRP F 159 24.29 1.04 20.96
N PRO F 160 24.13 2.04 21.84
CA PRO F 160 23.86 1.71 23.25
C PRO F 160 22.65 0.79 23.38
N LEU F 161 21.62 0.99 22.55
CA LEU F 161 20.45 0.11 22.58
C LEU F 161 20.79 -1.25 21.98
N ILE F 162 21.53 -1.29 20.88
CA ILE F 162 21.88 -2.56 20.26
C ILE F 162 22.65 -3.44 21.24
N ALA F 163 23.59 -2.84 21.97
CA ALA F 163 24.49 -3.59 22.85
C ALA F 163 23.85 -3.92 24.20
N ALA F 164 22.69 -3.36 24.52
CA ALA F 164 22.14 -3.50 25.86
C ALA F 164 21.96 -4.97 26.24
N ASP F 165 21.40 -5.77 25.33
CA ASP F 165 21.05 -7.16 25.63
C ASP F 165 21.95 -8.16 24.93
N GLY F 166 23.19 -7.79 24.59
CA GLY F 166 24.09 -8.77 24.04
C GLY F 166 24.84 -8.38 22.79
N GLY F 167 24.35 -7.41 22.04
CA GLY F 167 25.08 -6.96 20.87
C GLY F 167 26.49 -6.56 21.23
N TYR F 168 27.44 -6.90 20.37
CA TYR F 168 28.81 -6.45 20.53
C TYR F 168 29.46 -6.30 19.16
N ALA F 169 30.60 -5.61 19.14
CA ALA F 169 31.31 -5.39 17.88
C ALA F 169 32.24 -6.56 17.57
N PHE F 170 33.42 -6.56 18.16
CA PHE F 170 34.38 -7.65 18.01
C PHE F 170 34.64 -8.26 19.37
N LYS F 171 34.56 -9.59 19.46
CA LYS F 171 34.82 -10.26 20.72
C LYS F 171 36.27 -10.07 21.17
N TYR F 172 36.46 -9.69 22.42
CA TYR F 172 37.81 -9.59 23.00
C TYR F 172 38.17 -10.96 23.54
N ALA F 173 38.92 -11.73 22.76
CA ALA F 173 39.21 -13.12 23.07
C ALA F 173 40.71 -13.33 23.14
N ALA F 174 41.20 -13.77 24.31
CA ALA F 174 42.60 -14.17 24.49
C ALA F 174 43.55 -12.99 24.36
N GLY F 175 43.16 -11.83 24.91
CA GLY F 175 44.03 -10.67 24.93
C GLY F 175 43.99 -9.80 23.70
N LYS F 176 43.10 -10.07 22.74
CA LYS F 176 42.97 -9.23 21.56
C LYS F 176 41.57 -9.35 20.99
N TYR F 177 41.22 -8.38 20.16
CA TYR F 177 39.96 -8.42 19.46
C TYR F 177 40.05 -9.39 18.29
N ASP F 178 39.10 -10.31 18.22
CA ASP F 178 39.02 -11.28 17.13
C ASP F 178 38.21 -10.67 15.99
N ILE F 179 38.89 -10.35 14.87
CA ILE F 179 38.23 -9.64 13.79
C ILE F 179 37.21 -10.49 13.05
N LYS F 180 37.17 -11.80 13.31
CA LYS F 180 36.24 -12.69 12.63
C LYS F 180 35.05 -13.08 13.50
N ASP F 181 34.91 -12.46 14.68
CA ASP F 181 33.85 -12.78 15.63
C ASP F 181 33.07 -11.49 15.89
N VAL F 182 31.98 -11.29 15.17
CA VAL F 182 31.19 -10.07 15.21
C VAL F 182 29.87 -10.36 15.91
N GLY F 183 29.43 -9.44 16.75
CA GLY F 183 28.25 -9.68 17.57
C GLY F 183 27.05 -8.80 17.22
N VAL F 184 26.97 -8.33 15.98
CA VAL F 184 25.85 -7.50 15.57
C VAL F 184 24.67 -8.31 15.05
N ASP F 185 24.79 -9.64 15.00
CA ASP F 185 23.73 -10.50 14.50
C ASP F 185 23.22 -11.49 15.55
N ASN F 186 23.56 -11.31 16.83
CA ASN F 186 23.07 -12.25 17.84
C ASN F 186 21.69 -11.81 18.33
N ALA F 187 21.11 -12.61 19.22
CA ALA F 187 19.75 -12.34 19.70
C ALA F 187 19.66 -10.98 20.37
N GLY F 188 20.73 -10.55 21.04
CA GLY F 188 20.67 -9.29 21.77
C GLY F 188 20.65 -8.09 20.84
N ALA F 189 21.44 -8.14 19.77
CA ALA F 189 21.40 -7.06 18.78
C ALA F 189 20.03 -6.98 18.12
N LYS F 190 19.45 -8.13 17.75
CA LYS F 190 18.16 -8.13 17.10
C LYS F 190 17.10 -7.49 17.97
N ALA F 191 16.95 -7.97 19.21
CA ALA F 191 16.01 -7.36 20.13
C ALA F 191 16.22 -5.86 20.22
N GLY F 192 17.48 -5.42 20.26
CA GLY F 192 17.76 -3.99 20.35
C GLY F 192 17.30 -3.23 19.12
N LEU F 193 17.68 -3.72 17.93
CA LEU F 193 17.32 -3.00 16.71
C LEU F 193 15.83 -3.12 16.42
N THR F 194 15.19 -4.22 16.80
CA THR F 194 13.76 -4.36 16.55
C THR F 194 12.93 -3.46 17.44
N PHE F 195 13.40 -3.17 18.66
CA PHE F 195 12.74 -2.13 19.44
C PHE F 195 12.87 -0.77 18.75
N LEU F 196 14.06 -0.47 18.22
CA LEU F 196 14.22 0.78 17.48
C LEU F 196 13.34 0.83 16.23
N VAL F 197 13.24 -0.30 15.51
CA VAL F 197 12.41 -0.33 14.32
C VAL F 197 10.94 -0.22 14.67
N ASP F 198 10.55 -0.66 15.87
CA ASP F 198 9.15 -0.61 16.24
C ASP F 198 8.73 0.78 16.70
N LEU F 199 9.63 1.54 17.31
CA LEU F 199 9.32 2.93 17.60
C LEU F 199 9.01 3.69 16.31
N ILE F 200 9.78 3.43 15.25
CA ILE F 200 9.56 4.08 13.97
C ILE F 200 8.23 3.61 13.36
N LYS F 201 7.99 2.30 13.35
CA LYS F 201 6.75 1.80 12.78
C LYS F 201 5.53 2.39 13.48
N ASN F 202 5.56 2.45 14.81
CA ASN F 202 4.48 3.00 15.61
C ASN F 202 4.50 4.52 15.66
N LYS F 203 5.38 5.15 14.86
CA LYS F 203 5.40 6.60 14.67
C LYS F 203 5.77 7.34 15.95
N HIS F 204 6.53 6.68 16.84
CA HIS F 204 7.16 7.36 17.96
C HIS F 204 8.50 7.95 17.58
N MET F 205 9.00 7.66 16.39
CA MET F 205 10.21 8.27 15.87
C MET F 205 10.14 8.22 14.34
N ASN F 206 11.00 9.00 13.72
CA ASN F 206 11.06 9.19 12.28
C ASN F 206 12.42 8.73 11.78
N ALA F 207 12.42 7.81 10.80
CA ALA F 207 13.66 7.21 10.34
C ALA F 207 14.61 8.22 9.69
N ASP F 208 14.11 9.39 9.32
CA ASP F 208 14.93 10.40 8.64
C ASP F 208 15.59 11.38 9.60
N THR F 209 15.32 11.27 10.90
CA THR F 209 15.85 12.23 11.86
C THR F 209 17.38 12.18 11.91
N ASP F 210 18.01 13.32 11.74
CA ASP F 210 19.46 13.38 11.81
C ASP F 210 19.89 14.21 13.02
N TYR F 211 21.20 14.40 13.14
CA TYR F 211 21.74 15.17 14.25
C TYR F 211 21.11 16.57 14.33
N SER F 212 21.17 17.31 13.23
CA SER F 212 20.63 18.68 13.22
C SER F 212 19.16 18.71 13.62
N ILE F 213 18.34 17.81 13.07
CA ILE F 213 16.90 17.86 13.31
C ILE F 213 16.60 17.60 14.78
N ALA F 214 17.20 16.55 15.35
CA ALA F 214 16.96 16.23 16.74
C ALA F 214 17.43 17.34 17.66
N GLU F 215 18.62 17.90 17.40
CA GLU F 215 19.12 19.00 18.22
C GLU F 215 18.13 20.16 18.23
N ALA F 216 17.72 20.60 17.04
CA ALA F 216 16.76 21.70 16.96
C ALA F 216 15.43 21.34 17.61
N ALA F 217 14.97 20.10 17.41
CA ALA F 217 13.72 19.68 18.03
C ALA F 217 13.80 19.79 19.55
N PHE F 218 14.86 19.26 20.15
CA PHE F 218 14.97 19.30 21.60
C PHE F 218 15.22 20.71 22.11
N ASN F 219 16.10 21.47 21.44
CA ASN F 219 16.50 22.76 21.94
C ASN F 219 15.39 23.80 21.82
N LYS F 220 14.39 23.55 20.98
CA LYS F 220 13.22 24.42 20.90
C LYS F 220 12.05 23.90 21.73
N GLY F 221 12.27 22.86 22.54
CA GLY F 221 11.23 22.35 23.41
C GLY F 221 10.12 21.58 22.72
N GLU F 222 10.40 20.98 21.57
CA GLU F 222 9.38 20.21 20.85
C GLU F 222 9.37 18.74 21.24
N THR F 223 10.52 18.22 21.68
CA THR F 223 10.67 16.84 22.13
C THR F 223 11.26 16.83 23.53
N ALA F 224 10.74 15.94 24.38
CA ALA F 224 11.10 15.92 25.79
C ALA F 224 12.47 15.31 26.06
N MET F 225 13.04 14.57 25.10
CA MET F 225 14.29 13.86 25.33
C MET F 225 15.09 13.80 24.05
N THR F 226 16.41 13.75 24.20
CA THR F 226 17.30 13.42 23.10
C THR F 226 18.49 12.65 23.68
N ILE F 227 19.30 12.09 22.79
CA ILE F 227 20.50 11.33 23.16
C ILE F 227 21.69 12.00 22.49
N ASN F 228 22.67 12.41 23.29
CA ASN F 228 23.78 13.17 22.73
C ASN F 228 24.93 13.23 23.72
N GLY F 229 26.06 13.77 23.23
CA GLY F 229 27.29 13.84 23.99
C GLY F 229 27.54 15.21 24.58
N PRO F 230 28.63 15.32 25.36
CA PRO F 230 28.89 16.58 26.09
C PRO F 230 29.00 17.79 25.19
N TRP F 231 29.45 17.61 23.96
CA TRP F 231 29.63 18.73 23.03
C TRP F 231 28.31 19.47 22.77
N ALA F 232 27.17 18.85 23.08
CA ALA F 232 25.84 19.40 22.76
C ALA F 232 25.26 20.28 23.86
N TRP F 233 25.82 20.26 25.07
CA TRP F 233 25.22 21.03 26.17
C TRP F 233 25.27 22.54 25.91
N SER F 234 26.34 23.00 25.26
CA SER F 234 26.54 24.44 25.07
C SER F 234 25.36 25.08 24.34
N ASN F 235 24.84 24.40 23.32
CA ASN F 235 23.68 24.94 22.60
C ASN F 235 22.40 24.86 23.43
N ILE F 236 22.27 23.86 24.29
CA ILE F 236 21.09 23.77 25.14
C ILE F 236 21.07 24.90 26.17
N ASP F 237 22.25 25.24 26.71
CA ASP F 237 22.36 26.36 27.65
C ASP F 237 21.91 27.66 26.99
N THR F 238 22.30 27.85 25.73
CA THR F 238 21.86 29.03 24.99
C THR F 238 20.35 29.03 24.82
N SER F 239 19.75 27.85 24.72
CA SER F 239 18.30 27.78 24.57
C SER F 239 17.62 28.07 25.91
N ALA F 240 16.30 28.21 25.85
CA ALA F 240 15.50 28.42 27.05
C ALA F 240 15.20 27.11 27.78
N VAL F 241 15.72 25.98 27.29
CA VAL F 241 15.31 24.67 27.77
C VAL F 241 16.03 24.37 29.08
N ASN F 242 15.26 24.04 30.12
CA ASN F 242 15.79 23.58 31.39
C ASN F 242 15.96 22.07 31.31
N TYR F 243 17.21 21.60 31.33
CA TYR F 243 17.52 20.24 30.93
C TYR F 243 18.33 19.50 31.99
N GLY F 244 18.27 18.18 31.90
CA GLY F 244 19.08 17.32 32.74
C GLY F 244 19.77 16.28 31.89
N VAL F 245 20.86 15.75 32.45
CA VAL F 245 21.69 14.72 31.81
C VAL F 245 21.72 13.55 32.77
N THR F 246 21.31 12.37 32.28
CA THR F 246 21.09 11.25 33.19
C THR F 246 21.45 9.93 32.51
N VAL F 247 21.32 8.86 33.30
CA VAL F 247 21.66 7.51 32.82
C VAL F 247 20.76 7.14 31.65
N LEU F 248 21.35 6.53 30.63
CA LEU F 248 20.54 6.04 29.53
C LEU F 248 19.50 5.05 30.05
N PRO F 249 18.35 4.96 29.42
CA PRO F 249 17.34 3.99 29.86
C PRO F 249 17.83 2.56 29.65
N THR F 250 17.24 1.66 30.44
CA THR F 250 17.55 0.24 30.33
C THR F 250 16.68 -0.41 29.28
N PHE F 251 17.14 -1.56 28.80
CA PHE F 251 16.41 -2.36 27.83
C PHE F 251 16.43 -3.80 28.32
N LYS F 252 15.25 -4.38 28.54
CA LYS F 252 15.13 -5.73 29.07
C LYS F 252 15.91 -5.88 30.37
N GLY F 253 15.77 -4.88 31.24
CA GLY F 253 16.44 -4.86 32.53
C GLY F 253 17.92 -4.58 32.48
N GLN F 254 18.51 -4.50 31.29
CA GLN F 254 19.95 -4.33 31.08
C GLN F 254 20.28 -2.87 30.76
N PRO F 255 21.34 -2.32 31.35
CA PRO F 255 21.72 -0.94 31.02
C PRO F 255 22.06 -0.80 29.55
N SER F 256 21.72 0.35 28.98
CA SER F 256 22.24 0.70 27.66
C SER F 256 23.75 0.89 27.76
N LYS F 257 24.48 0.42 26.74
CA LYS F 257 25.93 0.30 26.78
C LYS F 257 26.56 1.12 25.65
N PRO F 258 26.76 2.41 25.86
CA PRO F 258 27.37 3.23 24.81
C PRO F 258 28.83 2.87 24.59
N PHE F 259 29.28 2.96 23.33
CA PHE F 259 30.71 2.90 23.05
C PHE F 259 31.38 4.16 23.58
N VAL F 260 32.47 4.00 24.29
CA VAL F 260 33.17 5.13 24.86
C VAL F 260 34.25 5.58 23.88
N GLY F 261 34.26 6.86 23.57
CA GLY F 261 35.22 7.44 22.64
C GLY F 261 36.19 8.35 23.39
N VAL F 262 37.46 8.28 23.01
CA VAL F 262 38.47 9.22 23.50
C VAL F 262 38.82 10.14 22.35
N LEU F 263 38.42 11.40 22.45
CA LEU F 263 38.87 12.38 21.47
C LEU F 263 40.39 12.49 21.52
N SER F 264 41.03 12.30 20.39
CA SER F 264 42.48 12.20 20.31
C SER F 264 43.01 13.07 19.18
N ALA F 265 44.30 13.43 19.30
CA ALA F 265 44.99 14.27 18.33
C ALA F 265 46.19 13.50 17.79
N GLY F 266 46.14 13.12 16.53
CA GLY F 266 47.24 12.48 15.85
C GLY F 266 48.03 13.48 15.02
N ILE F 267 49.32 13.19 14.85
CA ILE F 267 50.22 14.02 14.07
C ILE F 267 50.47 13.31 12.74
N ASN F 268 50.18 14.02 11.64
CA ASN F 268 50.38 13.49 10.30
C ASN F 268 51.84 13.10 10.09
N ALA F 269 52.08 11.86 9.66
CA ALA F 269 53.44 11.40 9.42
C ALA F 269 54.15 12.22 8.35
N ALA F 270 53.41 12.83 7.43
CA ALA F 270 53.99 13.67 6.40
C ALA F 270 54.17 15.11 6.85
N SER F 271 53.83 15.44 8.08
CA SER F 271 53.92 16.82 8.52
C SER F 271 55.38 17.28 8.57
N PRO F 272 55.71 18.45 8.01
CA PRO F 272 57.01 19.05 8.27
C PRO F 272 57.08 19.79 9.59
N ASN F 273 56.01 19.77 10.39
CA ASN F 273 55.92 20.57 11.61
C ASN F 273 55.71 19.69 12.84
N LYS F 274 56.35 18.52 12.86
CA LYS F 274 56.09 17.57 13.94
C LYS F 274 56.48 18.14 15.29
N GLU F 275 57.64 18.81 15.37
CA GLU F 275 58.06 19.39 16.64
C GLU F 275 57.08 20.45 17.11
N LEU F 276 56.61 21.30 16.21
CA LEU F 276 55.66 22.34 16.57
C LEU F 276 54.31 21.74 17.00
N ALA F 277 53.85 20.73 16.29
CA ALA F 277 52.57 20.10 16.65
C ALA F 277 52.66 19.45 18.02
N LYS F 278 53.82 18.84 18.34
CA LYS F 278 53.97 18.24 19.65
C LYS F 278 53.97 19.31 20.74
N GLU F 279 54.66 20.42 20.51
CA GLU F 279 54.65 21.50 21.50
C GLU F 279 53.25 22.07 21.68
N PHE F 280 52.52 22.26 20.58
CA PHE F 280 51.16 22.80 20.67
C PHE F 280 50.28 21.91 21.55
N LEU F 281 50.26 20.61 21.26
CA LEU F 281 49.39 19.71 22.01
C LEU F 281 49.81 19.60 23.48
N GLU F 282 51.12 19.39 23.73
CA GLU F 282 51.57 19.13 25.10
C GLU F 282 51.59 20.39 25.97
N ASN F 283 52.02 21.53 25.42
CA ASN F 283 52.24 22.73 26.23
C ASN F 283 51.13 23.78 26.10
N TYR F 284 50.24 23.65 25.11
CA TYR F 284 49.19 24.65 24.94
C TYR F 284 47.80 24.05 25.09
N LEU F 285 47.46 23.02 24.32
CA LEU F 285 46.14 22.42 24.42
C LEU F 285 45.95 21.71 25.76
N LEU F 286 46.80 20.73 26.03
CA LEU F 286 46.62 19.89 27.21
C LEU F 286 47.12 20.59 28.48
N THR F 287 46.62 21.80 28.72
CA THR F 287 46.79 22.54 29.95
C THR F 287 45.41 22.87 30.50
N ASP F 288 45.36 23.29 31.76
CA ASP F 288 44.08 23.70 32.33
C ASP F 288 43.46 24.79 31.48
N GLU F 289 44.25 25.79 31.10
CA GLU F 289 43.72 26.93 30.34
C GLU F 289 43.40 26.56 28.91
N GLY F 290 44.19 25.65 28.31
CA GLY F 290 43.92 25.26 26.94
C GLY F 290 42.65 24.47 26.81
N LEU F 291 42.51 23.41 27.61
CA LEU F 291 41.26 22.64 27.60
C LEU F 291 40.09 23.51 28.02
N GLU F 292 40.32 24.46 28.94
CA GLU F 292 39.24 25.35 29.34
C GLU F 292 38.73 26.18 28.17
N ALA F 293 39.64 26.64 27.30
CA ALA F 293 39.20 27.45 26.17
C ALA F 293 38.36 26.62 25.20
N VAL F 294 38.77 25.39 24.93
CA VAL F 294 37.93 24.50 24.11
C VAL F 294 36.63 24.19 24.85
N ASN F 295 36.73 23.87 26.15
CA ASN F 295 35.56 23.40 26.89
C ASN F 295 34.50 24.47 26.96
N LYS F 296 34.91 25.73 27.09
CA LYS F 296 33.97 26.84 27.15
C LYS F 296 33.27 27.08 25.83
N ASP F 297 33.83 26.59 24.73
CA ASP F 297 33.16 26.69 23.42
C ASP F 297 32.12 25.58 23.30
N LYS F 298 32.57 24.33 23.24
CA LYS F 298 31.67 23.17 23.33
C LYS F 298 32.26 22.22 24.37
N PRO F 299 31.49 21.81 25.37
CA PRO F 299 32.05 20.95 26.43
C PRO F 299 32.74 19.71 25.85
N LEU F 300 33.83 19.30 26.51
CA LEU F 300 34.67 18.21 26.05
C LEU F 300 34.29 16.86 26.67
N GLY F 301 33.57 16.86 27.78
CA GLY F 301 33.40 15.65 28.54
C GLY F 301 34.45 15.55 29.64
N ALA F 302 34.84 14.34 30.01
CA ALA F 302 35.82 14.12 31.06
C ALA F 302 37.20 14.15 30.41
N VAL F 303 37.96 15.21 30.67
CA VAL F 303 39.20 15.42 29.95
C VAL F 303 40.27 14.46 30.45
N ALA F 304 41.25 14.19 29.59
CA ALA F 304 42.31 13.26 29.94
C ALA F 304 43.26 13.83 30.98
N LEU F 305 43.31 15.16 31.11
CA LEU F 305 44.24 15.83 32.00
C LEU F 305 43.68 15.82 33.42
N LYS F 306 44.40 15.15 34.34
CA LYS F 306 43.92 14.98 35.71
C LYS F 306 43.63 16.32 36.37
N SER F 307 44.54 17.28 36.23
CA SER F 307 44.44 18.53 36.97
C SER F 307 43.15 19.27 36.63
N TYR F 308 42.73 19.22 35.36
CA TYR F 308 41.49 19.88 34.97
C TYR F 308 40.25 19.01 35.19
N GLU F 309 40.37 17.70 34.97
CA GLU F 309 39.23 16.81 35.24
C GLU F 309 38.78 16.90 36.69
N GLU F 310 39.70 17.15 37.62
CA GLU F 310 39.30 17.27 39.02
C GLU F 310 38.36 18.46 39.23
N GLU F 311 38.47 19.49 38.39
CA GLU F 311 37.47 20.54 38.39
C GLU F 311 36.21 20.12 37.64
N LEU F 312 36.38 19.61 36.41
CA LEU F 312 35.21 19.23 35.62
C LEU F 312 34.40 18.13 36.29
N ALA F 313 35.06 17.24 37.04
CA ALA F 313 34.35 16.15 37.70
C ALA F 313 33.26 16.68 38.64
N LYS F 314 33.40 17.91 39.12
CA LYS F 314 32.40 18.49 40.01
C LYS F 314 31.08 18.81 39.30
N ASP F 315 31.02 18.64 37.98
CA ASP F 315 29.82 18.92 37.22
C ASP F 315 28.91 17.70 37.22
N PRO F 316 27.66 17.81 37.64
CA PRO F 316 26.78 16.63 37.62
C PRO F 316 26.53 16.11 36.21
N ARG F 317 26.73 16.92 35.19
CA ARG F 317 26.58 16.45 33.82
C ARG F 317 27.74 15.54 33.44
N ILE F 318 28.94 15.85 33.93
CA ILE F 318 30.08 14.97 33.69
C ILE F 318 29.91 13.68 34.49
N ALA F 319 29.37 13.77 35.70
CA ALA F 319 29.10 12.57 36.50
C ALA F 319 28.14 11.63 35.77
N ALA F 320 27.07 12.18 35.20
CA ALA F 320 26.15 11.35 34.43
C ALA F 320 26.83 10.74 33.21
N THR F 321 27.73 11.50 32.57
CA THR F 321 28.46 10.99 31.42
C THR F 321 29.35 9.81 31.81
N MET F 322 30.09 9.96 32.90
CA MET F 322 30.99 8.89 33.33
C MET F 322 30.22 7.71 33.88
N GLU F 323 29.03 7.94 34.43
CA GLU F 323 28.17 6.83 34.83
C GLU F 323 27.72 6.03 33.62
N ASN F 324 27.41 6.71 32.50
CA ASN F 324 27.07 5.97 31.28
C ASN F 324 28.30 5.29 30.69
N ALA F 325 29.46 5.96 30.75
CA ALA F 325 30.67 5.36 30.19
C ALA F 325 31.02 4.05 30.90
N GLN F 326 30.87 4.01 32.22
CA GLN F 326 31.17 2.79 32.97
C GLN F 326 30.29 1.62 32.56
N LYS F 327 29.04 1.90 32.18
CA LYS F 327 28.17 0.81 31.76
C LYS F 327 28.51 0.34 30.36
N GLY F 328 29.20 1.16 29.57
CA GLY F 328 29.57 0.83 28.21
C GLY F 328 30.99 0.32 28.11
N GLU F 329 31.61 0.57 26.96
CA GLU F 329 32.89 -0.03 26.66
C GLU F 329 33.74 0.94 25.85
N ILE F 330 35.03 0.97 26.20
CA ILE F 330 35.99 1.66 25.35
C ILE F 330 35.95 1.04 23.97
N MET F 331 35.91 1.87 22.95
CA MET F 331 35.94 1.36 21.59
C MET F 331 37.30 0.72 21.30
N PRO F 332 37.32 -0.33 20.50
CA PRO F 332 38.59 -0.78 19.92
C PRO F 332 39.13 0.29 18.98
N ASN F 333 40.43 0.26 18.76
CA ASN F 333 41.08 1.14 17.79
C ASN F 333 41.63 0.38 16.59
N ILE F 334 41.32 -0.91 16.48
CA ILE F 334 41.86 -1.73 15.40
C ILE F 334 41.36 -1.23 14.04
N PRO F 335 42.13 -1.44 12.98
CA PRO F 335 41.73 -0.93 11.66
C PRO F 335 40.36 -1.37 11.21
N GLN F 336 39.92 -2.57 11.61
CA GLN F 336 38.63 -3.08 11.16
C GLN F 336 37.44 -2.28 11.70
N MET F 337 37.68 -1.28 12.56
CA MET F 337 36.57 -0.51 13.12
C MET F 337 35.78 0.24 12.06
N SER F 338 36.44 0.73 11.00
CA SER F 338 35.71 1.50 9.99
C SER F 338 34.75 0.60 9.23
N ALA F 339 35.19 -0.61 8.87
CA ALA F 339 34.27 -1.57 8.27
C ALA F 339 33.10 -1.90 9.20
N PHE F 340 33.38 -2.06 10.50
CA PHE F 340 32.29 -2.32 11.45
C PHE F 340 31.29 -1.17 11.46
N TRP F 341 31.78 0.07 11.54
CA TRP F 341 30.85 1.21 11.58
C TRP F 341 30.06 1.31 10.28
N TYR F 342 30.70 1.13 9.12
CA TYR F 342 29.98 1.17 7.86
C TYR F 342 28.89 0.11 7.83
N ALA F 343 29.23 -1.13 8.18
CA ALA F 343 28.24 -2.20 8.15
C ALA F 343 27.04 -1.88 9.05
N VAL F 344 27.29 -1.37 10.26
CA VAL F 344 26.20 -1.15 11.20
C VAL F 344 25.37 0.07 10.80
N ARG F 345 26.02 1.10 10.23
CA ARG F 345 25.26 2.23 9.73
C ARG F 345 24.23 1.77 8.69
N THR F 346 24.69 1.07 7.65
CA THR F 346 23.80 0.58 6.61
C THR F 346 22.63 -0.19 7.20
N ALA F 347 22.91 -1.07 8.16
CA ALA F 347 21.86 -1.96 8.66
C ALA F 347 20.83 -1.18 9.46
N VAL F 348 21.27 -0.25 10.32
CA VAL F 348 20.31 0.59 11.04
C VAL F 348 19.44 1.36 10.05
N ILE F 349 20.08 2.08 9.13
CA ILE F 349 19.36 2.88 8.16
C ILE F 349 18.42 2.00 7.34
N ASN F 350 18.92 0.84 6.88
CA ASN F 350 18.09 -0.05 6.06
C ASN F 350 16.91 -0.58 6.86
N ALA F 351 17.15 -0.99 8.11
CA ALA F 351 16.04 -1.50 8.92
C ALA F 351 15.08 -0.39 9.32
N ALA F 352 15.62 0.79 9.66
CA ALA F 352 14.77 1.90 10.08
C ALA F 352 13.86 2.39 8.97
N SER F 353 14.18 2.10 7.71
CA SER F 353 13.45 2.62 6.57
C SER F 353 12.59 1.58 5.87
N GLY F 354 12.63 0.32 6.29
CA GLY F 354 11.88 -0.74 5.64
C GLY F 354 12.58 -1.41 4.47
N ARG F 355 13.68 -0.82 3.97
CA ARG F 355 14.40 -1.42 2.87
C ARG F 355 14.76 -2.87 3.15
N GLN F 356 15.15 -3.16 4.38
CA GLN F 356 15.46 -4.52 4.80
C GLN F 356 14.74 -4.80 6.11
N THR F 357 14.65 -6.09 6.45
CA THR F 357 14.19 -6.49 7.77
C THR F 357 15.32 -6.41 8.77
N VAL F 358 14.95 -6.30 10.05
CA VAL F 358 15.96 -6.27 11.11
C VAL F 358 16.90 -7.46 10.99
N ASP F 359 16.36 -8.63 10.62
CA ASP F 359 17.17 -9.84 10.59
C ASP F 359 18.12 -9.85 9.41
N ALA F 360 17.61 -9.52 8.21
CA ALA F 360 18.47 -9.52 7.03
C ALA F 360 19.53 -8.43 7.11
N ALA F 361 19.17 -7.25 7.64
CA ALA F 361 20.11 -6.14 7.70
C ALA F 361 21.29 -6.46 8.62
N LEU F 362 21.02 -7.10 9.75
CA LEU F 362 22.11 -7.42 10.68
C LEU F 362 22.89 -8.63 10.22
N ALA F 363 22.25 -9.57 9.53
CA ALA F 363 22.99 -10.63 8.87
C ALA F 363 23.97 -10.05 7.88
N ALA F 364 23.48 -9.17 7.00
CA ALA F 364 24.37 -8.49 6.06
C ALA F 364 25.48 -7.75 6.78
N ALA F 365 25.18 -7.13 7.92
CA ALA F 365 26.18 -6.33 8.61
C ALA F 365 27.24 -7.20 9.27
N GLN F 366 26.85 -8.38 9.78
CA GLN F 366 27.82 -9.28 10.39
C GLN F 366 28.82 -9.81 9.38
N THR F 367 28.37 -10.04 8.14
CA THR F 367 29.29 -10.42 7.08
C THR F 367 30.18 -9.24 6.67
N ASN F 368 29.56 -8.07 6.46
CA ASN F 368 30.33 -6.91 6.04
C ASN F 368 31.36 -6.49 7.09
N ALA F 369 30.99 -6.60 8.37
CA ALA F 369 31.91 -6.17 9.43
C ALA F 369 33.20 -6.97 9.43
N ALA F 370 33.10 -8.23 9.07
CA ALA F 370 34.24 -9.06 9.10
C ALA F 370 34.93 -9.26 7.80
N ARG F 371 34.40 -8.68 6.75
CA ARG F 371 34.94 -8.81 5.42
C ARG F 371 36.40 -8.50 5.33
N ARG F 372 37.17 -9.42 4.79
CA ARG F 372 38.60 -9.23 4.64
C ARG F 372 38.82 -8.37 3.47
N LYS F 373 39.01 -7.07 3.66
CA LYS F 373 39.27 -6.18 2.54
C LYS F 373 40.44 -6.72 1.74
N PRO F 374 40.25 -7.11 0.48
CA PRO F 374 41.36 -7.69 -0.29
C PRO F 374 42.44 -6.66 -0.56
N SER F 375 43.68 -7.15 -0.60
CA SER F 375 44.82 -6.27 -0.77
C SER F 375 44.83 -5.65 -2.16
N TRP F 376 45.61 -4.57 -2.30
CA TRP F 376 45.78 -3.94 -3.60
C TRP F 376 46.28 -4.93 -4.64
N ARG F 377 47.23 -5.79 -4.26
CA ARG F 377 47.76 -6.79 -5.19
C ARG F 377 46.65 -7.71 -5.69
N GLU F 378 45.91 -8.32 -4.76
CA GLU F 378 44.80 -9.19 -5.15
C GLU F 378 43.79 -8.45 -6.00
N ARG F 379 43.50 -7.19 -5.65
CA ARG F 379 42.62 -6.37 -6.49
C ARG F 379 43.19 -6.22 -7.89
N GLU F 380 44.51 -5.99 -8.00
CA GLU F 380 45.13 -5.80 -9.31
C GLU F 380 45.20 -7.11 -10.09
N ASN F 381 45.48 -8.22 -9.41
CA ASN F 381 45.60 -9.52 -10.07
C ASN F 381 44.24 -10.09 -10.46
N ASN F 382 43.17 -9.69 -9.78
CA ASN F 382 41.82 -10.01 -10.26
C ASN F 382 41.46 -9.15 -11.47
N ARG F 383 41.80 -7.87 -11.43
CA ARG F 383 41.55 -6.99 -12.56
C ARG F 383 42.28 -7.48 -13.81
N ARG F 384 43.53 -7.90 -13.66
CA ARG F 384 44.34 -8.29 -14.81
C ARG F 384 43.87 -9.64 -15.37
N ARG F 385 43.49 -10.57 -14.50
CA ARG F 385 43.02 -11.86 -14.99
C ARG F 385 41.71 -11.71 -15.76
N GLU F 386 40.84 -10.81 -15.31
CA GLU F 386 39.55 -10.64 -15.98
C GLU F 386 39.71 -9.88 -17.29
N ARG F 387 40.51 -8.82 -17.30
CA ARG F 387 40.75 -8.10 -18.55
C ARG F 387 41.34 -9.02 -19.62
N ARG F 388 42.27 -9.89 -19.21
CA ARG F 388 42.88 -10.84 -20.12
C ARG F 388 41.84 -11.80 -20.70
N ARG F 389 41.01 -12.39 -19.83
CA ARG F 389 40.04 -13.38 -20.29
C ARG F 389 39.08 -12.78 -21.31
N ARG F 390 38.67 -11.52 -21.11
CA ARG F 390 37.73 -10.91 -22.04
C ARG F 390 38.41 -10.56 -23.36
N ALA F 391 39.64 -10.04 -23.30
CA ALA F 391 40.37 -9.76 -24.52
C ALA F 391 40.57 -11.01 -25.36
N VAL F 392 40.72 -12.17 -24.72
CA VAL F 392 40.92 -13.41 -25.47
C VAL F 392 39.63 -13.83 -26.15
N ALA F 393 38.50 -13.76 -25.42
CA ALA F 393 37.21 -14.04 -26.04
C ALA F 393 36.93 -13.07 -27.19
N ALA F 394 37.26 -11.80 -27.01
CA ALA F 394 37.03 -10.83 -28.08
C ALA F 394 37.81 -11.20 -29.33
N LYS F 395 39.09 -11.55 -29.18
CA LYS F 395 39.93 -11.86 -30.33
C LYS F 395 39.50 -13.14 -31.03
N ILE F 396 38.99 -14.12 -30.27
CA ILE F 396 38.52 -15.36 -30.88
C ILE F 396 37.31 -15.07 -31.77
N TYR F 397 36.37 -14.27 -31.27
CA TYR F 397 35.14 -14.03 -32.00
C TYR F 397 35.40 -13.18 -33.25
N THR F 398 36.24 -12.16 -33.14
CA THR F 398 36.59 -11.38 -34.33
C THR F 398 37.27 -12.26 -35.37
N GLY F 399 38.17 -13.15 -34.94
CA GLY F 399 38.82 -14.04 -35.88
C GLY F 399 37.85 -14.93 -36.62
N LEU F 400 36.83 -15.45 -35.93
CA LEU F 400 35.83 -16.28 -36.58
C LEU F 400 34.94 -15.47 -37.52
N ARG F 401 34.51 -14.29 -37.07
CA ARG F 401 33.66 -13.44 -37.90
C ARG F 401 34.36 -13.09 -39.22
N ALA F 402 35.68 -12.99 -39.19
CA ALA F 402 36.44 -12.64 -40.40
C ALA F 402 36.53 -13.81 -41.36
N GLN F 403 37.03 -14.95 -40.89
CA GLN F 403 37.29 -16.11 -41.74
C GLN F 403 36.28 -17.23 -41.56
N GLY F 404 35.16 -16.96 -40.90
CA GLY F 404 34.18 -18.01 -40.67
C GLY F 404 33.47 -18.45 -41.93
N ASP F 405 33.11 -17.50 -42.78
CA ASP F 405 32.32 -17.78 -43.99
C ASP F 405 31.10 -18.62 -43.62
N TYR F 406 30.25 -18.05 -42.76
CA TYR F 406 29.41 -18.85 -41.88
C TYR F 406 27.90 -18.77 -42.16
N ASN F 407 27.48 -18.26 -43.32
CA ASN F 407 26.05 -18.21 -43.64
C ASN F 407 25.25 -17.58 -42.50
N LEU F 408 25.70 -16.42 -42.06
CA LEU F 408 25.10 -15.71 -40.95
C LEU F 408 24.65 -14.31 -41.37
N PRO F 409 23.73 -13.71 -40.63
CA PRO F 409 23.39 -12.30 -40.89
C PRO F 409 24.49 -11.38 -40.39
N LYS F 410 24.70 -10.29 -41.14
CA LYS F 410 25.67 -9.28 -40.72
C LYS F 410 25.43 -8.89 -39.27
N HIS F 411 26.49 -8.55 -38.56
CA HIS F 411 26.40 -7.99 -37.22
C HIS F 411 25.50 -8.85 -36.31
N CYS F 412 25.60 -10.16 -36.50
CA CYS F 412 24.79 -11.10 -35.77
C CYS F 412 25.28 -11.26 -34.33
N ASP F 413 24.51 -12.01 -33.55
CA ASP F 413 24.82 -12.25 -32.15
C ASP F 413 26.13 -13.02 -32.00
N ASN F 414 26.81 -12.77 -30.88
CA ASN F 414 27.95 -13.62 -30.51
C ASN F 414 27.52 -15.06 -30.30
N ASN F 415 26.31 -15.27 -29.77
CA ASN F 415 25.81 -16.62 -29.55
C ASN F 415 25.60 -17.35 -30.87
N GLU F 416 25.16 -16.65 -31.91
CA GLU F 416 24.93 -17.29 -33.20
C GLU F 416 26.22 -17.56 -33.95
N VAL F 417 27.29 -16.82 -33.65
CA VAL F 417 28.60 -17.20 -34.17
C VAL F 417 29.10 -18.46 -33.48
N LEU F 418 28.86 -18.55 -32.16
CA LEU F 418 29.22 -19.75 -31.42
C LEU F 418 28.49 -20.97 -31.95
N LYS F 419 27.17 -20.87 -32.12
CA LYS F 419 26.41 -21.97 -32.70
C LYS F 419 27.02 -22.42 -34.03
N ALA F 420 27.46 -21.45 -34.85
CA ALA F 420 28.02 -21.78 -36.15
C ALA F 420 29.30 -22.60 -36.01
N LEU F 421 30.17 -22.21 -35.08
CA LEU F 421 31.39 -22.97 -34.84
C LEU F 421 31.09 -24.37 -34.34
N CYS F 422 30.04 -24.52 -33.53
CA CYS F 422 29.67 -25.83 -33.01
C CYS F 422 29.31 -26.80 -34.15
N VAL F 423 28.47 -26.33 -35.08
CA VAL F 423 28.07 -27.20 -36.19
C VAL F 423 29.27 -27.62 -37.02
N GLU F 424 30.26 -26.73 -37.18
CA GLU F 424 31.46 -27.09 -37.92
C GLU F 424 32.23 -28.19 -37.19
N ALA F 425 32.26 -28.15 -35.86
CA ALA F 425 32.97 -29.12 -35.04
C ALA F 425 32.18 -30.42 -34.86
N GLY F 426 31.07 -30.59 -35.56
CA GLY F 426 30.27 -31.79 -35.46
C GLY F 426 29.19 -31.77 -34.39
N TRP F 427 28.91 -30.61 -33.80
CA TRP F 427 27.94 -30.51 -32.72
C TRP F 427 26.59 -30.06 -33.25
N VAL F 428 25.56 -30.31 -32.45
CA VAL F 428 24.20 -29.86 -32.72
C VAL F 428 23.79 -28.93 -31.58
N VAL F 429 23.45 -27.69 -31.91
CA VAL F 429 23.00 -26.70 -30.94
C VAL F 429 21.56 -26.34 -31.25
N GLU F 430 20.66 -26.66 -30.33
CA GLU F 430 19.27 -26.24 -30.43
C GLU F 430 19.15 -24.76 -30.07
N GLU F 431 17.99 -24.19 -30.39
CA GLU F 431 17.76 -22.78 -30.04
C GLU F 431 17.73 -22.60 -28.52
N ASP F 432 17.38 -23.64 -27.77
CA ASP F 432 17.43 -23.54 -26.32
C ASP F 432 18.86 -23.35 -25.82
N GLY F 433 19.83 -23.88 -26.55
CA GLY F 433 21.22 -23.91 -26.14
C GLY F 433 21.78 -25.29 -25.92
N THR F 434 20.90 -26.30 -25.74
CA THR F 434 21.37 -27.66 -25.46
C THR F 434 22.21 -28.18 -26.60
N THR F 435 23.38 -28.72 -26.26
CA THR F 435 24.40 -29.08 -27.25
C THR F 435 24.85 -30.53 -27.03
N TYR F 436 24.85 -31.30 -28.11
CA TYR F 436 25.31 -32.69 -28.10
C TYR F 436 25.81 -33.03 -29.50
N ARG F 437 26.31 -34.24 -29.66
CA ARG F 437 26.76 -34.70 -30.98
C ARG F 437 25.76 -35.68 -31.59
C1 GLC I . 13.26 23.65 -2.27
C2 GLC I . 12.31 24.10 -3.39
C3 GLC I . 12.19 23.02 -4.45
C4 GLC I . 13.57 22.64 -4.94
C5 GLC I . 14.44 22.18 -3.78
C6 GLC I . 15.86 21.91 -4.28
O1 GLC I . 12.65 22.63 -1.52
O2 GLC I . 11.04 24.38 -2.85
O3 GLC I . 11.41 23.48 -5.53
O4 GLC I . 13.48 21.62 -5.91
O5 GLC I . 14.50 23.18 -2.78
O6 GLC I . 16.56 21.17 -3.29
C1 GLC I . 13.61 22.01 -7.26
C2 GLC I . 12.52 21.33 -8.08
C3 GLC I . 12.72 19.82 -7.96
C4 GLC I . 14.12 19.48 -8.46
C5 GLC I . 15.15 20.26 -7.67
C6 GLC I . 16.55 19.97 -8.23
O2 GLC I . 11.24 21.68 -7.60
O3 GLC I . 11.76 19.14 -8.73
O4 GLC I . 14.36 18.10 -8.34
O5 GLC I . 14.87 21.64 -7.74
O6 GLC I . 17.53 20.75 -7.57
C1 GLC J . 30.70 12.52 17.91
C2 GLC J . 31.83 11.65 18.50
C3 GLC J . 32.36 10.60 17.54
C4 GLC J . 31.22 9.86 16.86
C5 GLC J . 30.27 10.86 16.20
C6 GLC J . 29.11 10.10 15.58
O1 GLC J . 31.22 13.56 17.12
O2 GLC J . 32.91 12.48 18.93
O3 GLC J . 33.11 9.65 18.28
O4 GLC J . 31.69 8.93 15.90
O5 GLC J . 29.77 11.77 17.16
O6 GLC J . 28.39 10.94 14.69
C1 GLC J . 31.73 7.58 16.33
C2 GLC J . 33.08 6.96 16.01
C3 GLC J . 33.29 7.01 14.51
C4 GLC J . 32.17 6.21 13.85
C5 GLC J . 30.83 6.79 14.28
C6 GLC J . 29.65 6.02 13.73
O2 GLC J . 34.07 7.68 16.71
O3 GLC J . 34.55 6.49 14.14
O4 GLC J . 32.26 6.32 12.43
O5 GLC J . 30.74 6.82 15.68
O6 GLC J . 28.46 6.67 14.13
C1 GLC K . -15.83 -25.85 1.30
C2 GLC K . -15.97 -26.61 2.62
C3 GLC K . -16.41 -25.74 3.78
C4 GLC K . -15.54 -24.50 3.84
C5 GLC K . -15.60 -23.78 2.50
C6 GLC K . -14.74 -22.53 2.55
O1 GLC K . -17.09 -25.61 0.72
O2 GLC K . -16.90 -27.67 2.49
O3 GLC K . -16.29 -26.48 4.98
O4 GLC K . -15.98 -23.63 4.87
O5 GLC K . -15.13 -24.62 1.46
O6 GLC K . -15.07 -21.68 1.47
C1 GLC K . -15.30 -23.68 6.12
C2 GLC K . -16.34 -23.76 7.23
C3 GLC K . -17.23 -22.53 7.13
C4 GLC K . -16.34 -21.31 7.27
C5 GLC K . -15.25 -21.32 6.20
C6 GLC K . -14.34 -20.10 6.36
O2 GLC K . -17.10 -24.94 7.13
O3 GLC K . -18.21 -22.51 8.15
O4 GLC K . -17.11 -20.12 7.22
O5 GLC K . -14.51 -22.53 6.31
O6 GLC K . -13.62 -19.89 5.17
C1 GLC L . -28.18 -10.27 -17.75
C2 GLC L . -28.32 -8.99 -18.59
C3 GLC L . -28.54 -7.76 -17.71
C4 GLC L . -29.67 -8.03 -16.73
C5 GLC L . -29.47 -9.34 -15.99
C6 GLC L . -30.69 -9.64 -15.12
O1 GLC L . -27.00 -10.23 -16.97
O2 GLC L . -27.18 -8.79 -19.41
O3 GLC L . -28.89 -6.66 -18.52
O4 GLC L . -29.77 -6.96 -15.82
O5 GLC L . -29.30 -10.40 -16.91
O6 GLC L . -30.37 -10.63 -14.18
C1 GLC L . -30.73 -5.97 -16.12
C2 GLC L . -30.10 -4.60 -16.14
C3 GLC L . -29.57 -4.26 -14.75
C4 GLC L . -30.75 -4.36 -13.78
C5 GLC L . -31.39 -5.74 -13.85
C6 GLC L . -32.60 -5.80 -12.94
O2 GLC L . -29.07 -4.58 -17.11
O3 GLC L . -29.04 -2.95 -14.68
O4 GLC L . -30.31 -4.09 -12.46
O5 GLC L . -31.78 -6.01 -15.17
O6 GLC L . -33.06 -7.14 -12.85
C1 EDO M . -17.40 -30.61 18.78
O1 EDO M . -16.94 -29.27 19.02
C2 EDO M . -16.97 -31.05 17.38
O2 EDO M . -15.54 -31.12 17.31
H11 EDO M . -16.98 -31.29 19.53
H12 EDO M . -18.48 -30.65 18.87
HO1 EDO M . -17.27 -28.97 19.88
H21 EDO M . -17.41 -32.03 17.15
H22 EDO M . -17.34 -30.34 16.64
HO2 EDO M . -15.26 -31.03 16.40
C1 EDO N . 4.90 24.79 -17.93
O1 EDO N . 3.58 24.35 -17.62
C2 EDO N . 5.11 26.18 -17.32
O2 EDO N . 4.47 26.24 -16.04
H11 EDO N . 5.64 24.09 -17.52
H12 EDO N . 5.05 24.83 -19.02
HO1 EDO N . 3.28 23.76 -18.33
H21 EDO N . 6.18 26.38 -17.22
H22 EDO N . 4.69 26.95 -17.99
HO2 EDO N . 4.28 27.16 -15.82
C1 EDO O . 43.68 30.70 26.62
O1 EDO O . 43.20 30.63 25.27
C2 EDO O . 44.84 29.72 26.72
O2 EDO O . 44.93 29.10 25.43
H11 EDO O . 44.02 31.72 26.86
H12 EDO O . 42.88 30.45 27.33
HO1 EDO O . 42.28 30.33 25.27
H21 EDO O . 45.76 30.23 26.98
H22 EDO O . 44.64 28.98 27.51
HO2 EDO O . 45.80 29.28 25.06
C1 EDO P . 42.60 -0.62 21.97
O1 EDO P . 41.73 -1.47 21.19
C2 EDO P . 41.83 0.61 22.43
O2 EDO P . 40.63 0.22 23.10
H11 EDO P . 42.98 -1.17 22.84
H12 EDO P . 43.46 -0.32 21.37
HO1 EDO P . 41.33 -0.94 20.49
H21 EDO P . 42.45 1.21 23.10
H22 EDO P . 41.59 1.24 21.57
HO2 EDO P . 40.19 1.00 23.48
C1 EDO Q . 30.64 26.87 16.46
O1 EDO Q . 29.99 25.59 16.35
C2 EDO Q . 31.29 26.96 17.84
O2 EDO Q . 32.24 25.90 17.96
H11 EDO Q . 31.39 26.97 15.68
H12 EDO Q . 29.91 27.67 16.34
HO1 EDO Q . 30.18 25.22 15.48
H21 EDO Q . 31.79 27.93 17.95
H22 EDO Q . 30.54 26.88 18.62
HO2 EDO Q . 32.18 25.31 17.20
#